data_5CXJ
# 
_entry.id   5CXJ 
# 
_audit_conform.dict_name       mmcif_pdbx.dic 
_audit_conform.dict_version    5.380 
_audit_conform.dict_location   http://mmcif.pdb.org/dictionaries/ascii/mmcif_pdbx.dic 
# 
loop_
_database_2.database_id 
_database_2.database_code 
_database_2.pdbx_database_accession 
_database_2.pdbx_DOI 
PDB   5CXJ         pdb_00005cxj 10.2210/pdb5cxj/pdb 
WWPDB D_1000212324 ?            ?                   
# 
loop_
_pdbx_database_related.db_name 
_pdbx_database_related.details 
_pdbx_database_related.db_id 
_pdbx_database_related.content_type 
PDB . 5CP0 unspecified 
PDB . 5CPD unspecified 
PDB . 5CVK unspecified 
PDB . 5CVP unspecified 
PDB . 5CVQ unspecified 
PDB . 5CWX unspecified 
PDB . 5CWY unspecified 
PDB . 5CX0 unspecified 
PDB . 5CY7 unspecified 
PDB . 5CY8 unspecified 
# 
_pdbx_database_status.status_code                     REL 
_pdbx_database_status.status_code_sf                  REL 
_pdbx_database_status.status_code_mr                  ? 
_pdbx_database_status.entry_id                        5CXJ 
_pdbx_database_status.recvd_initial_deposition_date   2015-07-29 
_pdbx_database_status.SG_entry                        N 
_pdbx_database_status.deposit_site                    RCSB 
_pdbx_database_status.process_site                    PDBJ 
_pdbx_database_status.status_code_cs                  ? 
_pdbx_database_status.methods_development_category    ? 
_pdbx_database_status.pdb_format_compatible           Y 
_pdbx_database_status.status_code_nmr_data            ? 
# 
loop_
_audit_author.name 
_audit_author.pdbx_ordinal 
'Ngo, H.P.T.' 1 
'Kang, L.W.'  2 
# 
_citation.abstract                  ? 
_citation.abstract_id_CAS           ? 
_citation.book_id_ISBN              ? 
_citation.book_publisher            ? 
_citation.book_publisher_city       ? 
_citation.book_title                ? 
_citation.coordinate_linkage        ? 
_citation.country                   ? 
_citation.database_id_Medline       ? 
_citation.details                   ? 
_citation.id                        primary 
_citation.journal_abbrev            'To Be Published' 
_citation.journal_id_ASTM           ? 
_citation.journal_id_CSD            0353 
_citation.journal_id_ISSN           ? 
_citation.journal_full              ? 
_citation.journal_issue             ? 
_citation.journal_volume            ? 
_citation.language                  ? 
_citation.page_first                ? 
_citation.page_last                 ? 
_citation.title                     
'Structure of Xoo1075, a peptide deformylase from Xanthomonas oryzae pv oryzae, in complex with fragment 124' 
_citation.year                      ? 
_citation.database_id_CSD           ? 
_citation.pdbx_database_id_DOI      ? 
_citation.pdbx_database_id_PubMed   ? 
_citation.unpublished_flag          ? 
# 
loop_
_citation_author.citation_id 
_citation_author.name 
_citation_author.ordinal 
_citation_author.identifier_ORCID 
primary 'Ngo, H.P.T.' 1 ? 
primary 'Kang, L.W.'  2 ? 
# 
_cell.angle_alpha                  90.00 
_cell.angle_alpha_esd              ? 
_cell.angle_beta                   90.00 
_cell.angle_beta_esd               ? 
_cell.angle_gamma                  120.00 
_cell.angle_gamma_esd              ? 
_cell.entry_id                     5CXJ 
_cell.details                      ? 
_cell.formula_units_Z              ? 
_cell.length_a                     58.702 
_cell.length_a_esd                 ? 
_cell.length_b                     58.702 
_cell.length_b_esd                 ? 
_cell.length_c                     265.366 
_cell.length_c_esd                 ? 
_cell.volume                       ? 
_cell.volume_esd                   ? 
_cell.Z_PDB                        12 
_cell.reciprocal_angle_alpha       ? 
_cell.reciprocal_angle_beta        ? 
_cell.reciprocal_angle_gamma       ? 
_cell.reciprocal_angle_alpha_esd   ? 
_cell.reciprocal_angle_beta_esd    ? 
_cell.reciprocal_angle_gamma_esd   ? 
_cell.reciprocal_length_a          ? 
_cell.reciprocal_length_b          ? 
_cell.reciprocal_length_c          ? 
_cell.reciprocal_length_a_esd      ? 
_cell.reciprocal_length_b_esd      ? 
_cell.reciprocal_length_c_esd      ? 
_cell.pdbx_unique_axis             ? 
# 
_symmetry.entry_id                         5CXJ 
_symmetry.cell_setting                     ? 
_symmetry.Int_Tables_number                178 
_symmetry.space_group_name_Hall            ? 
_symmetry.space_group_name_H-M             'P 61 2 2' 
_symmetry.pdbx_full_space_group_name_H-M   ? 
# 
loop_
_entity.id 
_entity.type 
_entity.src_method 
_entity.pdbx_description 
_entity.formula_weight 
_entity.pdbx_number_of_molecules 
_entity.pdbx_ec 
_entity.pdbx_mutation 
_entity.pdbx_fragment 
_entity.details 
1 polymer     man 'Peptide deformylase'      19097.656 1   3.5.1.88 ? 'UNP residues 42-212' ? 
2 non-polymer syn 'ACETATE ION'              59.044    1   ?        ? ?                     ? 
3 non-polymer syn 'CADMIUM ION'              112.411   4   ?        ? ?                     ? 
4 non-polymer syn '2-(furan-2-yl)ethanamine' 111.142   1   ?        ? ?                     ? 
5 non-polymer syn 'SODIUM ION'               22.990    1   ?        ? ?                     ? 
6 water       nat water                      18.015    104 ?        ? ?                     ? 
# 
_entity_name_com.entity_id   1 
_entity_name_com.name        'PDF,Polypeptide deformylase' 
# 
_entity_poly.entity_id                      1 
_entity_poly.type                           'polypeptide(L)' 
_entity_poly.nstd_linkage                   no 
_entity_poly.nstd_monomer                   no 
_entity_poly.pdbx_seq_one_letter_code       
;MIRDIIRMGDKRLLRVAPQVTNLGSAELHALVSDMFETMGAAHGVGLAAPQIAVDLQLMVFGFEASERYPEAPAVPLTAL
ANAQIEPLSDEMENGWEGCLSIPGLRAVIPRYRYIRYRGFAPDGSPIEREAEGFHARVVQHEYDHLVGRLYPSRIENFDT
FGFDDVLSYDL
;
_entity_poly.pdbx_seq_one_letter_code_can   
;MIRDIIRMGDKRLLRVAPQVTNLGSAELHALVSDMFETMGAAHGVGLAAPQIAVDLQLMVFGFEASERYPEAPAVPLTAL
ANAQIEPLSDEMENGWEGCLSIPGLRAVIPRYRYIRYRGFAPDGSPIEREAEGFHARVVQHEYDHLVGRLYPSRIENFDT
FGFDDVLSYDL
;
_entity_poly.pdbx_strand_id                 A 
_entity_poly.pdbx_target_identifier         ? 
# 
loop_
_entity_poly_seq.entity_id 
_entity_poly_seq.num 
_entity_poly_seq.mon_id 
_entity_poly_seq.hetero 
1 1   MET n 
1 2   ILE n 
1 3   ARG n 
1 4   ASP n 
1 5   ILE n 
1 6   ILE n 
1 7   ARG n 
1 8   MET n 
1 9   GLY n 
1 10  ASP n 
1 11  LYS n 
1 12  ARG n 
1 13  LEU n 
1 14  LEU n 
1 15  ARG n 
1 16  VAL n 
1 17  ALA n 
1 18  PRO n 
1 19  GLN n 
1 20  VAL n 
1 21  THR n 
1 22  ASN n 
1 23  LEU n 
1 24  GLY n 
1 25  SER n 
1 26  ALA n 
1 27  GLU n 
1 28  LEU n 
1 29  HIS n 
1 30  ALA n 
1 31  LEU n 
1 32  VAL n 
1 33  SER n 
1 34  ASP n 
1 35  MET n 
1 36  PHE n 
1 37  GLU n 
1 38  THR n 
1 39  MET n 
1 40  GLY n 
1 41  ALA n 
1 42  ALA n 
1 43  HIS n 
1 44  GLY n 
1 45  VAL n 
1 46  GLY n 
1 47  LEU n 
1 48  ALA n 
1 49  ALA n 
1 50  PRO n 
1 51  GLN n 
1 52  ILE n 
1 53  ALA n 
1 54  VAL n 
1 55  ASP n 
1 56  LEU n 
1 57  GLN n 
1 58  LEU n 
1 59  MET n 
1 60  VAL n 
1 61  PHE n 
1 62  GLY n 
1 63  PHE n 
1 64  GLU n 
1 65  ALA n 
1 66  SER n 
1 67  GLU n 
1 68  ARG n 
1 69  TYR n 
1 70  PRO n 
1 71  GLU n 
1 72  ALA n 
1 73  PRO n 
1 74  ALA n 
1 75  VAL n 
1 76  PRO n 
1 77  LEU n 
1 78  THR n 
1 79  ALA n 
1 80  LEU n 
1 81  ALA n 
1 82  ASN n 
1 83  ALA n 
1 84  GLN n 
1 85  ILE n 
1 86  GLU n 
1 87  PRO n 
1 88  LEU n 
1 89  SER n 
1 90  ASP n 
1 91  GLU n 
1 92  MET n 
1 93  GLU n 
1 94  ASN n 
1 95  GLY n 
1 96  TRP n 
1 97  GLU n 
1 98  GLY n 
1 99  CYS n 
1 100 LEU n 
1 101 SER n 
1 102 ILE n 
1 103 PRO n 
1 104 GLY n 
1 105 LEU n 
1 106 ARG n 
1 107 ALA n 
1 108 VAL n 
1 109 ILE n 
1 110 PRO n 
1 111 ARG n 
1 112 TYR n 
1 113 ARG n 
1 114 TYR n 
1 115 ILE n 
1 116 ARG n 
1 117 TYR n 
1 118 ARG n 
1 119 GLY n 
1 120 PHE n 
1 121 ALA n 
1 122 PRO n 
1 123 ASP n 
1 124 GLY n 
1 125 SER n 
1 126 PRO n 
1 127 ILE n 
1 128 GLU n 
1 129 ARG n 
1 130 GLU n 
1 131 ALA n 
1 132 GLU n 
1 133 GLY n 
1 134 PHE n 
1 135 HIS n 
1 136 ALA n 
1 137 ARG n 
1 138 VAL n 
1 139 VAL n 
1 140 GLN n 
1 141 HIS n 
1 142 GLU n 
1 143 TYR n 
1 144 ASP n 
1 145 HIS n 
1 146 LEU n 
1 147 VAL n 
1 148 GLY n 
1 149 ARG n 
1 150 LEU n 
1 151 TYR n 
1 152 PRO n 
1 153 SER n 
1 154 ARG n 
1 155 ILE n 
1 156 GLU n 
1 157 ASN n 
1 158 PHE n 
1 159 ASP n 
1 160 THR n 
1 161 PHE n 
1 162 GLY n 
1 163 PHE n 
1 164 ASP n 
1 165 ASP n 
1 166 VAL n 
1 167 LEU n 
1 168 SER n 
1 169 TYR n 
1 170 ASP n 
1 171 LEU n 
# 
_entity_src_gen.entity_id                          1 
_entity_src_gen.pdbx_src_id                        1 
_entity_src_gen.pdbx_alt_source_flag               sample 
_entity_src_gen.pdbx_seq_type                      'Biological sequence' 
_entity_src_gen.pdbx_beg_seq_num                   1 
_entity_src_gen.pdbx_end_seq_num                   171 
_entity_src_gen.gene_src_common_name               ? 
_entity_src_gen.gene_src_genus                     ? 
_entity_src_gen.pdbx_gene_src_gene                 'def, XOO1075' 
_entity_src_gen.gene_src_species                   ? 
_entity_src_gen.gene_src_strain                    KACC10331 
_entity_src_gen.gene_src_tissue                    ? 
_entity_src_gen.gene_src_tissue_fraction           ? 
_entity_src_gen.gene_src_details                   ? 
_entity_src_gen.pdbx_gene_src_fragment             ? 
_entity_src_gen.pdbx_gene_src_scientific_name      'Xanthomonas oryzae pv. oryzae KACC10331' 
_entity_src_gen.pdbx_gene_src_ncbi_taxonomy_id     291331 
_entity_src_gen.pdbx_gene_src_variant              ? 
_entity_src_gen.pdbx_gene_src_cell_line            ? 
_entity_src_gen.pdbx_gene_src_atcc                 ? 
_entity_src_gen.pdbx_gene_src_organ                ? 
_entity_src_gen.pdbx_gene_src_organelle            ? 
_entity_src_gen.pdbx_gene_src_cell                 ? 
_entity_src_gen.pdbx_gene_src_cellular_location    ? 
_entity_src_gen.host_org_common_name               ? 
_entity_src_gen.pdbx_host_org_scientific_name      'Escherichia coli' 
_entity_src_gen.pdbx_host_org_ncbi_taxonomy_id     562 
_entity_src_gen.host_org_genus                     ? 
_entity_src_gen.pdbx_host_org_gene                 ? 
_entity_src_gen.pdbx_host_org_organ                ? 
_entity_src_gen.host_org_species                   ? 
_entity_src_gen.pdbx_host_org_tissue               ? 
_entity_src_gen.pdbx_host_org_tissue_fraction      ? 
_entity_src_gen.pdbx_host_org_strain               ? 
_entity_src_gen.pdbx_host_org_variant              ? 
_entity_src_gen.pdbx_host_org_cell_line            ? 
_entity_src_gen.pdbx_host_org_atcc                 ? 
_entity_src_gen.pdbx_host_org_culture_collection   ? 
_entity_src_gen.pdbx_host_org_cell                 ? 
_entity_src_gen.pdbx_host_org_organelle            ? 
_entity_src_gen.pdbx_host_org_cellular_location    ? 
_entity_src_gen.pdbx_host_org_vector_type          plasmid 
_entity_src_gen.pdbx_host_org_vector               ? 
_entity_src_gen.host_org_details                   ? 
_entity_src_gen.expression_system_id               ? 
_entity_src_gen.plasmid_name                       ? 
_entity_src_gen.plasmid_details                    ? 
_entity_src_gen.pdbx_description                   ? 
# 
_struct_ref.id                         1 
_struct_ref.db_name                    UNP 
_struct_ref.db_code                    Q5H3Z2_XANOR 
_struct_ref.pdbx_db_accession          Q5H3Z2 
_struct_ref.pdbx_db_isoform            ? 
_struct_ref.entity_id                  1 
_struct_ref.pdbx_seq_one_letter_code   
;MIRDIIRMGDKRLLRVAPQVTNLGSAELHALVSDMFETMGAAHGVGLAAPQIAVDLQLMVFGFEASERYPEAPAVPLTAL
ANAQIEPLSDEMENGWEGCLSIPGLRAVIPRYRYIRYRGFAPDGSPIEREAEGFHARVVQHEYDHLVGRLYPSRIENFDT
FGFDDVLSYDL
;
_struct_ref.pdbx_align_begin           42 
# 
_struct_ref_seq.align_id                      1 
_struct_ref_seq.ref_id                        1 
_struct_ref_seq.pdbx_PDB_id_code              5CXJ 
_struct_ref_seq.pdbx_strand_id                A 
_struct_ref_seq.seq_align_beg                 1 
_struct_ref_seq.pdbx_seq_align_beg_ins_code   ? 
_struct_ref_seq.seq_align_end                 171 
_struct_ref_seq.pdbx_seq_align_end_ins_code   ? 
_struct_ref_seq.pdbx_db_accession             Q5H3Z2 
_struct_ref_seq.db_align_beg                  42 
_struct_ref_seq.pdbx_db_align_beg_ins_code    ? 
_struct_ref_seq.db_align_end                  212 
_struct_ref_seq.pdbx_db_align_end_ins_code    ? 
_struct_ref_seq.pdbx_auth_seq_align_beg       1 
_struct_ref_seq.pdbx_auth_seq_align_end       171 
# 
loop_
_chem_comp.id 
_chem_comp.type 
_chem_comp.mon_nstd_flag 
_chem_comp.name 
_chem_comp.pdbx_synonyms 
_chem_comp.formula 
_chem_comp.formula_weight 
56T non-polymer         . '2-(furan-2-yl)ethanamine' ? 'C6 H9 N O'      111.142 
ACT non-polymer         . 'ACETATE ION'              ? 'C2 H3 O2 -1'    59.044  
ALA 'L-peptide linking' y ALANINE                    ? 'C3 H7 N O2'     89.093  
ARG 'L-peptide linking' y ARGININE                   ? 'C6 H15 N4 O2 1' 175.209 
ASN 'L-peptide linking' y ASPARAGINE                 ? 'C4 H8 N2 O3'    132.118 
ASP 'L-peptide linking' y 'ASPARTIC ACID'            ? 'C4 H7 N O4'     133.103 
CD  non-polymer         . 'CADMIUM ION'              ? 'Cd 2'           112.411 
CYS 'L-peptide linking' y CYSTEINE                   ? 'C3 H7 N O2 S'   121.158 
GLN 'L-peptide linking' y GLUTAMINE                  ? 'C5 H10 N2 O3'   146.144 
GLU 'L-peptide linking' y 'GLUTAMIC ACID'            ? 'C5 H9 N O4'     147.129 
GLY 'peptide linking'   y GLYCINE                    ? 'C2 H5 N O2'     75.067  
HIS 'L-peptide linking' y HISTIDINE                  ? 'C6 H10 N3 O2 1' 156.162 
HOH non-polymer         . WATER                      ? 'H2 O'           18.015  
ILE 'L-peptide linking' y ISOLEUCINE                 ? 'C6 H13 N O2'    131.173 
LEU 'L-peptide linking' y LEUCINE                    ? 'C6 H13 N O2'    131.173 
LYS 'L-peptide linking' y LYSINE                     ? 'C6 H15 N2 O2 1' 147.195 
MET 'L-peptide linking' y METHIONINE                 ? 'C5 H11 N O2 S'  149.211 
NA  non-polymer         . 'SODIUM ION'               ? 'Na 1'           22.990  
PHE 'L-peptide linking' y PHENYLALANINE              ? 'C9 H11 N O2'    165.189 
PRO 'L-peptide linking' y PROLINE                    ? 'C5 H9 N O2'     115.130 
SER 'L-peptide linking' y SERINE                     ? 'C3 H7 N O3'     105.093 
THR 'L-peptide linking' y THREONINE                  ? 'C4 H9 N O3'     119.119 
TRP 'L-peptide linking' y TRYPTOPHAN                 ? 'C11 H12 N2 O2'  204.225 
TYR 'L-peptide linking' y TYROSINE                   ? 'C9 H11 N O3'    181.189 
VAL 'L-peptide linking' y VALINE                     ? 'C5 H11 N O2'    117.146 
# 
_exptl.absorpt_coefficient_mu     ? 
_exptl.absorpt_correction_T_max   ? 
_exptl.absorpt_correction_T_min   ? 
_exptl.absorpt_correction_type    ? 
_exptl.absorpt_process_details    ? 
_exptl.entry_id                   5CXJ 
_exptl.crystals_number            1 
_exptl.details                    ? 
_exptl.method                     'X-RAY DIFFRACTION' 
_exptl.method_details             ? 
# 
_exptl_crystal.colour                      ? 
_exptl_crystal.density_diffrn              ? 
_exptl_crystal.density_Matthews            3.46 
_exptl_crystal.density_method              ? 
_exptl_crystal.density_percent_sol         64.41 
_exptl_crystal.description                 ? 
_exptl_crystal.F_000                       ? 
_exptl_crystal.id                          1 
_exptl_crystal.preparation                 ? 
_exptl_crystal.size_max                    ? 
_exptl_crystal.size_mid                    ? 
_exptl_crystal.size_min                    ? 
_exptl_crystal.size_rad                    ? 
_exptl_crystal.colour_lustre               ? 
_exptl_crystal.colour_modifier             ? 
_exptl_crystal.colour_primary              ? 
_exptl_crystal.density_meas                ? 
_exptl_crystal.density_meas_esd            ? 
_exptl_crystal.density_meas_gt             ? 
_exptl_crystal.density_meas_lt             ? 
_exptl_crystal.density_meas_temp           ? 
_exptl_crystal.density_meas_temp_esd       ? 
_exptl_crystal.density_meas_temp_gt        ? 
_exptl_crystal.density_meas_temp_lt        ? 
_exptl_crystal.pdbx_crystal_image_url      ? 
_exptl_crystal.pdbx_crystal_image_format   ? 
_exptl_crystal.pdbx_mosaicity              ? 
_exptl_crystal.pdbx_mosaicity_esd          ? 
# 
_exptl_crystal_grow.apparatus       ? 
_exptl_crystal_grow.atmosphere      ? 
_exptl_crystal_grow.crystal_id      1 
_exptl_crystal_grow.details         ? 
_exptl_crystal_grow.method          'VAPOR DIFFUSION, HANGING DROP' 
_exptl_crystal_grow.method_ref      ? 
_exptl_crystal_grow.pH              7.5 
_exptl_crystal_grow.pressure        ? 
_exptl_crystal_grow.pressure_esd    ? 
_exptl_crystal_grow.seeding         ? 
_exptl_crystal_grow.seeding_ref     ? 
_exptl_crystal_grow.temp            287 
_exptl_crystal_grow.temp_details    ? 
_exptl_crystal_grow.temp_esd        ? 
_exptl_crystal_grow.time            ? 
_exptl_crystal_grow.pdbx_details    '0.05M Cadmium sulfate, 0.1M HEPES, 2.0M Sodium acetate trihydrate, pH 7.5' 
_exptl_crystal_grow.pdbx_pH_range   ? 
# 
_diffrn.ambient_environment    ? 
_diffrn.ambient_temp           100 
_diffrn.ambient_temp_details   ? 
_diffrn.ambient_temp_esd       ? 
_diffrn.crystal_id             1 
_diffrn.crystal_support        ? 
_diffrn.crystal_treatment      ? 
_diffrn.details                ? 
_diffrn.id                     1 
_diffrn.ambient_pressure       ? 
_diffrn.ambient_pressure_esd   ? 
_diffrn.ambient_pressure_gt    ? 
_diffrn.ambient_pressure_lt    ? 
_diffrn.ambient_temp_gt        ? 
_diffrn.ambient_temp_lt        ? 
# 
_diffrn_detector.details                      ? 
_diffrn_detector.detector                     CCD 
_diffrn_detector.diffrn_id                    1 
_diffrn_detector.type                         'ADSC QUANTUM 210' 
_diffrn_detector.area_resol_mean              ? 
_diffrn_detector.dtime                        ? 
_diffrn_detector.pdbx_frames_total            ? 
_diffrn_detector.pdbx_collection_time_total   ? 
_diffrn_detector.pdbx_collection_date         2009-12-03 
# 
_diffrn_radiation.collimation                      ? 
_diffrn_radiation.diffrn_id                        1 
_diffrn_radiation.filter_edge                      ? 
_diffrn_radiation.inhomogeneity                    ? 
_diffrn_radiation.monochromator                    ? 
_diffrn_radiation.polarisn_norm                    ? 
_diffrn_radiation.polarisn_ratio                   ? 
_diffrn_radiation.probe                            ? 
_diffrn_radiation.type                             ? 
_diffrn_radiation.xray_symbol                      ? 
_diffrn_radiation.wavelength_id                    1 
_diffrn_radiation.pdbx_monochromatic_or_laue_m_l   M 
_diffrn_radiation.pdbx_wavelength_list             ? 
_diffrn_radiation.pdbx_wavelength                  ? 
_diffrn_radiation.pdbx_diffrn_protocol             'SINGLE WAVELENGTH' 
_diffrn_radiation.pdbx_analyzer                    ? 
_diffrn_radiation.pdbx_scattering_type             x-ray 
# 
_diffrn_radiation_wavelength.id           1 
_diffrn_radiation_wavelength.wavelength   0.99 
_diffrn_radiation_wavelength.wt           1.0 
# 
_diffrn_source.current                     ? 
_diffrn_source.details                     ? 
_diffrn_source.diffrn_id                   1 
_diffrn_source.power                       ? 
_diffrn_source.size                        ? 
_diffrn_source.source                      SYNCHROTRON 
_diffrn_source.target                      ? 
_diffrn_source.type                        'PAL/PLS BEAMLINE 4A' 
_diffrn_source.voltage                     ? 
_diffrn_source.take-off_angle              ? 
_diffrn_source.pdbx_wavelength_list        0.99 
_diffrn_source.pdbx_wavelength             ? 
_diffrn_source.pdbx_synchrotron_beamline   4A 
_diffrn_source.pdbx_synchrotron_site       PAL/PLS 
# 
_reflns.B_iso_Wilson_estimate            ? 
_reflns.entry_id                         5CXJ 
_reflns.data_reduction_details           ? 
_reflns.data_reduction_method            ? 
_reflns.d_resolution_high                2.38 
_reflns.d_resolution_low                 50.0 
_reflns.details                          ? 
_reflns.limit_h_max                      ? 
_reflns.limit_h_min                      ? 
_reflns.limit_k_max                      ? 
_reflns.limit_k_min                      ? 
_reflns.limit_l_max                      ? 
_reflns.limit_l_min                      ? 
_reflns.number_all                       ? 
_reflns.number_obs                       11794 
_reflns.observed_criterion               ? 
_reflns.observed_criterion_F_max         ? 
_reflns.observed_criterion_F_min         ? 
_reflns.observed_criterion_I_max         ? 
_reflns.observed_criterion_I_min         ? 
_reflns.observed_criterion_sigma_F       ? 
_reflns.observed_criterion_sigma_I       ? 
_reflns.percent_possible_obs             99.5 
_reflns.R_free_details                   ? 
_reflns.Rmerge_F_all                     ? 
_reflns.Rmerge_F_obs                     ? 
_reflns.Friedel_coverage                 ? 
_reflns.number_gt                        ? 
_reflns.threshold_expression             ? 
_reflns.pdbx_redundancy                  5.3 
_reflns.pdbx_Rmerge_I_obs                ? 
_reflns.pdbx_Rmerge_I_all                ? 
_reflns.pdbx_Rsym_value                  ? 
_reflns.pdbx_netI_over_av_sigmaI         ? 
_reflns.pdbx_netI_over_sigmaI            14.6 
_reflns.pdbx_res_netI_over_av_sigmaI_2   ? 
_reflns.pdbx_res_netI_over_sigmaI_2      ? 
_reflns.pdbx_chi_squared                 ? 
_reflns.pdbx_scaling_rejects             ? 
_reflns.pdbx_d_res_high_opt              ? 
_reflns.pdbx_d_res_low_opt               ? 
_reflns.pdbx_d_res_opt_method            ? 
_reflns.phase_calculation_details        ? 
_reflns.pdbx_Rrim_I_all                  ? 
_reflns.pdbx_Rpim_I_all                  ? 
_reflns.pdbx_d_opt                       ? 
_reflns.pdbx_number_measured_all         ? 
_reflns.pdbx_diffrn_id                   1 
_reflns.pdbx_ordinal                     1 
_reflns.pdbx_CC_half                     ? 
_reflns.pdbx_R_split                     ? 
# 
_refine.aniso_B[1][1]                            -0.01 
_refine.aniso_B[1][2]                            -0.01 
_refine.aniso_B[1][3]                            -0.00 
_refine.aniso_B[2][2]                            -0.01 
_refine.aniso_B[2][3]                            -0.00 
_refine.aniso_B[3][3]                            0.04 
_refine.B_iso_max                                ? 
_refine.B_iso_mean                               27.925 
_refine.B_iso_min                                ? 
_refine.correlation_coeff_Fo_to_Fc               0.949 
_refine.correlation_coeff_Fo_to_Fc_free          0.916 
_refine.details                                  'HYDROGENS HAVE BEEN USED IF PRESENT IN THE INPUT' 
_refine.diff_density_max                         ? 
_refine.diff_density_max_esd                     ? 
_refine.diff_density_min                         ? 
_refine.diff_density_min_esd                     ? 
_refine.diff_density_rms                         ? 
_refine.diff_density_rms_esd                     ? 
_refine.entry_id                                 5CXJ 
_refine.pdbx_refine_id                           'X-RAY DIFFRACTION' 
_refine.ls_abs_structure_details                 ? 
_refine.ls_abs_structure_Flack                   ? 
_refine.ls_abs_structure_Flack_esd               ? 
_refine.ls_abs_structure_Rogers                  ? 
_refine.ls_abs_structure_Rogers_esd              ? 
_refine.ls_d_res_high                            2.38 
_refine.ls_d_res_low                             30.40 
_refine.ls_extinction_coef                       ? 
_refine.ls_extinction_coef_esd                   ? 
_refine.ls_extinction_expression                 ? 
_refine.ls_extinction_method                     ? 
_refine.ls_goodness_of_fit_all                   ? 
_refine.ls_goodness_of_fit_all_esd               ? 
_refine.ls_goodness_of_fit_obs                   ? 
_refine.ls_goodness_of_fit_obs_esd               ? 
_refine.ls_hydrogen_treatment                    ? 
_refine.ls_matrix_type                           ? 
_refine.ls_number_constraints                    ? 
_refine.ls_number_parameters                     ? 
_refine.ls_number_reflns_all                     ? 
_refine.ls_number_reflns_obs                     11142 
_refine.ls_number_reflns_R_free                  554 
_refine.ls_number_reflns_R_work                  ? 
_refine.ls_number_restraints                     ? 
_refine.ls_percent_reflns_obs                    99.44 
_refine.ls_percent_reflns_R_free                 4.7 
_refine.ls_R_factor_all                          ? 
_refine.ls_R_factor_obs                          0.18323 
_refine.ls_R_factor_R_free                       0.22571 
_refine.ls_R_factor_R_free_error                 ? 
_refine.ls_R_factor_R_free_error_details         ? 
_refine.ls_R_factor_R_work                       0.18117 
_refine.ls_R_Fsqd_factor_obs                     ? 
_refine.ls_R_I_factor_obs                        ? 
_refine.ls_redundancy_reflns_all                 ? 
_refine.ls_redundancy_reflns_obs                 ? 
_refine.ls_restrained_S_all                      ? 
_refine.ls_restrained_S_obs                      ? 
_refine.ls_shift_over_esd_max                    ? 
_refine.ls_shift_over_esd_mean                   ? 
_refine.ls_structure_factor_coef                 ? 
_refine.ls_weighting_details                     ? 
_refine.ls_weighting_scheme                      ? 
_refine.ls_wR_factor_all                         ? 
_refine.ls_wR_factor_obs                         ? 
_refine.ls_wR_factor_R_free                      ? 
_refine.ls_wR_factor_R_work                      ? 
_refine.occupancy_max                            ? 
_refine.occupancy_min                            ? 
_refine.solvent_model_details                    MASK 
_refine.solvent_model_param_bsol                 ? 
_refine.solvent_model_param_ksol                 ? 
_refine.ls_R_factor_gt                           ? 
_refine.ls_goodness_of_fit_gt                    ? 
_refine.ls_goodness_of_fit_ref                   ? 
_refine.ls_shift_over_su_max                     ? 
_refine.ls_shift_over_su_max_lt                  ? 
_refine.ls_shift_over_su_mean                    ? 
_refine.ls_shift_over_su_mean_lt                 ? 
_refine.pdbx_ls_sigma_I                          ? 
_refine.pdbx_ls_sigma_F                          ? 
_refine.pdbx_ls_sigma_Fsqd                       ? 
_refine.pdbx_data_cutoff_high_absF               ? 
_refine.pdbx_data_cutoff_high_rms_absF           ? 
_refine.pdbx_data_cutoff_low_absF                ? 
_refine.pdbx_isotropic_thermal_model             ? 
_refine.pdbx_ls_cross_valid_method               THROUGHOUT 
_refine.pdbx_method_to_determine_struct          'MOLECULAR REPLACEMENT' 
_refine.pdbx_starting_model                      5E5D 
_refine.pdbx_stereochemistry_target_values       'MAXIMUM LIKELIHOOD' 
_refine.pdbx_R_Free_selection_details            RANDOM 
_refine.pdbx_stereochem_target_val_spec_case     ? 
_refine.pdbx_overall_ESU_R                       0.220 
_refine.pdbx_overall_ESU_R_Free                  0.193 
_refine.pdbx_solvent_vdw_probe_radii             1.20 
_refine.pdbx_solvent_ion_probe_radii             0.80 
_refine.pdbx_solvent_shrinkage_radii             0.80 
_refine.pdbx_real_space_R                        ? 
_refine.pdbx_density_correlation                 ? 
_refine.pdbx_pd_number_of_powder_patterns        ? 
_refine.pdbx_pd_number_of_points                 ? 
_refine.pdbx_pd_meas_number_of_points            ? 
_refine.pdbx_pd_proc_ls_prof_R_factor            ? 
_refine.pdbx_pd_proc_ls_prof_wR_factor           ? 
_refine.pdbx_pd_Marquardt_correlation_coeff      ? 
_refine.pdbx_pd_Fsqrd_R_factor                   ? 
_refine.pdbx_pd_ls_matrix_band_width             ? 
_refine.pdbx_overall_phase_error                 ? 
_refine.pdbx_overall_SU_R_free_Cruickshank_DPI   ? 
_refine.pdbx_overall_SU_R_free_Blow_DPI          ? 
_refine.pdbx_overall_SU_R_Blow_DPI               ? 
_refine.pdbx_TLS_residual_ADP_flag               ? 
_refine.pdbx_diffrn_id                           1 
_refine.overall_SU_B                             5.332 
_refine.overall_SU_ML                            0.125 
_refine.overall_SU_R_Cruickshank_DPI             ? 
_refine.overall_SU_R_free                        ? 
_refine.overall_FOM_free_R_set                   ? 
_refine.overall_FOM_work_R_set                   ? 
_refine.pdbx_average_fsc_overall                 ? 
_refine.pdbx_average_fsc_work                    ? 
_refine.pdbx_average_fsc_free                    ? 
# 
_refine_hist.pdbx_refine_id                   'X-RAY DIFFRACTION' 
_refine_hist.cycle_id                         1 
_refine_hist.pdbx_number_atoms_protein        1262 
_refine_hist.pdbx_number_atoms_nucleic_acid   0 
_refine_hist.pdbx_number_atoms_ligand         17 
_refine_hist.number_atoms_solvent             104 
_refine_hist.number_atoms_total               1383 
_refine_hist.d_res_high                       2.38 
_refine_hist.d_res_low                        30.40 
# 
loop_
_refine_ls_restr.pdbx_refine_id 
_refine_ls_restr.criterion 
_refine_ls_restr.dev_ideal 
_refine_ls_restr.dev_ideal_target 
_refine_ls_restr.number 
_refine_ls_restr.rejects 
_refine_ls_restr.type 
_refine_ls_restr.weight 
_refine_ls_restr.pdbx_restraint_function 
'X-RAY DIFFRACTION' ? 0.019  0.019  1310 ? r_bond_refined_d             ? ? 
'X-RAY DIFFRACTION' ? ?      ?      ?    ? r_bond_other_d               ? ? 
'X-RAY DIFFRACTION' ? 1.945  1.974  1770 ? r_angle_refined_deg          ? ? 
'X-RAY DIFFRACTION' ? ?      ?      ?    ? r_angle_other_deg            ? ? 
'X-RAY DIFFRACTION' ? 6.902  5.000  159  ? r_dihedral_angle_1_deg       ? ? 
'X-RAY DIFFRACTION' ? 31.577 22.813 64   ? r_dihedral_angle_2_deg       ? ? 
'X-RAY DIFFRACTION' ? 15.315 15.000 204  ? r_dihedral_angle_3_deg       ? ? 
'X-RAY DIFFRACTION' ? 19.526 15.000 13   ? r_dihedral_angle_4_deg       ? ? 
'X-RAY DIFFRACTION' ? 0.135  0.200  189  ? r_chiral_restr               ? ? 
'X-RAY DIFFRACTION' ? 0.010  0.021  1021 ? r_gen_planes_refined         ? ? 
'X-RAY DIFFRACTION' ? ?      ?      ?    ? r_gen_planes_other           ? ? 
'X-RAY DIFFRACTION' ? ?      ?      ?    ? r_nbd_refined                ? ? 
'X-RAY DIFFRACTION' ? ?      ?      ?    ? r_nbd_other                  ? ? 
'X-RAY DIFFRACTION' ? ?      ?      ?    ? r_nbtor_refined              ? ? 
'X-RAY DIFFRACTION' ? ?      ?      ?    ? r_nbtor_other                ? ? 
'X-RAY DIFFRACTION' ? ?      ?      ?    ? r_xyhbond_nbd_refined        ? ? 
'X-RAY DIFFRACTION' ? ?      ?      ?    ? r_xyhbond_nbd_other          ? ? 
'X-RAY DIFFRACTION' ? ?      ?      ?    ? r_metal_ion_refined          ? ? 
'X-RAY DIFFRACTION' ? ?      ?      ?    ? r_metal_ion_other            ? ? 
'X-RAY DIFFRACTION' ? ?      ?      ?    ? r_symmetry_vdw_refined       ? ? 
'X-RAY DIFFRACTION' ? ?      ?      ?    ? r_symmetry_vdw_other         ? ? 
'X-RAY DIFFRACTION' ? ?      ?      ?    ? r_symmetry_hbond_refined     ? ? 
'X-RAY DIFFRACTION' ? ?      ?      ?    ? r_symmetry_hbond_other       ? ? 
'X-RAY DIFFRACTION' ? ?      ?      ?    ? r_symmetry_metal_ion_refined ? ? 
'X-RAY DIFFRACTION' ? ?      ?      ?    ? r_symmetry_metal_ion_other   ? ? 
'X-RAY DIFFRACTION' ? 2.146  2.555  642  ? r_mcbond_it                  ? ? 
'X-RAY DIFFRACTION' ? ?      ?      ?    ? r_mcbond_other               ? ? 
'X-RAY DIFFRACTION' ? 3.178  3.799  799  ? r_mcangle_it                 ? ? 
'X-RAY DIFFRACTION' ? ?      ?      ?    ? r_mcangle_other              ? ? 
'X-RAY DIFFRACTION' ? 3.769  2.887  667  ? r_scbond_it                  ? ? 
'X-RAY DIFFRACTION' ? ?      ?      ?    ? r_scbond_other               ? ? 
'X-RAY DIFFRACTION' ? ?      ?      ?    ? r_scangle_it                 ? ? 
'X-RAY DIFFRACTION' ? ?      ?      ?    ? r_scangle_other              ? ? 
'X-RAY DIFFRACTION' ? 6.794  22.354 2004 ? r_long_range_B_refined       ? ? 
'X-RAY DIFFRACTION' ? ?      ?      ?    ? r_long_range_B_other         ? ? 
'X-RAY DIFFRACTION' ? ?      ?      ?    ? r_rigid_bond_restr           ? ? 
'X-RAY DIFFRACTION' ? ?      ?      ?    ? r_sphericity_free            ? ? 
'X-RAY DIFFRACTION' ? ?      ?      ?    ? r_sphericity_bonded          ? ? 
# 
_refine_ls_shell.pdbx_refine_id                   'X-RAY DIFFRACTION' 
_refine_ls_shell.d_res_high                       2.380 
_refine_ls_shell.d_res_low                        2.442 
_refine_ls_shell.number_reflns_all                ? 
_refine_ls_shell.number_reflns_obs                ? 
_refine_ls_shell.number_reflns_R_free             34 
_refine_ls_shell.number_reflns_R_work             815 
_refine_ls_shell.percent_reflns_obs               100.00 
_refine_ls_shell.percent_reflns_R_free            ? 
_refine_ls_shell.R_factor_all                     ? 
_refine_ls_shell.R_factor_obs                     ? 
_refine_ls_shell.R_factor_R_free                  0.331 
_refine_ls_shell.R_factor_R_free_error            ? 
_refine_ls_shell.R_factor_R_work                  0.232 
_refine_ls_shell.redundancy_reflns_all            ? 
_refine_ls_shell.redundancy_reflns_obs            ? 
_refine_ls_shell.wR_factor_all                    ? 
_refine_ls_shell.wR_factor_obs                    ? 
_refine_ls_shell.wR_factor_R_free                 ? 
_refine_ls_shell.wR_factor_R_work                 ? 
_refine_ls_shell.pdbx_total_number_of_bins_used   20 
_refine_ls_shell.pdbx_phase_error                 ? 
_refine_ls_shell.pdbx_fsc_work                    ? 
_refine_ls_shell.pdbx_fsc_free                    ? 
# 
_struct.entry_id                     5CXJ 
_struct.title                        
'Structure of Xoo1075, a peptide deformylase from Xanthomonas oryzae pv oryzae, in complex with fragment 124' 
_struct.pdbx_model_details           ? 
_struct.pdbx_formula_weight          ? 
_struct.pdbx_formula_weight_method   ? 
_struct.pdbx_model_type_details      ? 
_struct.pdbx_CASP_flag               ? 
# 
_struct_keywords.entry_id        5CXJ 
_struct_keywords.text            
'peptide deformylase, Xanthomonas, fragment, metallopeptidase, HYDROLASE-HYDROLASE INHIBITOR complex' 
_struct_keywords.pdbx_keywords   'HYDROLASE/HYDROLASE INHIBITOR' 
# 
loop_
_struct_asym.id 
_struct_asym.pdbx_blank_PDB_chainid_flag 
_struct_asym.pdbx_modified 
_struct_asym.entity_id 
_struct_asym.details 
A N N 1 ? 
B N N 2 ? 
C N N 3 ? 
D N N 3 ? 
E N N 3 ? 
F N N 3 ? 
G N N 4 ? 
H N N 5 ? 
I N N 6 ? 
# 
loop_
_struct_conf.conf_type_id 
_struct_conf.id 
_struct_conf.pdbx_PDB_helix_id 
_struct_conf.beg_label_comp_id 
_struct_conf.beg_label_asym_id 
_struct_conf.beg_label_seq_id 
_struct_conf.pdbx_beg_PDB_ins_code 
_struct_conf.end_label_comp_id 
_struct_conf.end_label_asym_id 
_struct_conf.end_label_seq_id 
_struct_conf.pdbx_end_PDB_ins_code 
_struct_conf.beg_auth_comp_id 
_struct_conf.beg_auth_asym_id 
_struct_conf.beg_auth_seq_id 
_struct_conf.end_auth_comp_id 
_struct_conf.end_auth_asym_id 
_struct_conf.end_auth_seq_id 
_struct_conf.pdbx_PDB_helix_class 
_struct_conf.details 
_struct_conf.pdbx_PDB_helix_length 
HELX_P HELX_P1 AA1 ASP A 10  ? LEU A 14  ? ASP A 10  LEU A 14  5 ? 5  
HELX_P HELX_P2 AA2 SER A 25  ? ALA A 42  ? SER A 25  ALA A 42  1 ? 18 
HELX_P HELX_P3 AA3 PRO A 50  ? ALA A 53  ? PRO A 50  ALA A 53  5 ? 4  
HELX_P HELX_P4 AA4 GLY A 133 ? VAL A 147 ? GLY A 133 VAL A 147 1 ? 15 
HELX_P HELX_P5 AA5 LEU A 150 ? ILE A 155 ? LEU A 150 ILE A 155 5 ? 6  
HELX_P HELX_P6 AA6 ASN A 157 ? PHE A 161 ? ASN A 157 PHE A 161 5 ? 5  
# 
_struct_conf_type.id          HELX_P 
_struct_conf_type.criteria    ? 
_struct_conf_type.reference   ? 
# 
loop_
_struct_conn.id 
_struct_conn.conn_type_id 
_struct_conn.pdbx_leaving_atom_flag 
_struct_conn.pdbx_PDB_id 
_struct_conn.ptnr1_label_asym_id 
_struct_conn.ptnr1_label_comp_id 
_struct_conn.ptnr1_label_seq_id 
_struct_conn.ptnr1_label_atom_id 
_struct_conn.pdbx_ptnr1_label_alt_id 
_struct_conn.pdbx_ptnr1_PDB_ins_code 
_struct_conn.pdbx_ptnr1_standard_comp_id 
_struct_conn.ptnr1_symmetry 
_struct_conn.ptnr2_label_asym_id 
_struct_conn.ptnr2_label_comp_id 
_struct_conn.ptnr2_label_seq_id 
_struct_conn.ptnr2_label_atom_id 
_struct_conn.pdbx_ptnr2_label_alt_id 
_struct_conn.pdbx_ptnr2_PDB_ins_code 
_struct_conn.ptnr1_auth_asym_id 
_struct_conn.ptnr1_auth_comp_id 
_struct_conn.ptnr1_auth_seq_id 
_struct_conn.ptnr2_auth_asym_id 
_struct_conn.ptnr2_auth_comp_id 
_struct_conn.ptnr2_auth_seq_id 
_struct_conn.ptnr2_symmetry 
_struct_conn.pdbx_ptnr3_label_atom_id 
_struct_conn.pdbx_ptnr3_label_seq_id 
_struct_conn.pdbx_ptnr3_label_comp_id 
_struct_conn.pdbx_ptnr3_label_asym_id 
_struct_conn.pdbx_ptnr3_label_alt_id 
_struct_conn.pdbx_ptnr3_PDB_ins_code 
_struct_conn.details 
_struct_conn.pdbx_dist_value 
_struct_conn.pdbx_value_order 
_struct_conn.pdbx_role 
metalc1  metalc ? ? A LEU 14  O   ? ? ? 1_555 H NA  . NA ? ? A LEU 14  A NA  207 1_555 ? ? ? ? ? ? ? 2.441 ? ? 
metalc2  metalc ? ? A GLU 37  OE2 ? ? ? 1_555 E CD  . CD ? ? A GLU 37  A CD  204 8_445 ? ? ? ? ? ? ? 2.600 ? ? 
metalc3  metalc ? ? A HIS 43  NE2 ? ? ? 1_555 D CD  . CD ? ? A HIS 43  A CD  203 8_445 ? ? ? ? ? ? ? 2.308 ? ? 
metalc4  metalc ? ? A CYS 99  SG  ? ? ? 1_555 C CD  . CD ? ? A CYS 99  A CD  202 1_555 ? ? ? ? ? ? ? 2.303 ? ? 
metalc5  metalc ? ? A GLU 128 OE1 ? ? ? 1_555 D CD  . CD ? ? A GLU 128 A CD  203 1_555 ? ? ? ? ? ? ? 2.359 ? ? 
metalc6  metalc ? ? A GLU 128 OE2 ? ? ? 1_555 D CD  . CD ? ? A GLU 128 A CD  203 1_555 ? ? ? ? ? ? ? 2.655 ? ? 
metalc7  metalc ? ? A GLU 130 OE1 ? ? ? 1_555 D CD  . CD ? ? A GLU 130 A CD  203 1_555 ? ? ? ? ? ? ? 2.595 ? ? 
metalc8  metalc ? ? A GLU 130 OE2 ? ? ? 1_555 D CD  . CD ? ? A GLU 130 A CD  203 1_555 ? ? ? ? ? ? ? 2.655 ? ? 
metalc9  metalc ? ? A GLU 132 OE1 ? ? ? 1_555 E CD  . CD ? ? A GLU 132 A CD  204 1_555 ? ? ? ? ? ? ? 2.351 ? ? 
metalc10 metalc ? ? A HIS 141 NE2 ? ? ? 1_555 C CD  . CD ? ? A HIS 141 A CD  202 1_555 ? ? ? ? ? ? ? 2.240 ? ? 
metalc11 metalc ? ? A GLU 142 OE2 ? ? ? 1_555 F CD  . CD ? ? A GLU 142 A CD  205 1_555 ? ? ? ? ? ? ? 2.581 ? ? 
metalc12 metalc ? ? A HIS 145 NE2 ? ? ? 1_555 C CD  . CD ? ? A HIS 145 A CD  202 1_555 ? ? ? ? ? ? ? 2.290 ? ? 
metalc13 metalc ? ? E CD  .   CD  ? ? ? 1_555 I HOH . O  ? ? A CD  204 A HOH 396 8_545 ? ? ? ? ? ? ? 2.594 ? ? 
metalc14 metalc ? ? H NA  .   NA  ? ? ? 1_555 I HOH . O  ? ? A NA  207 A HOH 334 8_555 ? ? ? ? ? ? ? 2.280 ? ? 
metalc15 metalc ? ? H NA  .   NA  ? ? ? 1_555 I HOH . O  ? ? A NA  207 A HOH 347 1_555 ? ? ? ? ? ? ? 2.399 ? ? 
metalc16 metalc ? ? H NA  .   NA  ? ? ? 1_555 I HOH . O  ? ? A NA  207 A HOH 356 8_555 ? ? ? ? ? ? ? 2.518 ? ? 
metalc17 metalc ? ? H NA  .   NA  ? ? ? 1_555 I HOH . O  ? ? A NA  207 A HOH 392 1_555 ? ? ? ? ? ? ? 2.809 ? ? 
metalc18 metalc ? ? H NA  .   NA  ? ? ? 1_555 I HOH . O  ? ? A NA  207 A HOH 399 8_555 ? ? ? ? ? ? ? 2.523 ? ? 
# 
_struct_conn_type.id          metalc 
_struct_conn_type.criteria    ? 
_struct_conn_type.reference   ? 
# 
loop_
_struct_sheet.id 
_struct_sheet.type 
_struct_sheet.number_strands 
_struct_sheet.details 
AA1 ? 5 ? 
AA2 ? 3 ? 
# 
loop_
_struct_sheet_order.sheet_id 
_struct_sheet_order.range_id_1 
_struct_sheet_order.range_id_2 
_struct_sheet_order.offset 
_struct_sheet_order.sense 
AA1 1 2 ? anti-parallel 
AA1 2 3 ? anti-parallel 
AA1 3 4 ? anti-parallel 
AA1 4 5 ? anti-parallel 
AA2 1 2 ? anti-parallel 
AA2 2 3 ? anti-parallel 
# 
loop_
_struct_sheet_range.sheet_id 
_struct_sheet_range.id 
_struct_sheet_range.beg_label_comp_id 
_struct_sheet_range.beg_label_asym_id 
_struct_sheet_range.beg_label_seq_id 
_struct_sheet_range.pdbx_beg_PDB_ins_code 
_struct_sheet_range.end_label_comp_id 
_struct_sheet_range.end_label_asym_id 
_struct_sheet_range.end_label_seq_id 
_struct_sheet_range.pdbx_end_PDB_ins_code 
_struct_sheet_range.beg_auth_comp_id 
_struct_sheet_range.beg_auth_asym_id 
_struct_sheet_range.beg_auth_seq_id 
_struct_sheet_range.end_auth_comp_id 
_struct_sheet_range.end_auth_asym_id 
_struct_sheet_range.end_auth_seq_id 
AA1 1 GLY A 46  ? ALA A 48  ? GLY A 46  ALA A 48  
AA1 2 LEU A 58  ? PHE A 61  ? LEU A 58  PHE A 61  
AA1 3 THR A 78  ? PRO A 87  ? THR A 78  PRO A 87  
AA1 4 TYR A 114 ? PHE A 120 ? TYR A 114 PHE A 120 
AA1 5 PRO A 126 ? GLU A 132 ? PRO A 126 GLU A 132 
AA2 1 MET A 92  ? GLU A 97  ? MET A 92  GLU A 97  
AA2 2 LEU A 105 ? TYR A 112 ? LEU A 105 TYR A 112 
AA2 3 GLY A 162 ? PHE A 163 ? GLY A 162 PHE A 163 
# 
loop_
_pdbx_struct_sheet_hbond.sheet_id 
_pdbx_struct_sheet_hbond.range_id_1 
_pdbx_struct_sheet_hbond.range_id_2 
_pdbx_struct_sheet_hbond.range_1_label_atom_id 
_pdbx_struct_sheet_hbond.range_1_label_comp_id 
_pdbx_struct_sheet_hbond.range_1_label_asym_id 
_pdbx_struct_sheet_hbond.range_1_label_seq_id 
_pdbx_struct_sheet_hbond.range_1_PDB_ins_code 
_pdbx_struct_sheet_hbond.range_1_auth_atom_id 
_pdbx_struct_sheet_hbond.range_1_auth_comp_id 
_pdbx_struct_sheet_hbond.range_1_auth_asym_id 
_pdbx_struct_sheet_hbond.range_1_auth_seq_id 
_pdbx_struct_sheet_hbond.range_2_label_atom_id 
_pdbx_struct_sheet_hbond.range_2_label_comp_id 
_pdbx_struct_sheet_hbond.range_2_label_asym_id 
_pdbx_struct_sheet_hbond.range_2_label_seq_id 
_pdbx_struct_sheet_hbond.range_2_PDB_ins_code 
_pdbx_struct_sheet_hbond.range_2_auth_atom_id 
_pdbx_struct_sheet_hbond.range_2_auth_comp_id 
_pdbx_struct_sheet_hbond.range_2_auth_asym_id 
_pdbx_struct_sheet_hbond.range_2_auth_seq_id 
AA1 1 2 N LEU A 47  ? N LEU A 47  O VAL A 60  ? O VAL A 60  
AA1 2 3 N PHE A 61  ? N PHE A 61  O THR A 78  ? O THR A 78  
AA1 3 4 N ALA A 81  ? N ALA A 81  O PHE A 120 ? O PHE A 120 
AA1 4 5 N GLY A 119 ? N GLY A 119 O ILE A 127 ? O ILE A 127 
AA2 1 2 N GLU A 97  ? N GLU A 97  O ALA A 107 ? O ALA A 107 
AA2 2 3 N ARG A 106 ? N ARG A 106 O GLY A 162 ? O GLY A 162 
# 
loop_
_struct_site.id 
_struct_site.pdbx_evidence_code 
_struct_site.pdbx_auth_asym_id 
_struct_site.pdbx_auth_comp_id 
_struct_site.pdbx_auth_seq_id 
_struct_site.pdbx_auth_ins_code 
_struct_site.pdbx_num_residues 
_struct_site.details 
AC1 Software A ACT 201 ? 5  'binding site for residue ACT A 201' 
AC2 Software A CD  202 ? 4  'binding site for residue CD A 202'  
AC3 Software A CD  203 ? 3  'binding site for residue CD A 203'  
AC4 Software A CD  204 ? 4  'binding site for residue CD A 204'  
AC5 Software A CD  205 ? 7  'binding site for residue CD A 205'  
AC6 Software A 56T 206 ? 11 'binding site for residue 56T A 206' 
AC7 Software A NA  207 ? 6  'binding site for residue NA A 207'  
# 
loop_
_struct_site_gen.id 
_struct_site_gen.site_id 
_struct_site_gen.pdbx_num_res 
_struct_site_gen.label_comp_id 
_struct_site_gen.label_asym_id 
_struct_site_gen.label_seq_id 
_struct_site_gen.pdbx_auth_ins_code 
_struct_site_gen.auth_comp_id 
_struct_site_gen.auth_asym_id 
_struct_site_gen.auth_seq_id 
_struct_site_gen.label_atom_id 
_struct_site_gen.label_alt_id 
_struct_site_gen.symmetry 
_struct_site_gen.details 
1  AC1 5  ARG A 149 ? ARG A 149 . ? 1_555 ? 
2  AC1 5  LEU A 150 ? LEU A 150 . ? 1_555 ? 
3  AC1 5  SER A 153 ? SER A 153 . ? 1_555 ? 
4  AC1 5  HOH I .   ? HOH A 309 . ? 1_555 ? 
5  AC1 5  HOH I .   ? HOH A 364 . ? 1_555 ? 
6  AC2 4  CYS A 99  ? CYS A 99  . ? 1_555 ? 
7  AC2 4  HIS A 141 ? HIS A 141 . ? 1_555 ? 
8  AC2 4  HIS A 145 ? HIS A 145 . ? 1_555 ? 
9  AC2 4  CD  F .   ? CD  A 205 . ? 1_555 ? 
10 AC3 3  HIS A 43  ? HIS A 43  . ? 8_545 ? 
11 AC3 3  GLU A 128 ? GLU A 128 . ? 1_555 ? 
12 AC3 3  GLU A 130 ? GLU A 130 . ? 1_555 ? 
13 AC4 4  GLU A 37  ? GLU A 37  . ? 8_545 ? 
14 AC4 4  GLU A 132 ? GLU A 132 . ? 1_555 ? 
15 AC4 4  HOH I .   ? HOH A 395 . ? 8_545 ? 
16 AC4 4  HOH I .   ? HOH A 396 . ? 8_545 ? 
17 AC5 7  GLN A 51  ? GLN A 51  . ? 1_555 ? 
18 AC5 7  HIS A 141 ? HIS A 141 . ? 1_555 ? 
19 AC5 7  GLU A 142 ? GLU A 142 . ? 1_555 ? 
20 AC5 7  HIS A 145 ? HIS A 145 . ? 1_555 ? 
21 AC5 7  CD  C .   ? CD  A 202 . ? 1_555 ? 
22 AC5 7  56T G .   ? 56T A 206 . ? 1_555 ? 
23 AC5 7  HOH I .   ? HOH A 366 . ? 1_555 ? 
24 AC6 11 HIS A 43  ? HIS A 43  . ? 1_555 ? 
25 AC6 11 GLY A 44  ? GLY A 44  . ? 1_555 ? 
26 AC6 11 VAL A 45  ? VAL A 45  . ? 1_555 ? 
27 AC6 11 GLY A 46  ? GLY A 46  . ? 1_555 ? 
28 AC6 11 GLU A 97  ? GLU A 97  . ? 1_555 ? 
29 AC6 11 GLY A 98  ? GLY A 98  . ? 1_555 ? 
30 AC6 11 CYS A 99  ? CYS A 99  . ? 1_555 ? 
31 AC6 11 HIS A 141 ? HIS A 141 . ? 1_555 ? 
32 AC6 11 GLU A 142 ? GLU A 142 . ? 1_555 ? 
33 AC6 11 CD  F .   ? CD  A 205 . ? 1_555 ? 
34 AC6 11 HOH I .   ? HOH A 381 . ? 1_555 ? 
35 AC7 6  LEU A 14  ? LEU A 14  . ? 1_555 ? 
36 AC7 6  HOH I .   ? HOH A 334 . ? 8_555 ? 
37 AC7 6  HOH I .   ? HOH A 347 . ? 1_555 ? 
38 AC7 6  HOH I .   ? HOH A 356 . ? 8_555 ? 
39 AC7 6  HOH I .   ? HOH A 392 . ? 1_555 ? 
40 AC7 6  HOH I .   ? HOH A 399 . ? 8_555 ? 
# 
_atom_sites.entry_id                    5CXJ 
_atom_sites.fract_transf_matrix[1][1]   0.01505782 
_atom_sites.fract_transf_matrix[1][2]   -0.00622183 
_atom_sites.fract_transf_matrix[1][3]   0.01102131 
_atom_sites.fract_transf_matrix[2][1]   0.00490597 
_atom_sites.fract_transf_matrix[2][2]   -0.01904915 
_atom_sites.fract_transf_matrix[2][3]   0.00009713 
_atom_sites.fract_transf_matrix[3][1]   0.00235396 
_atom_sites.fract_transf_matrix[3][2]   0.00059155 
_atom_sites.fract_transf_matrix[3][3]   -0.00288215 
_atom_sites.fract_transf_vector[1]      -0.034097 
_atom_sites.fract_transf_vector[2]      -0.336231 
_atom_sites.fract_transf_vector[3]      0.016702 
# 
loop_
_atom_type.symbol 
C  
CD 
N  
NA 
O  
S  
# 
loop_
_atom_site.group_PDB 
_atom_site.id 
_atom_site.type_symbol 
_atom_site.label_atom_id 
_atom_site.label_alt_id 
_atom_site.label_comp_id 
_atom_site.label_asym_id 
_atom_site.label_entity_id 
_atom_site.label_seq_id 
_atom_site.pdbx_PDB_ins_code 
_atom_site.Cartn_x 
_atom_site.Cartn_y 
_atom_site.Cartn_z 
_atom_site.occupancy 
_atom_site.B_iso_or_equiv 
_atom_site.pdbx_formal_charge 
_atom_site.auth_seq_id 
_atom_site.auth_comp_id 
_atom_site.auth_asym_id 
_atom_site.auth_atom_id 
_atom_site.pdbx_PDB_model_num 
ATOM   1    N  N   . MET A 1 1   ? -8.638  2.213   -17.424 1.00 34.31 ? 1   MET A N   1 
ATOM   2    C  CA  . MET A 1 1   ? -8.373  0.846   -17.914 1.00 41.11 ? 1   MET A CA  1 
ATOM   3    C  C   . MET A 1 1   ? -7.912  0.019   -16.699 1.00 38.54 ? 1   MET A C   1 
ATOM   4    O  O   . MET A 1 1   ? -6.924  0.370   -16.044 1.00 38.68 ? 1   MET A O   1 
ATOM   5    C  CB  . MET A 1 1   ? -7.307  0.922   -19.000 1.00 40.05 ? 1   MET A CB  1 
ATOM   6    C  CG  . MET A 1 1   ? -7.089  -0.350  -19.813 1.00 49.35 ? 1   MET A CG  1 
ATOM   7    S  SD  . MET A 1 1   ? -5.350  -0.422  -20.401 1.00 72.45 ? 1   MET A SD  1 
ATOM   8    C  CE  . MET A 1 1   ? -4.972  1.242   -21.046 1.00 55.87 ? 1   MET A CE  1 
ATOM   9    N  N   . ILE A 1 2   ? -8.668  -1.023  -16.360 1.00 36.97 ? 2   ILE A N   1 
ATOM   10   C  CA  . ILE A 1 2   ? -8.323  -1.966  -15.281 1.00 31.25 ? 2   ILE A CA  1 
ATOM   11   C  C   . ILE A 1 2   ? -7.093  -2.798  -15.666 1.00 31.75 ? 2   ILE A C   1 
ATOM   12   O  O   . ILE A 1 2   ? -7.121  -3.460  -16.685 1.00 34.20 ? 2   ILE A O   1 
ATOM   13   C  CB  . ILE A 1 2   ? -9.509  -2.932  -14.976 1.00 31.42 ? 2   ILE A CB  1 
ATOM   14   C  CG1 . ILE A 1 2   ? -10.670 -2.169  -14.286 1.00 30.36 ? 2   ILE A CG1 1 
ATOM   15   C  CG2 . ILE A 1 2   ? -9.031  -4.165  -14.149 1.00 28.74 ? 2   ILE A CG2 1 
ATOM   16   C  CD1 . ILE A 1 2   ? -12.012 -2.899  -14.292 1.00 27.51 ? 2   ILE A CD1 1 
ATOM   17   N  N   . ARG A 1 3   ? -6.036  -2.772  -14.845 1.00 30.09 ? 3   ARG A N   1 
ATOM   18   C  CA  . ARG A 1 3   ? -4.808  -3.606  -15.026 1.00 30.21 ? 3   ARG A CA  1 
ATOM   19   C  C   . ARG A 1 3   ? -4.813  -4.915  -14.204 1.00 29.48 ? 3   ARG A C   1 
ATOM   20   O  O   . ARG A 1 3   ? -5.392  -4.967  -13.125 1.00 28.21 ? 3   ARG A O   1 
ATOM   21   C  CB  . ARG A 1 3   ? -3.572  -2.853  -14.507 1.00 32.65 ? 3   ARG A CB  1 
ATOM   22   C  CG  . ARG A 1 3   ? -3.442  -1.409  -14.931 1.00 32.46 ? 3   ARG A CG  1 
ATOM   23   C  CD  . ARG A 1 3   ? -2.944  -1.379  -16.368 1.00 38.12 ? 3   ARG A CD  1 
ATOM   24   N  NE  . ARG A 1 3   ? -2.720  0.004   -16.743 1.00 44.23 ? 3   ARG A NE  1 
ATOM   25   C  CZ  . ARG A 1 3   ? -1.532  0.596   -16.805 1.00 39.07 ? 3   ARG A CZ  1 
ATOM   26   N  NH1 . ARG A 1 3   ? -0.391  -0.081  -16.571 1.00 34.89 ? 3   ARG A NH1 1 
ATOM   27   N  NH2 . ARG A 1 3   ? -1.513  1.863   -17.161 1.00 35.64 ? 3   ARG A NH2 1 
ATOM   28   N  N   . ASP A 1 4   ? -4.106  -5.922  -14.695 1.00 28.17 ? 4   ASP A N   1 
ATOM   29   C  CA  . ASP A 1 4   ? -3.929  -7.170  -13.996 1.00 28.79 ? 4   ASP A CA  1 
ATOM   30   C  C   . ASP A 1 4   ? -3.072  -6.890  -12.781 1.00 28.13 ? 4   ASP A C   1 
ATOM   31   O  O   . ASP A 1 4   ? -2.066  -6.156  -12.863 1.00 27.35 ? 4   ASP A O   1 
ATOM   32   C  CB  . ASP A 1 4   ? -3.221  -8.185  -14.886 1.00 30.82 ? 4   ASP A CB  1 
ATOM   33   C  CG  . ASP A 1 4   ? -4.074  -8.631  -16.063 1.00 37.35 ? 4   ASP A CG  1 
ATOM   34   O  OD1 . ASP A 1 4   ? -5.314  -8.715  -15.962 1.00 41.22 ? 4   ASP A OD1 1 
ATOM   35   O  OD2 . ASP A 1 4   ? -3.495  -8.918  -17.105 1.00 41.99 ? 4   ASP A OD2 1 
ATOM   36   N  N   . ILE A 1 5   ? -3.489  -7.463  -11.663 1.00 24.61 ? 5   ILE A N   1 
ATOM   37   C  CA  . ILE A 1 5   ? -2.739  -7.416  -10.439 1.00 25.32 ? 5   ILE A CA  1 
ATOM   38   C  C   . ILE A 1 5   ? -1.895  -8.667  -10.393 1.00 24.51 ? 5   ILE A C   1 
ATOM   39   O  O   . ILE A 1 5   ? -2.417  -9.747  -10.462 1.00 23.82 ? 5   ILE A O   1 
ATOM   40   C  CB  . ILE A 1 5   ? -3.673  -7.355  -9.214  1.00 23.79 ? 5   ILE A CB  1 
ATOM   41   C  CG1 . ILE A 1 5   ? -4.482  -6.037  -9.263  1.00 21.29 ? 5   ILE A CG1 1 
ATOM   42   C  CG2 . ILE A 1 5   ? -2.827  -7.488  -7.953  1.00 22.94 ? 5   ILE A CG2 1 
ATOM   43   C  CD1 . ILE A 1 5   ? -5.611  -5.944  -8.274  1.00 20.83 ? 5   ILE A CD1 1 
ATOM   44   N  N   . ILE A 1 6   ? -0.587  -8.516  -10.303 1.00 24.58 ? 6   ILE A N   1 
ATOM   45   C  CA  . ILE A 1 6   ? 0.293   -9.676  -10.161 1.00 24.47 ? 6   ILE A CA  1 
ATOM   46   C  C   . ILE A 1 6   ? 0.350   -10.242 -8.717  1.00 27.15 ? 6   ILE A C   1 
ATOM   47   O  O   . ILE A 1 6   ? 0.243   -9.504  -7.695  1.00 29.13 ? 6   ILE A O   1 
ATOM   48   C  CB  . ILE A 1 6   ? 1.695   -9.386  -10.743 1.00 23.23 ? 6   ILE A CB  1 
ATOM   49   C  CG1 . ILE A 1 6   ? 2.444   -8.353  -9.859  1.00 21.20 ? 6   ILE A CG1 1 
ATOM   50   C  CG2 . ILE A 1 6   ? 1.549   -9.046  -12.247 1.00 22.02 ? 6   ILE A CG2 1 
ATOM   51   C  CD1 . ILE A 1 6   ? 3.887   -8.130  -10.224 1.00 21.41 ? 6   ILE A CD1 1 
ATOM   52   N  N   . ARG A 1 7   ? 0.583   -11.537 -8.649  1.00 24.68 ? 7   ARG A N   1 
ATOM   53   C  CA  . ARG A 1 7   ? 0.471   -12.306 -7.404  1.00 26.76 ? 7   ARG A CA  1 
ATOM   54   C  C   . ARG A 1 7   ? 1.827   -12.617 -6.751  1.00 23.84 ? 7   ARG A C   1 
ATOM   55   O  O   . ARG A 1 7   ? 2.839   -12.778 -7.440  1.00 23.42 ? 7   ARG A O   1 
ATOM   56   C  CB  . ARG A 1 7   ? -0.301  -13.615 -7.695  1.00 28.73 ? 7   ARG A CB  1 
ATOM   57   C  CG  . ARG A 1 7   ? -1.789  -13.506 -7.422  1.00 30.71 ? 7   ARG A CG  1 
ATOM   58   C  CD  . ARG A 1 7   ? -2.659  -14.058 -8.543  1.00 37.77 ? 7   ARG A CD  1 
ATOM   59   N  NE  . ARG A 1 7   ? -2.099  -15.108 -9.408  1.00 41.50 ? 7   ARG A NE  1 
ATOM   60   C  CZ  . ARG A 1 7   ? -2.025  -16.403 -9.105  1.00 45.61 ? 7   ARG A CZ  1 
ATOM   61   N  NH1 . ARG A 1 7   ? -2.437  -16.875 -7.935  1.00 45.20 ? 7   ARG A NH1 1 
ATOM   62   N  NH2 . ARG A 1 7   ? -1.507  -17.240 -9.985  1.00 50.90 ? 7   ARG A NH2 1 
ATOM   63   N  N   . MET A 1 8   ? 1.838   -12.730 -5.429  1.00 21.88 ? 8   MET A N   1 
ATOM   64   C  CA  . MET A 1 8   ? 3.064   -13.045 -4.701  1.00 23.31 ? 8   MET A CA  1 
ATOM   65   C  C   . MET A 1 8   ? 3.752   -14.289 -5.308  1.00 23.80 ? 8   MET A C   1 
ATOM   66   O  O   . MET A 1 8   ? 3.069   -15.236 -5.726  1.00 21.17 ? 8   MET A O   1 
ATOM   67   C  CB  . MET A 1 8   ? 2.768   -13.244 -3.226  1.00 21.76 ? 8   MET A CB  1 
ATOM   68   C  CG  . MET A 1 8   ? 3.999   -13.671 -2.429  1.00 21.77 ? 8   MET A CG  1 
ATOM   69   S  SD  . MET A 1 8   ? 3.573   -13.702 -0.656  1.00 22.02 ? 8   MET A SD  1 
ATOM   70   C  CE  . MET A 1 8   ? 2.684   -15.272 -0.603  1.00 17.36 ? 8   MET A CE  1 
ATOM   71   N  N   . GLY A 1 9   ? 5.083   -14.239 -5.424  1.00 24.45 ? 9   GLY A N   1 
ATOM   72   C  CA  . GLY A 1 9   ? 5.826   -15.201 -6.241  1.00 23.77 ? 9   GLY A CA  1 
ATOM   73   C  C   . GLY A 1 9   ? 6.397   -14.528 -7.486  1.00 26.62 ? 9   GLY A C   1 
ATOM   74   O  O   . GLY A 1 9   ? 7.458   -14.920 -7.963  1.00 25.45 ? 9   GLY A O   1 
ATOM   75   N  N   . ASP A 1 10  ? 5.702   -13.508 -8.016  1.00 24.61 ? 10  ASP A N   1 
ATOM   76   C  CA  . ASP A 1 10  ? 6.232   -12.761 -9.147  1.00 24.09 ? 10  ASP A CA  1 
ATOM   77   C  C   . ASP A 1 10  ? 7.391   -11.920 -8.606  1.00 23.58 ? 10  ASP A C   1 
ATOM   78   O  O   . ASP A 1 10  ? 7.236   -11.188 -7.623  1.00 24.05 ? 10  ASP A O   1 
ATOM   79   C  CB  . ASP A 1 10  ? 5.141   -11.900 -9.783  1.00 23.78 ? 10  ASP A CB  1 
ATOM   80   C  CG  . ASP A 1 10  ? 5.574   -11.262 -11.101 1.00 24.17 ? 10  ASP A CG  1 
ATOM   81   O  OD1 . ASP A 1 10  ? 6.640   -10.615 -11.157 1.00 22.95 ? 10  ASP A OD1 1 
ATOM   82   O  OD2 . ASP A 1 10  ? 4.818   -11.353 -12.080 1.00 24.09 ? 10  ASP A OD2 1 
ATOM   83   N  N   . LYS A 1 11  ? 8.553   -12.071 -9.221  1.00 23.88 ? 11  LYS A N   1 
ATOM   84   C  CA  . LYS A 1 11  ? 9.754   -11.305 -8.882  1.00 28.34 ? 11  LYS A CA  1 
ATOM   85   C  C   . LYS A 1 11  ? 9.586   -9.766  -8.953  1.00 27.77 ? 11  LYS A C   1 
ATOM   86   O  O   . LYS A 1 11  ? 10.324  -9.013  -8.296  1.00 28.22 ? 11  LYS A O   1 
ATOM   87   C  CB  . LYS A 1 11  ? 10.917  -11.722 -9.806  1.00 30.91 ? 11  LYS A CB  1 
ATOM   88   C  CG  . LYS A 1 11  ? 11.821  -12.710 -9.133  1.00 37.86 ? 11  LYS A CG  1 
ATOM   89   C  CD  . LYS A 1 11  ? 12.649  -13.515 -10.113 1.00 48.31 ? 11  LYS A CD  1 
ATOM   90   C  CE  . LYS A 1 11  ? 13.576  -14.435 -9.319  1.00 54.75 ? 11  LYS A CE  1 
ATOM   91   N  NZ  . LYS A 1 11  ? 13.851  -15.689 -10.068 1.00 61.54 ? 11  LYS A NZ  1 
ATOM   92   N  N   . ARG A 1 12  ? 8.650   -9.292  -9.760  1.00 23.80 ? 12  ARG A N   1 
ATOM   93   C  CA  . ARG A 1 12  ? 8.473   -7.848  -9.864  1.00 25.01 ? 12  ARG A CA  1 
ATOM   94   C  C   . ARG A 1 12  ? 7.945   -7.208  -8.592  1.00 26.18 ? 12  ARG A C   1 
ATOM   95   O  O   . ARG A 1 12  ? 7.996   -5.987  -8.469  1.00 28.50 ? 12  ARG A O   1 
ATOM   96   C  CB  . ARG A 1 12  ? 7.632   -7.489  -11.109 1.00 22.47 ? 12  ARG A CB  1 
ATOM   97   C  CG  . ARG A 1 12  ? 8.341   -7.952  -12.409 1.00 21.87 ? 12  ARG A CG  1 
ATOM   98   C  CD  . ARG A 1 12  ? 7.414   -7.942  -13.618 1.00 22.69 ? 12  ARG A CD  1 
ATOM   99   N  NE  . ARG A 1 12  ? 6.348   -8.955  -13.581 1.00 21.66 ? 12  ARG A NE  1 
ATOM   100  C  CZ  . ARG A 1 12  ? 5.449   -9.114  -14.553 1.00 22.34 ? 12  ARG A CZ  1 
ATOM   101  N  NH1 . ARG A 1 12  ? 5.486   -8.294  -15.611 1.00 23.03 ? 12  ARG A NH1 1 
ATOM   102  N  NH2 . ARG A 1 12  ? 4.477   -10.045 -14.464 1.00 18.92 ? 12  ARG A NH2 1 
ATOM   103  N  N   . LEU A 1 13  ? 7.383   -8.013  -7.672  1.00 24.96 ? 13  LEU A N   1 
ATOM   104  C  CA  . LEU A 1 13  ? 6.914   -7.508  -6.351  1.00 23.45 ? 13  LEU A CA  1 
ATOM   105  C  C   . LEU A 1 13  ? 8.072   -7.365  -5.338  1.00 23.14 ? 13  LEU A C   1 
ATOM   106  O  O   . LEU A 1 13  ? 7.878   -6.823  -4.257  1.00 21.64 ? 13  LEU A O   1 
ATOM   107  C  CB  . LEU A 1 13  ? 5.845   -8.434  -5.746  1.00 23.15 ? 13  LEU A CB  1 
ATOM   108  C  CG  . LEU A 1 13  ? 4.503   -8.333  -6.445  1.00 23.39 ? 13  LEU A CG  1 
ATOM   109  C  CD1 . LEU A 1 13  ? 3.782   -9.587  -6.090  1.00 25.44 ? 13  LEU A CD1 1 
ATOM   110  C  CD2 . LEU A 1 13  ? 3.733   -7.101  -6.022  1.00 21.29 ? 13  LEU A CD2 1 
ATOM   111  N  N   . LEU A 1 14  ? 9.265   -7.846  -5.718  1.00 24.38 ? 14  LEU A N   1 
ATOM   112  C  CA  . LEU A 1 14  ? 10.458  -7.931  -4.846  1.00 26.75 ? 14  LEU A CA  1 
ATOM   113  C  C   . LEU A 1 14  ? 11.560  -6.849  -5.109  1.00 27.78 ? 14  LEU A C   1 
ATOM   114  O  O   . LEU A 1 14  ? 12.605  -6.832  -4.441  1.00 28.27 ? 14  LEU A O   1 
ATOM   115  C  CB  . LEU A 1 14  ? 11.067  -9.346  -4.943  1.00 24.98 ? 14  LEU A CB  1 
ATOM   116  C  CG  . LEU A 1 14  ? 10.140  -10.585 -4.738  1.00 25.32 ? 14  LEU A CG  1 
ATOM   117  C  CD1 . LEU A 1 14  ? 10.911  -11.902 -4.885  1.00 21.84 ? 14  LEU A CD1 1 
ATOM   118  C  CD2 . LEU A 1 14  ? 9.394   -10.516 -3.395  1.00 24.28 ? 14  LEU A CD2 1 
ATOM   119  N  N   . ARG A 1 15  ? 11.290  -5.953  -6.054  1.00 28.65 ? 15  ARG A N   1 
ATOM   120  C  CA  . ARG A 1 15  ? 12.224  -4.925  -6.554  1.00 27.37 ? 15  ARG A CA  1 
ATOM   121  C  C   . ARG A 1 15  ? 12.166  -3.706  -5.664  1.00 25.88 ? 15  ARG A C   1 
ATOM   122  O  O   . ARG A 1 15  ? 11.137  -3.495  -5.033  1.00 22.11 ? 15  ARG A O   1 
ATOM   123  C  CB  . ARG A 1 15  ? 11.707  -4.467  -7.931  1.00 27.55 ? 15  ARG A CB  1 
ATOM   124  C  CG  . ARG A 1 15  ? 12.037  -5.422  -9.036  1.00 29.41 ? 15  ARG A CG  1 
ATOM   125  C  CD  . ARG A 1 15  ? 11.824  -4.767  -10.382 1.00 33.58 ? 15  ARG A CD  1 
ATOM   126  N  NE  . ARG A 1 15  ? 10.425  -4.507  -10.739 1.00 34.23 ? 15  ARG A NE  1 
ATOM   127  C  CZ  . ARG A 1 15  ? 10.005  -4.553  -12.006 1.00 34.86 ? 15  ARG A CZ  1 
ATOM   128  N  NH1 . ARG A 1 15  ? 10.897  -4.886  -12.931 1.00 32.30 ? 15  ARG A NH1 1 
ATOM   129  N  NH2 . ARG A 1 15  ? 8.725   -4.312  -12.359 1.00 28.31 ? 15  ARG A NH2 1 
ATOM   130  N  N   . VAL A 1 16  ? 13.236  -2.891  -5.616  1.00 26.16 ? 16  VAL A N   1 
ATOM   131  C  CA  . VAL A 1 16  ? 13.099  -1.567  -5.085  1.00 25.01 ? 16  VAL A CA  1 
ATOM   132  C  C   . VAL A 1 16  ? 12.864  -0.551  -6.229  1.00 27.22 ? 16  VAL A C   1 
ATOM   133  O  O   . VAL A 1 16  ? 13.688  -0.392  -7.139  1.00 29.28 ? 16  VAL A O   1 
ATOM   134  C  CB  . VAL A 1 16  ? 14.109  -1.201  -3.941  1.00 29.45 ? 16  VAL A CB  1 
ATOM   135  C  CG1 . VAL A 1 16  ? 15.186  -2.240  -3.700  1.00 27.35 ? 16  VAL A CG1 1 
ATOM   136  C  CG2 . VAL A 1 16  ? 14.646  0.220   -4.009  1.00 23.61 ? 16  VAL A CG2 1 
ATOM   137  N  N   . ALA A 1 17  ? 11.689  0.091   -6.186  1.00 23.33 ? 17  ALA A N   1 
ATOM   138  C  CA  . ALA A 1 17  ? 11.204  0.952   -7.260  1.00 23.23 ? 17  ALA A CA  1 
ATOM   139  C  C   . ALA A 1 17  ? 11.932  2.316   -7.327  1.00 25.83 ? 17  ALA A C   1 
ATOM   140  O  O   . ALA A 1 17  ? 12.228  2.967   -6.264  1.00 24.62 ? 17  ALA A O   1 
ATOM   141  C  CB  . ALA A 1 17  ? 9.707   1.158   -7.141  1.00 19.76 ? 17  ALA A CB  1 
ATOM   142  N  N   . PRO A 1 18  ? 12.223  2.771   -8.569  1.00 25.83 ? 18  PRO A N   1 
ATOM   143  C  CA  . PRO A 1 18  ? 12.798  4.122   -8.738  1.00 25.65 ? 18  PRO A CA  1 
ATOM   144  C  C   . PRO A 1 18  ? 11.715  5.202   -8.563  1.00 26.42 ? 18  PRO A C   1 
ATOM   145  O  O   . PRO A 1 18  ? 10.478  4.919   -8.551  1.00 25.09 ? 18  PRO A O   1 
ATOM   146  C  CB  . PRO A 1 18  ? 13.319  4.094   -10.179 1.00 24.41 ? 18  PRO A CB  1 
ATOM   147  C  CG  . PRO A 1 18  ? 12.305  3.212   -10.888 1.00 26.92 ? 18  PRO A CG  1 
ATOM   148  C  CD  . PRO A 1 18  ? 11.858  2.163   -9.869  1.00 26.80 ? 18  PRO A CD  1 
ATOM   149  N  N   . GLN A 1 19  ? 12.167  6.439   -8.453  1.00 26.70 ? 19  GLN A N   1 
ATOM   150  C  CA  . GLN A 1 19  ? 11.271  7.563   -8.270  1.00 26.71 ? 19  GLN A CA  1 
ATOM   151  C  C   . GLN A 1 19  ? 10.398  7.912   -9.426  1.00 23.83 ? 19  GLN A C   1 
ATOM   152  O  O   . GLN A 1 19  ? 10.724  7.650   -10.565 1.00 23.76 ? 19  GLN A O   1 
ATOM   153  C  CB  . GLN A 1 19  ? 12.065  8.773   -7.928  1.00 31.27 ? 19  GLN A CB  1 
ATOM   154  C  CG  . GLN A 1 19  ? 12.258  8.898   -6.447  1.00 43.06 ? 19  GLN A CG  1 
ATOM   155  C  CD  . GLN A 1 19  ? 12.904  10.235  -6.118  1.00 50.37 ? 19  GLN A CD  1 
ATOM   156  O  OE1 . GLN A 1 19  ? 13.480  10.866  -7.017  1.00 44.04 ? 19  GLN A OE1 1 
ATOM   157  N  NE2 . GLN A 1 19  ? 12.785  10.689  -4.847  1.00 43.85 ? 19  GLN A NE2 1 
ATOM   158  N  N   . VAL A 1 20  ? 9.263   8.532   -9.130  1.00 21.99 ? 20  VAL A N   1 
ATOM   159  C  CA  . VAL A 1 20  ? 8.467   9.107   -10.190 1.00 21.48 ? 20  VAL A CA  1 
ATOM   160  C  C   . VAL A 1 20  ? 9.137   10.439  -10.670 1.00 23.17 ? 20  VAL A C   1 
ATOM   161  O  O   . VAL A 1 20  ? 9.481   11.325  -9.859  1.00 20.90 ? 20  VAL A O   1 
ATOM   162  C  CB  . VAL A 1 20  ? 7.021   9.392   -9.694  1.00 23.06 ? 20  VAL A CB  1 
ATOM   163  C  CG1 . VAL A 1 20  ? 6.252   10.200  -10.754 1.00 20.05 ? 20  VAL A CG1 1 
ATOM   164  C  CG2 . VAL A 1 20  ? 6.281   8.091   -9.294  1.00 22.94 ? 20  VAL A CG2 1 
ATOM   165  N  N   . THR A 1 21  ? 9.292   10.615  -11.976 1.00 23.20 ? 21  THR A N   1 
ATOM   166  C  CA  . THR A 1 21  ? 9.884   11.860  -12.435 1.00 24.04 ? 21  THR A CA  1 
ATOM   167  C  C   . THR A 1 21  ? 8.998   12.569  -13.473 1.00 25.16 ? 21  THR A C   1 
ATOM   168  O  O   . THR A 1 21  ? 9.459   13.516  -14.108 1.00 23.90 ? 21  THR A O   1 
ATOM   169  C  CB  . THR A 1 21  ? 11.293  11.663  -13.013 1.00 23.55 ? 21  THR A CB  1 
ATOM   170  O  OG1 . THR A 1 21  ? 11.194  10.755  -14.121 1.00 28.08 ? 21  THR A OG1 1 
ATOM   171  C  CG2 . THR A 1 21  ? 12.260  11.093  -11.977 1.00 22.39 ? 21  THR A CG2 1 
ATOM   172  N  N   . ASN A 1 22  ? 7.736   12.135  -13.617 1.00 22.68 ? 22  ASN A N   1 
ATOM   173  C  CA  . ASN A 1 22  ? 6.809   12.791  -14.543 1.00 19.79 ? 22  ASN A CA  1 
ATOM   174  C  C   . ASN A 1 22  ? 5.601   13.410  -13.878 1.00 19.73 ? 22  ASN A C   1 
ATOM   175  O  O   . ASN A 1 22  ? 4.470   13.389  -14.442 1.00 19.47 ? 22  ASN A O   1 
ATOM   176  C  CB  . ASN A 1 22  ? 6.450   11.931  -15.777 1.00 18.99 ? 22  ASN A CB  1 
ATOM   177  C  CG  . ASN A 1 22  ? 5.801   10.550  -15.452 1.00 23.34 ? 22  ASN A CG  1 
ATOM   178  O  OD1 . ASN A 1 22  ? 5.309   9.863   -16.393 1.00 26.62 ? 22  ASN A OD1 1 
ATOM   179  N  ND2 . ASN A 1 22  ? 5.742   10.153  -14.191 1.00 19.86 ? 22  ASN A ND2 1 
ATOM   180  N  N   . LEU A 1 23  ? 5.814   13.955  -12.681 1.00 17.67 ? 23  LEU A N   1 
ATOM   181  C  CA  . LEU A 1 23  ? 4.736   14.687  -12.025 1.00 18.05 ? 23  LEU A CA  1 
ATOM   182  C  C   . LEU A 1 23  ? 4.114   15.718  -12.970 1.00 20.17 ? 23  LEU A C   1 
ATOM   183  O  O   . LEU A 1 23  ? 4.838   16.451  -13.666 1.00 20.27 ? 23  LEU A O   1 
ATOM   184  C  CB  . LEU A 1 23  ? 5.206   15.371  -10.730 1.00 17.77 ? 23  LEU A CB  1 
ATOM   185  C  CG  . LEU A 1 23  ? 5.784   14.349  -9.733  1.00 19.57 ? 23  LEU A CG  1 
ATOM   186  C  CD1 . LEU A 1 23  ? 6.564   15.112  -8.674  1.00 17.14 ? 23  LEU A CD1 1 
ATOM   187  C  CD2 . LEU A 1 23  ? 4.731   13.358  -9.137  1.00 18.10 ? 23  LEU A CD2 1 
ATOM   188  N  N   . GLY A 1 24  ? 2.767   15.776  -13.015 1.00 20.89 ? 24  GLY A N   1 
ATOM   189  C  CA  . GLY A 1 24  ? 2.028   16.777  -13.810 1.00 18.50 ? 24  GLY A CA  1 
ATOM   190  C  C   . GLY A 1 24  ? 1.806   16.328  -15.235 1.00 20.65 ? 24  GLY A C   1 
ATOM   191  O  O   . GLY A 1 24  ? 1.208   17.057  -16.014 1.00 22.01 ? 24  GLY A O   1 
ATOM   192  N  N   . SER A 1 25  ? 2.298   15.147  -15.615 1.00 20.98 ? 25  SER A N   1 
ATOM   193  C  CA  . SER A 1 25  ? 2.135   14.757  -17.005 1.00 22.90 ? 25  SER A CA  1 
ATOM   194  C  C   . SER A 1 25  ? 0.841   14.002  -17.203 1.00 25.59 ? 25  SER A C   1 
ATOM   195  O  O   . SER A 1 25  ? 0.270   13.498  -16.237 1.00 25.34 ? 25  SER A O   1 
ATOM   196  C  CB  . SER A 1 25  ? 3.273   13.869  -17.475 1.00 20.02 ? 25  SER A CB  1 
ATOM   197  O  OG  . SER A 1 25  ? 3.289   12.692  -16.737 1.00 19.46 ? 25  SER A OG  1 
ATOM   198  N  N   . ALA A 1 26  ? 0.424   13.919  -18.467 1.00 24.05 ? 26  ALA A N   1 
ATOM   199  C  CA  . ALA A 1 26  ? -0.762  13.237  -18.875 1.00 26.87 ? 26  ALA A CA  1 
ATOM   200  C  C   . ALA A 1 26  ? -0.538  11.726  -18.668 1.00 27.58 ? 26  ALA A C   1 
ATOM   201  O  O   . ALA A 1 26  ? -1.467  11.052  -18.243 1.00 31.13 ? 26  ALA A O   1 
ATOM   202  C  CB  . ALA A 1 26  ? -1.112  13.572  -20.343 1.00 22.89 ? 26  ALA A CB  1 
ATOM   203  N  N   . GLU A 1 27  ? 0.661   11.206  -18.982 1.00 25.97 ? 27  GLU A N   1 
ATOM   204  C  CA  . GLU A 1 27  ? 1.012   9.787   -18.744 1.00 27.25 ? 27  GLU A CA  1 
ATOM   205  C  C   . GLU A 1 27  ? 0.890   9.359   -17.260 1.00 25.97 ? 27  GLU A C   1 
ATOM   206  O  O   . GLU A 1 27  ? 0.390   8.296   -16.976 1.00 26.72 ? 27  GLU A O   1 
ATOM   207  C  CB  . GLU A 1 27  ? 2.418   9.448   -19.197 1.00 30.35 ? 27  GLU A CB  1 
ATOM   208  C  CG  . GLU A 1 27  ? 2.722   9.635   -20.684 1.00 43.17 ? 27  GLU A CG  1 
ATOM   209  C  CD  . GLU A 1 27  ? 2.824   11.106  -21.178 1.00 46.88 ? 27  GLU A CD  1 
ATOM   210  O  OE1 . GLU A 1 27  ? 2.862   12.110  -20.390 1.00 39.43 ? 27  GLU A OE1 1 
ATOM   211  O  OE2 . GLU A 1 27  ? 2.837   11.236  -22.423 1.00 51.24 ? 27  GLU A OE2 1 
ATOM   212  N  N   . LEU A 1 28  ? 1.322   10.189  -16.323 1.00 22.95 ? 28  LEU A N   1 
ATOM   213  C  CA  . LEU A 1 28  ? 1.154   9.848   -14.947 1.00 23.34 ? 28  LEU A CA  1 
ATOM   214  C  C   . LEU A 1 28  ? -0.303  9.887   -14.569 1.00 24.90 ? 28  LEU A C   1 
ATOM   215  O  O   . LEU A 1 28  ? -0.741  9.008   -13.794 1.00 25.39 ? 28  LEU A O   1 
ATOM   216  C  CB  . LEU A 1 28  ? 1.955   10.769  -14.016 1.00 21.57 ? 28  LEU A CB  1 
ATOM   217  C  CG  . LEU A 1 28  ? 1.904   10.485  -12.508 1.00 20.77 ? 28  LEU A CG  1 
ATOM   218  C  CD1 . LEU A 1 28  ? 2.509   9.096   -12.161 1.00 19.34 ? 28  LEU A CD1 1 
ATOM   219  C  CD2 . LEU A 1 28  ? 2.640   11.618  -11.788 1.00 19.30 ? 28  LEU A CD2 1 
ATOM   220  N  N   . HIS A 1 29  ? -1.049  10.909  -15.041 1.00 25.94 ? 29  HIS A N   1 
ATOM   221  C  CA  . HIS A 1 29  ? -2.504  11.011  -14.684 1.00 26.95 ? 29  HIS A CA  1 
ATOM   222  C  C   . HIS A 1 29  ? -3.236  9.737   -15.145 1.00 25.55 ? 29  HIS A C   1 
ATOM   223  O  O   . HIS A 1 29  ? -4.049  9.229   -14.415 1.00 24.74 ? 29  HIS A O   1 
ATOM   224  C  CB  . HIS A 1 29  ? -3.205  12.343  -15.105 1.00 31.07 ? 29  HIS A CB  1 
ATOM   225  C  CG  . HIS A 1 29  ? -2.818  13.538  -14.234 1.00 46.51 ? 29  HIS A CG  1 
ATOM   226  N  ND1 . HIS A 1 29  ? -3.460  13.858  -13.048 1.00 48.43 ? 29  HIS A ND1 1 
ATOM   227  C  CD2 . HIS A 1 29  ? -1.833  14.474  -14.373 1.00 47.54 ? 29  HIS A CD2 1 
ATOM   228  C  CE1 . HIS A 1 29  ? -2.905  14.936  -12.512 1.00 44.49 ? 29  HIS A CE1 1 
ATOM   229  N  NE2 . HIS A 1 29  ? -1.916  15.329  -13.296 1.00 41.24 ? 29  HIS A NE2 1 
ATOM   230  N  N   . ALA A 1 30  ? -2.880  9.180   -16.297 1.00 22.23 ? 30  ALA A N   1 
ATOM   231  C  CA  . ALA A 1 30  ? -3.585  8.025   -16.819 1.00 25.85 ? 30  ALA A CA  1 
ATOM   232  C  C   . ALA A 1 30  ? -3.207  6.783   -16.039 1.00 28.12 ? 30  ALA A C   1 
ATOM   233  O  O   . ALA A 1 30  ? -4.046  5.900   -15.880 1.00 34.02 ? 30  ALA A O   1 
ATOM   234  C  CB  . ALA A 1 30  ? -3.312  7.814   -18.322 1.00 22.30 ? 30  ALA A CB  1 
ATOM   235  N  N   . LEU A 1 31  ? -1.945  6.691   -15.592 1.00 27.04 ? 31  LEU A N   1 
ATOM   236  C  CA  . LEU A 1 31  ? -1.464  5.555   -14.800 1.00 23.47 ? 31  LEU A CA  1 
ATOM   237  C  C   . LEU A 1 31  ? -2.237  5.547   -13.454 1.00 23.20 ? 31  LEU A C   1 
ATOM   238  O  O   . LEU A 1 31  ? -2.755  4.521   -13.028 1.00 24.21 ? 31  LEU A O   1 
ATOM   239  C  CB  . LEU A 1 31  ? 0.052   5.633   -14.572 1.00 21.24 ? 31  LEU A CB  1 
ATOM   240  C  CG  . LEU A 1 31  ? 0.602   4.677   -13.489 1.00 22.53 ? 31  LEU A CG  1 
ATOM   241  C  CD1 . LEU A 1 31  ? 0.270   3.225   -13.871 1.00 20.32 ? 31  LEU A CD1 1 
ATOM   242  C  CD2 . LEU A 1 31  ? 2.106   4.794   -13.296 1.00 22.79 ? 31  LEU A CD2 1 
ATOM   243  N  N   . VAL A 1 32  ? -2.314  6.696   -12.798 1.00 23.11 ? 32  VAL A N   1 
ATOM   244  C  CA  . VAL A 1 32  ? -3.029  6.862   -11.522 1.00 20.23 ? 32  VAL A CA  1 
ATOM   245  C  C   . VAL A 1 32  ? -4.540  6.568   -11.661 1.00 22.41 ? 32  VAL A C   1 
ATOM   246  O  O   . VAL A 1 32  ? -5.190  5.941   -10.768 1.00 22.29 ? 32  VAL A O   1 
ATOM   247  C  CB  . VAL A 1 32  ? -2.802  8.294   -10.997 1.00 18.29 ? 32  VAL A CB  1 
ATOM   248  C  CG1 . VAL A 1 32  ? -3.749  8.638   -9.867  1.00 16.60 ? 32  VAL A CG1 1 
ATOM   249  C  CG2 . VAL A 1 32  ? -1.362  8.431   -10.504 1.00 17.10 ? 32  VAL A CG2 1 
ATOM   250  N  N   . SER A 1 33  ? -5.095  7.003   -12.787 1.00 21.97 ? 33  SER A N   1 
ATOM   251  C  CA  . SER A 1 33  ? -6.514  6.786   -13.145 1.00 22.16 ? 33  SER A CA  1 
ATOM   252  C  C   . SER A 1 33  ? -6.799  5.261   -13.205 1.00 22.13 ? 33  SER A C   1 
ATOM   253  O  O   . SER A 1 33  ? -7.750  4.787   -12.596 1.00 19.55 ? 33  SER A O   1 
ATOM   254  C  CB  . SER A 1 33  ? -6.758  7.440   -14.489 1.00 25.71 ? 33  SER A CB  1 
ATOM   255  O  OG  . SER A 1 33  ? -8.114  7.748   -14.672 1.00 38.26 ? 33  SER A OG  1 
ATOM   256  N  N   . ASP A 1 34  ? -5.923  4.535   -13.913 1.00 20.66 ? 34  ASP A N   1 
ATOM   257  C  CA  . ASP A 1 34  ? -5.881  3.105   -13.995 1.00 22.75 ? 34  ASP A CA  1 
ATOM   258  C  C   . ASP A 1 34  ? -5.781  2.436   -12.592 1.00 25.28 ? 34  ASP A C   1 
ATOM   259  O  O   . ASP A 1 34  ? -6.455  1.431   -12.323 1.00 25.35 ? 34  ASP A O   1 
ATOM   260  C  CB  . ASP A 1 34  ? -4.685  2.654   -14.872 1.00 22.00 ? 34  ASP A CB  1 
ATOM   261  C  CG  . ASP A 1 34  ? -4.939  2.856   -16.407 1.00 23.51 ? 34  ASP A CG  1 
ATOM   262  O  OD1 . ASP A 1 34  ? -5.964  3.422   -16.823 1.00 21.01 ? 34  ASP A OD1 1 
ATOM   263  O  OD2 . ASP A 1 34  ? -4.099  2.419   -17.209 1.00 25.09 ? 34  ASP A OD2 1 
ATOM   264  N  N   . MET A 1 35  ? -4.948  2.997   -11.717 1.00 23.45 ? 35  MET A N   1 
ATOM   265  C  CA  . MET A 1 35  ? -4.749  2.461   -10.388 1.00 22.49 ? 35  MET A CA  1 
ATOM   266  C  C   . MET A 1 35  ? -5.990  2.565   -9.480  1.00 21.42 ? 35  MET A C   1 
ATOM   267  O  O   . MET A 1 35  ? -6.343  1.596   -8.822  1.00 21.96 ? 35  MET A O   1 
ATOM   268  C  CB  . MET A 1 35  ? -3.535  3.125   -9.748  1.00 21.20 ? 35  MET A CB  1 
ATOM   269  C  CG  . MET A 1 35  ? -2.288  2.653   -10.445 1.00 20.09 ? 35  MET A CG  1 
ATOM   270  S  SD  . MET A 1 35  ? -0.766  3.282   -9.733  1.00 20.02 ? 35  MET A SD  1 
ATOM   271  C  CE  . MET A 1 35  ? -0.779  2.595   -8.054  1.00 19.07 ? 35  MET A CE  1 
ATOM   272  N  N   . PHE A 1 36  ? -6.627  3.728   -9.428  1.00 21.69 ? 36  PHE A N   1 
ATOM   273  C  CA  . PHE A 1 36  ? -7.868  3.867   -8.675  1.00 21.70 ? 36  PHE A CA  1 
ATOM   274  C  C   . PHE A 1 36  ? -8.917  2.893   -9.212  1.00 24.80 ? 36  PHE A C   1 
ATOM   275  O  O   . PHE A 1 36  ? -9.676  2.275   -8.451  1.00 22.04 ? 36  PHE A O   1 
ATOM   276  C  CB  . PHE A 1 36  ? -8.416  5.274   -8.712  1.00 20.33 ? 36  PHE A CB  1 
ATOM   277  C  CG  . PHE A 1 36  ? -7.710  6.238   -7.747  1.00 20.71 ? 36  PHE A CG  1 
ATOM   278  C  CD1 . PHE A 1 36  ? -7.831  6.073   -6.364  1.00 18.79 ? 36  PHE A CD1 1 
ATOM   279  C  CD2 . PHE A 1 36  ? -6.981  7.367   -8.243  1.00 17.16 ? 36  PHE A CD2 1 
ATOM   280  C  CE1 . PHE A 1 36  ? -7.211  6.960   -5.472  1.00 18.60 ? 36  PHE A CE1 1 
ATOM   281  C  CE2 . PHE A 1 36  ? -6.382  8.245   -7.371  1.00 16.68 ? 36  PHE A CE2 1 
ATOM   282  C  CZ  . PHE A 1 36  ? -6.482  8.046   -5.983  1.00 18.53 ? 36  PHE A CZ  1 
ATOM   283  N  N   . GLU A 1 37  ? -8.914  2.727   -10.528 1.00 24.33 ? 37  GLU A N   1 
ATOM   284  C  CA  . GLU A 1 37  ? -9.896  1.913   -11.114 1.00 25.25 ? 37  GLU A CA  1 
ATOM   285  C  C   . GLU A 1 37  ? -9.669  0.412   -10.828 1.00 24.65 ? 37  GLU A C   1 
ATOM   286  O  O   . GLU A 1 37  ? -10.635 -0.362  -10.627 1.00 25.01 ? 37  GLU A O   1 
ATOM   287  C  CB  . GLU A 1 37  ? -9.943  2.148   -12.617 1.00 24.81 ? 37  GLU A CB  1 
ATOM   288  C  CG  . GLU A 1 37  ? -11.149 1.428   -13.150 1.00 26.44 ? 37  GLU A CG  1 
ATOM   289  C  CD  . GLU A 1 37  ? -11.361 1.623   -14.606 1.00 31.22 ? 37  GLU A CD  1 
ATOM   290  O  OE1 . GLU A 1 37  ? -10.431 2.135   -15.336 1.00 26.74 ? 37  GLU A OE1 1 
ATOM   291  O  OE2 . GLU A 1 37  ? -12.508 1.243   -14.982 1.00 34.96 ? 37  GLU A OE2 1 
ATOM   292  N  N   . THR A 1 38  ? -8.402  0.013   -10.884 1.00 22.11 ? 38  THR A N   1 
ATOM   293  C  CA  . THR A 1 38  ? -8.009  -1.339  -10.670 1.00 20.77 ? 38  THR A CA  1 
ATOM   294  C  C   . THR A 1 38  ? -8.259  -1.636  -9.184  1.00 23.03 ? 38  THR A C   1 
ATOM   295  O  O   . THR A 1 38  ? -8.774  -2.675  -8.838  1.00 22.40 ? 38  THR A O   1 
ATOM   296  C  CB  . THR A 1 38  ? -6.528  -1.507  -10.997 1.00 19.48 ? 38  THR A CB  1 
ATOM   297  O  OG1 . THR A 1 38  ? -6.335  -1.221  -12.400 1.00 18.83 ? 38  THR A OG1 1 
ATOM   298  C  CG2 . THR A 1 38  ? -6.098  -2.961  -10.724 1.00 19.27 ? 38  THR A CG2 1 
ATOM   299  N  N   . MET A 1 39  ? -7.882  -0.701  -8.317  1.00 23.70 ? 39  MET A N   1 
ATOM   300  C  CA  . MET A 1 39  ? -8.042  -0.873  -6.892  1.00 23.80 ? 39  MET A CA  1 
ATOM   301  C  C   . MET A 1 39  ? -9.550  -1.080  -6.606  1.00 24.06 ? 39  MET A C   1 
ATOM   302  O  O   . MET A 1 39  ? -9.921  -1.991  -5.831  1.00 19.94 ? 39  MET A O   1 
ATOM   303  C  CB  . MET A 1 39  ? -7.489  0.338   -6.110  1.00 22.08 ? 39  MET A CB  1 
ATOM   304  C  CG  . MET A 1 39  ? -7.794  0.240   -4.624  1.00 19.80 ? 39  MET A CG  1 
ATOM   305  S  SD  . MET A 1 39  ? -6.911  1.427   -3.615  1.00 22.05 ? 39  MET A SD  1 
ATOM   306  C  CE  . MET A 1 39  ? -8.126  2.743   -3.483  1.00 17.34 ? 39  MET A CE  1 
ATOM   307  N  N   . GLY A 1 40  ? -10.384 -0.254  -7.253  1.00 22.14 ? 40  GLY A N   1 
ATOM   308  C  CA  . GLY A 1 40  ? -11.850 -0.283  -7.070  1.00 22.89 ? 40  GLY A CA  1 
ATOM   309  C  C   . GLY A 1 40  ? -12.479 -1.621  -7.521  1.00 22.73 ? 40  GLY A C   1 
ATOM   310  O  O   . GLY A 1 40  ? -13.326 -2.137  -6.800  1.00 23.58 ? 40  GLY A O   1 
ATOM   311  N  N   . ALA A 1 41  ? -12.086 -2.128  -8.710  1.00 19.57 ? 41  ALA A N   1 
ATOM   312  C  CA  . ALA A 1 41  ? -12.621 -3.366  -9.262  1.00 21.85 ? 41  ALA A CA  1 
ATOM   313  C  C   . ALA A 1 41  ? -12.296 -4.561  -8.329  1.00 23.69 ? 41  ALA A C   1 
ATOM   314  O  O   . ALA A 1 41  ? -13.131 -5.449  -8.136  1.00 30.12 ? 41  ALA A O   1 
ATOM   315  C  CB  . ALA A 1 41  ? -12.119 -3.637  -10.669 1.00 16.44 ? 41  ALA A CB  1 
ATOM   316  N  N   . ALA A 1 42  ? -11.140 -4.506  -7.679  1.00 22.48 ? 42  ALA A N   1 
ATOM   317  C  CA  . ALA A 1 42  ? -10.667 -5.583  -6.811  1.00 21.83 ? 42  ALA A CA  1 
ATOM   318  C  C   . ALA A 1 42  ? -11.095 -5.380  -5.337  1.00 22.72 ? 42  ALA A C   1 
ATOM   319  O  O   . ALA A 1 42  ? -10.748 -6.176  -4.492  1.00 24.50 ? 42  ALA A O   1 
ATOM   320  C  CB  . ALA A 1 42  ? -9.162  -5.698  -6.913  1.00 18.95 ? 42  ALA A CB  1 
ATOM   321  N  N   . HIS A 1 43  ? -11.815 -4.307  -5.033  1.00 23.54 ? 43  HIS A N   1 
ATOM   322  C  CA  . HIS A 1 43  ? -12.262 -4.048  -3.667  1.00 27.06 ? 43  HIS A CA  1 
ATOM   323  C  C   . HIS A 1 43  ? -11.117 -3.788  -2.719  1.00 28.56 ? 43  HIS A C   1 
ATOM   324  O  O   . HIS A 1 43  ? -11.162 -4.213  -1.544  1.00 29.97 ? 43  HIS A O   1 
ATOM   325  C  CB  . HIS A 1 43  ? -13.176 -5.165  -3.154  1.00 28.92 ? 43  HIS A CB  1 
ATOM   326  C  CG  . HIS A 1 43  ? -14.439 -5.307  -3.962  1.00 39.33 ? 43  HIS A CG  1 
ATOM   327  N  ND1 . HIS A 1 43  ? -15.679 -5.440  -3.387  1.00 46.22 ? 43  HIS A ND1 1 
ATOM   328  C  CD2 . HIS A 1 43  ? -14.654 -5.266  -5.301  1.00 39.32 ? 43  HIS A CD2 1 
ATOM   329  C  CE1 . HIS A 1 43  ? -16.600 -5.514  -4.328  1.00 43.36 ? 43  HIS A CE1 1 
ATOM   330  N  NE2 . HIS A 1 43  ? -16.005 -5.396  -5.496  1.00 38.29 ? 43  HIS A NE2 1 
ATOM   331  N  N   . GLY A 1 44  ? -10.098 -3.067  -3.200  1.00 25.56 ? 44  GLY A N   1 
ATOM   332  C  CA  . GLY A 1 44  ? -8.935  -2.719  -2.344  1.00 23.24 ? 44  GLY A CA  1 
ATOM   333  C  C   . GLY A 1 44  ? -9.073  -1.445  -1.546  1.00 23.21 ? 44  GLY A C   1 
ATOM   334  O  O   . GLY A 1 44  ? -9.925  -0.614  -1.864  1.00 21.48 ? 44  GLY A O   1 
ATOM   335  N  N   . VAL A 1 45  ? -8.259  -1.268  -0.500  1.00 23.07 ? 45  VAL A N   1 
ATOM   336  C  CA  . VAL A 1 45  ? -8.135  0.052   0.121   1.00 23.47 ? 45  VAL A CA  1 
ATOM   337  C  C   . VAL A 1 45  ? -6.749  0.702   -0.168  1.00 22.55 ? 45  VAL A C   1 
ATOM   338  O  O   . VAL A 1 45  ? -6.482  1.883   0.167   1.00 21.29 ? 45  VAL A O   1 
ATOM   339  C  CB  . VAL A 1 45  ? -8.456  0.003   1.649   1.00 27.95 ? 45  VAL A CB  1 
ATOM   340  C  CG1 . VAL A 1 45  ? -9.848  -0.634  1.885   1.00 30.13 ? 45  VAL A CG1 1 
ATOM   341  C  CG2 . VAL A 1 45  ? -7.366  -0.759  2.386   1.00 24.23 ? 45  VAL A CG2 1 
ATOM   342  N  N   . GLY A 1 46  ? -5.853  -0.082  -0.751  1.00 20.44 ? 46  GLY A N   1 
ATOM   343  C  CA  . GLY A 1 46  ? -4.526  0.429   -1.136  1.00 19.78 ? 46  GLY A CA  1 
ATOM   344  C  C   . GLY A 1 46  ? -4.111  -0.396  -2.324  1.00 21.65 ? 46  GLY A C   1 
ATOM   345  O  O   . GLY A 1 46  ? -4.491  -1.596  -2.412  1.00 23.35 ? 46  GLY A O   1 
ATOM   346  N  N   . LEU A 1 47  ? -3.351  0.209   -3.237  1.00 18.98 ? 47  LEU A N   1 
ATOM   347  C  CA  . LEU A 1 47  ? -2.724  -0.516  -4.364  1.00 18.27 ? 47  LEU A CA  1 
ATOM   348  C  C   . LEU A 1 47  ? -1.428  0.219   -4.724  1.00 18.64 ? 47  LEU A C   1 
ATOM   349  O  O   . LEU A 1 47  ? -1.424  1.445   -4.831  1.00 19.64 ? 47  LEU A O   1 
ATOM   350  C  CB  . LEU A 1 47  ? -3.656  -0.505  -5.565  1.00 17.53 ? 47  LEU A CB  1 
ATOM   351  C  CG  . LEU A 1 47  ? -3.169  -1.253  -6.814  1.00 19.07 ? 47  LEU A CG  1 
ATOM   352  C  CD1 . LEU A 1 47  ? -3.119  -2.789  -6.654  1.00 18.31 ? 47  LEU A CD1 1 
ATOM   353  C  CD2 . LEU A 1 47  ? -4.030  -0.801  -7.998  1.00 17.91 ? 47  LEU A CD2 1 
ATOM   354  N  N   . ALA A 1 48  ? -0.329  -0.521  -4.809  1.00 18.68 ? 48  ALA A N   1 
ATOM   355  C  CA  . ALA A 1 48  ? 0.975   0.024   -5.101  1.00 19.56 ? 48  ALA A CA  1 
ATOM   356  C  C   . ALA A 1 48  ? 1.271   -0.302  -6.526  1.00 18.99 ? 48  ALA A C   1 
ATOM   357  O  O   . ALA A 1 48  ? 0.930   -1.411  -6.967  1.00 20.27 ? 48  ALA A O   1 
ATOM   358  C  CB  . ALA A 1 48  ? 2.062   -0.574  -4.203  1.00 18.78 ? 48  ALA A CB  1 
ATOM   359  N  N   . ALA A 1 49  ? 1.951   0.622   -7.219  1.00 18.68 ? 49  ALA A N   1 
ATOM   360  C  CA  . ALA A 1 49  ? 2.312   0.447   -8.649  1.00 19.63 ? 49  ALA A CA  1 
ATOM   361  C  C   . ALA A 1 49  ? 3.029   -0.877  -8.962  1.00 19.36 ? 49  ALA A C   1 
ATOM   362  O  O   . ALA A 1 49  ? 2.746   -1.454  -9.976  1.00 23.47 ? 49  ALA A O   1 
ATOM   363  C  CB  . ALA A 1 49  ? 3.127   1.648   -9.182  1.00 17.94 ? 49  ALA A CB  1 
ATOM   364  N  N   . PRO A 1 50  ? 3.983   -1.343  -8.123  1.00 18.78 ? 50  PRO A N   1 
ATOM   365  C  CA  . PRO A 1 50  ? 4.583   -2.687  -8.460  1.00 18.85 ? 50  PRO A CA  1 
ATOM   366  C  C   . PRO A 1 50  ? 3.545   -3.805  -8.557  1.00 19.55 ? 50  PRO A C   1 
ATOM   367  O  O   . PRO A 1 50  ? 3.787   -4.823  -9.229  1.00 20.77 ? 50  PRO A O   1 
ATOM   368  C  CB  . PRO A 1 50  ? 5.544   -2.979  -7.262  1.00 16.55 ? 50  PRO A CB  1 
ATOM   369  C  CG  . PRO A 1 50  ? 5.882   -1.604  -6.710  1.00 16.62 ? 50  PRO A CG  1 
ATOM   370  C  CD  . PRO A 1 50  ? 4.675   -0.705  -6.971  1.00 17.66 ? 50  PRO A CD  1 
ATOM   371  N  N   . GLN A 1 51  ? 2.398   -3.642  -7.886  1.00 19.69 ? 51  GLN A N   1 
ATOM   372  C  CA  . GLN A 1 51  ? 1.390   -4.717  -7.911  1.00 20.91 ? 51  GLN A CA  1 
ATOM   373  C  C   . GLN A 1 51  ? 0.727   -4.857  -9.265  1.00 22.06 ? 51  GLN A C   1 
ATOM   374  O  O   . GLN A 1 51  ? 0.038   -5.868  -9.499  1.00 25.15 ? 51  GLN A O   1 
ATOM   375  C  CB  . GLN A 1 51  ? 0.295   -4.518  -6.859  1.00 17.37 ? 51  GLN A CB  1 
ATOM   376  C  CG  . GLN A 1 51  ? 0.814   -4.652  -5.431  1.00 15.91 ? 51  GLN A CG  1 
ATOM   377  C  CD  . GLN A 1 51  ? -0.322  -4.389  -4.483  1.00 16.73 ? 51  GLN A CD  1 
ATOM   378  O  OE1 . GLN A 1 51  ? -0.519  -3.244  -4.087  1.00 17.95 ? 51  GLN A OE1 1 
ATOM   379  N  NE2 . GLN A 1 51  ? -1.176  -5.402  -4.231  1.00 15.79 ? 51  GLN A NE2 1 
ATOM   380  N  N   . ILE A 1 52  ? 0.843   -3.828  -10.118 1.00 20.55 ? 52  ILE A N   1 
ATOM   381  C  CA  . ILE A 1 52  ? 0.366   -3.940  -11.468 1.00 21.07 ? 52  ILE A CA  1 
ATOM   382  C  C   . ILE A 1 52  ? 1.556   -3.870  -12.367 1.00 21.92 ? 52  ILE A C   1 
ATOM   383  O  O   . ILE A 1 52  ? 1.448   -3.397  -13.489 1.00 23.93 ? 52  ILE A O   1 
ATOM   384  C  CB  . ILE A 1 52  ? -0.661  -2.858  -11.855 1.00 23.92 ? 52  ILE A CB  1 
ATOM   385  C  CG1 . ILE A 1 52  ? -0.046  -1.443  -11.717 1.00 23.21 ? 52  ILE A CG1 1 
ATOM   386  C  CG2 . ILE A 1 52  ? -1.967  -3.084  -11.095 1.00 23.25 ? 52  ILE A CG2 1 
ATOM   387  C  CD1 . ILE A 1 52  ? -0.815  -0.316  -12.361 1.00 21.60 ? 52  ILE A CD1 1 
ATOM   388  N  N   . ALA A 1 53  ? 2.693   -4.361  -11.867 1.00 22.83 ? 53  ALA A N   1 
ATOM   389  C  CA  . ALA A 1 53  ? 3.952   -4.515  -12.638 1.00 24.86 ? 53  ALA A CA  1 
ATOM   390  C  C   . ALA A 1 53  ? 4.509   -3.182  -13.211 1.00 26.17 ? 53  ALA A C   1 
ATOM   391  O  O   . ALA A 1 53  ? 5.149   -3.171  -14.270 1.00 26.29 ? 53  ALA A O   1 
ATOM   392  C  CB  . ALA A 1 53  ? 3.845   -5.585  -13.739 1.00 22.03 ? 53  ALA A CB  1 
ATOM   393  N  N   . VAL A 1 54  ? 4.298   -2.080  -12.493 1.00 23.44 ? 54  VAL A N   1 
ATOM   394  C  CA  . VAL A 1 54  ? 4.882   -0.834  -12.900 1.00 22.38 ? 54  VAL A CA  1 
ATOM   395  C  C   . VAL A 1 54  ? 5.920   -0.488  -11.830 1.00 23.63 ? 54  VAL A C   1 
ATOM   396  O  O   . VAL A 1 54  ? 5.572   -0.265  -10.651 1.00 21.31 ? 54  VAL A O   1 
ATOM   397  C  CB  . VAL A 1 54  ? 3.827   0.248   -13.042 1.00 20.99 ? 54  VAL A CB  1 
ATOM   398  C  CG1 . VAL A 1 54  ? 4.491   1.580   -13.378 1.00 20.38 ? 54  VAL A CG1 1 
ATOM   399  C  CG2 . VAL A 1 54  ? 2.813   -0.168  -14.119 1.00 21.18 ? 54  VAL A CG2 1 
ATOM   400  N  N   . ASP A 1 55  ? 7.187   -0.466  -12.250 1.00 22.12 ? 55  ASP A N   1 
ATOM   401  C  CA  . ASP A 1 55  ? 8.290   -0.274  -11.314 1.00 23.53 ? 55  ASP A CA  1 
ATOM   402  C  C   . ASP A 1 55  ? 8.469   1.225   -10.948 1.00 24.37 ? 55  ASP A C   1 
ATOM   403  O  O   . ASP A 1 55  ? 9.402   1.883   -11.454 1.00 23.67 ? 55  ASP A O   1 
ATOM   404  C  CB  . ASP A 1 55  ? 9.555   -0.891  -11.932 1.00 22.80 ? 55  ASP A CB  1 
ATOM   405  C  CG  . ASP A 1 55  ? 10.726  -0.977  -10.939 1.00 25.48 ? 55  ASP A CG  1 
ATOM   406  O  OD1 . ASP A 1 55  ? 10.496  -0.900  -9.704  1.00 24.30 ? 55  ASP A OD1 1 
ATOM   407  O  OD2 . ASP A 1 55  ? 11.898  -1.149  -11.387 1.00 26.97 ? 55  ASP A OD2 1 
ATOM   408  N  N   . LEU A 1 56  ? 7.548   1.770   -10.135 1.00 24.20 ? 56  LEU A N   1 
ATOM   409  C  CA  . LEU A 1 56  ? 7.561   3.206   -9.740  1.00 22.78 ? 56  LEU A CA  1 
ATOM   410  C  C   . LEU A 1 56  ? 7.161   3.362   -8.287  1.00 24.93 ? 56  LEU A C   1 
ATOM   411  O  O   . LEU A 1 56  ? 6.403   2.526   -7.752  1.00 26.09 ? 56  LEU A O   1 
ATOM   412  C  CB  . LEU A 1 56  ? 6.593   4.033   -10.598 1.00 24.62 ? 56  LEU A CB  1 
ATOM   413  C  CG  . LEU A 1 56  ? 6.898   4.333   -12.101 1.00 26.09 ? 56  LEU A CG  1 
ATOM   414  C  CD1 . LEU A 1 56  ? 5.798   5.246   -12.639 1.00 23.92 ? 56  LEU A CD1 1 
ATOM   415  C  CD2 . LEU A 1 56  ? 8.265   4.980   -12.299 1.00 20.97 ? 56  LEU A CD2 1 
ATOM   416  N  N   . GLN A 1 57  ? 7.732   4.380   -7.629  1.00 23.43 ? 57  GLN A N   1 
ATOM   417  C  CA  . GLN A 1 57  ? 7.341   4.818   -6.281  1.00 19.84 ? 57  GLN A CA  1 
ATOM   418  C  C   . GLN A 1 57  ? 6.005   5.552   -6.316  1.00 20.45 ? 57  GLN A C   1 
ATOM   419  O  O   . GLN A 1 57  ? 5.923   6.794   -6.241  1.00 21.24 ? 57  GLN A O   1 
ATOM   420  C  CB  . GLN A 1 57  ? 8.432   5.716   -5.654  1.00 19.33 ? 57  GLN A CB  1 
ATOM   421  C  CG  . GLN A 1 57  ? 9.671   4.946   -5.268  1.00 18.59 ? 57  GLN A CG  1 
ATOM   422  C  CD  . GLN A 1 57  ? 10.795  5.808   -4.764  1.00 18.73 ? 57  GLN A CD  1 
ATOM   423  O  OE1 . GLN A 1 57  ? 10.596  6.850   -4.128  1.00 19.22 ? 57  GLN A OE1 1 
ATOM   424  N  NE2 . GLN A 1 57  ? 12.003  5.342   -4.998  1.00 17.86 ? 57  GLN A NE2 1 
ATOM   425  N  N   . LEU A 1 58  ? 4.935   4.777   -6.428  1.00 19.90 ? 58  LEU A N   1 
ATOM   426  C  CA  . LEU A 1 58  ? 3.618   5.323   -6.540  1.00 16.35 ? 58  LEU A CA  1 
ATOM   427  C  C   . LEU A 1 58  ? 2.566   4.358   -5.914  1.00 18.94 ? 58  LEU A C   1 
ATOM   428  O  O   . LEU A 1 58  ? 2.606   3.101   -6.078  1.00 19.25 ? 58  LEU A O   1 
ATOM   429  C  CB  . LEU A 1 58  ? 3.340   5.521   -8.026  1.00 14.18 ? 58  LEU A CB  1 
ATOM   430  C  CG  . LEU A 1 58  ? 1.988   6.092   -8.440  1.00 13.11 ? 58  LEU A CG  1 
ATOM   431  C  CD1 . LEU A 1 58  ? 1.874   7.559   -7.980  1.00 11.85 ? 58  LEU A CD1 1 
ATOM   432  C  CD2 . LEU A 1 58  ? 1.890   5.854   -9.924  1.00 12.03 ? 58  LEU A CD2 1 
ATOM   433  N  N   . MET A 1 59  ? 1.594   4.937   -5.224  1.00 18.62 ? 59  MET A N   1 
ATOM   434  C  CA  . MET A 1 59  ? 0.573   4.102   -4.576  1.00 18.06 ? 59  MET A CA  1 
ATOM   435  C  C   . MET A 1 59  ? -0.721  4.900   -4.633  1.00 16.98 ? 59  MET A C   1 
ATOM   436  O  O   . MET A 1 59  ? -0.705  6.166   -4.686  1.00 18.26 ? 59  MET A O   1 
ATOM   437  C  CB  . MET A 1 59  ? 0.968   3.803   -3.094  1.00 17.47 ? 59  MET A CB  1 
ATOM   438  C  CG  . MET A 1 59  ? 0.987   5.036   -2.242  1.00 17.16 ? 59  MET A CG  1 
ATOM   439  S  SD  . MET A 1 59  ? 1.330   4.861   -0.482  1.00 21.83 ? 59  MET A SD  1 
ATOM   440  C  CE  . MET A 1 59  ? 3.050   4.319   -0.511  1.00 19.00 ? 59  MET A CE  1 
ATOM   441  N  N   . VAL A 1 60  ? -1.839  4.195   -4.679  1.00 15.52 ? 60  VAL A N   1 
ATOM   442  C  CA  . VAL A 1 60  ? -3.128  4.864   -4.403  1.00 15.37 ? 60  VAL A CA  1 
ATOM   443  C  C   . VAL A 1 60  ? -3.709  4.198   -3.170  1.00 17.41 ? 60  VAL A C   1 
ATOM   444  O  O   . VAL A 1 60  ? -3.447  2.997   -2.924  1.00 17.21 ? 60  VAL A O   1 
ATOM   445  C  CB  . VAL A 1 60  ? -4.121  4.775   -5.604  1.00 14.04 ? 60  VAL A CB  1 
ATOM   446  C  CG1 . VAL A 1 60  ? -3.610  5.687   -6.790  1.00 13.23 ? 60  VAL A CG1 1 
ATOM   447  C  CG2 . VAL A 1 60  ? -4.385  3.326   -6.036  1.00 11.59 ? 60  VAL A CG2 1 
ATOM   448  N  N   . PHE A 1 61  ? -4.507  4.950   -2.419  1.00 17.54 ? 61  PHE A N   1 
ATOM   449  C  CA  . PHE A 1 61  ? -5.212  4.363   -1.315  1.00 17.80 ? 61  PHE A CA  1 
ATOM   450  C  C   . PHE A 1 61  ? -6.416  5.169   -0.912  1.00 19.29 ? 61  PHE A C   1 
ATOM   451  O  O   . PHE A 1 61  ? -6.596  6.303   -1.410  1.00 21.28 ? 61  PHE A O   1 
ATOM   452  C  CB  . PHE A 1 61  ? -4.252  4.183   -0.134  1.00 18.08 ? 61  PHE A CB  1 
ATOM   453  C  CG  . PHE A 1 61  ? -3.598  5.477   0.367   1.00 17.50 ? 61  PHE A CG  1 
ATOM   454  C  CD1 . PHE A 1 61  ? -2.301  5.886   -0.127  1.00 15.87 ? 61  PHE A CD1 1 
ATOM   455  C  CD2 . PHE A 1 61  ? -4.228  6.259   1.324   1.00 16.00 ? 61  PHE A CD2 1 
ATOM   456  C  CE1 . PHE A 1 61  ? -1.696  7.026   0.332   1.00 14.29 ? 61  PHE A CE1 1 
ATOM   457  C  CE2 . PHE A 1 61  ? -3.602  7.400   1.791   1.00 16.76 ? 61  PHE A CE2 1 
ATOM   458  C  CZ  . PHE A 1 61  ? -2.311  7.751   1.321   1.00 15.30 ? 61  PHE A CZ  1 
ATOM   459  N  N   . GLY A 1 62  ? -7.257  4.600   -0.035  1.00 21.54 ? 62  GLY A N   1 
ATOM   460  C  CA  . GLY A 1 62  ? -8.276  5.381   0.675   1.00 25.91 ? 62  GLY A CA  1 
ATOM   461  C  C   . GLY A 1 62  ? -9.642  4.828   0.450   1.00 33.59 ? 62  GLY A C   1 
ATOM   462  O  O   . GLY A 1 62  ? -9.803  3.870   -0.300  1.00 39.07 ? 62  GLY A O   1 
ATOM   463  N  N   . PHE A 1 63  ? -10.623 5.441   1.102   1.00 41.42 ? 63  PHE A N   1 
ATOM   464  C  CA  . PHE A 1 63  ? -12.060 5.176   0.895   1.00 51.85 ? 63  PHE A CA  1 
ATOM   465  C  C   . PHE A 1 63  ? -12.958 6.142   1.709   1.00 53.54 ? 63  PHE A C   1 
ATOM   466  O  O   . PHE A 1 63  ? -14.184 5.959   1.803   1.00 55.21 ? 63  PHE A O   1 
ATOM   467  C  CB  . PHE A 1 63  ? -12.371 3.733   1.264   1.00 51.21 ? 63  PHE A CB  1 
ATOM   468  C  CG  . PHE A 1 63  ? -12.096 3.417   2.695   1.00 62.45 ? 63  PHE A CG  1 
ATOM   469  C  CD1 . PHE A 1 63  ? -10.848 2.975   3.093   1.00 64.19 ? 63  PHE A CD1 1 
ATOM   470  C  CD2 . PHE A 1 63  ? -13.093 3.556   3.652   1.00 73.26 ? 63  PHE A CD2 1 
ATOM   471  C  CE1 . PHE A 1 63  ? -10.601 2.669   4.419   1.00 66.13 ? 63  PHE A CE1 1 
ATOM   472  C  CE2 . PHE A 1 63  ? -12.852 3.246   4.977   1.00 75.11 ? 63  PHE A CE2 1 
ATOM   473  C  CZ  . PHE A 1 63  ? -11.604 2.799   5.360   1.00 66.95 ? 63  PHE A CZ  1 
ATOM   474  N  N   . PRO A 1 73  ? -12.951 3.459   9.827   1.00 50.96 ? 73  PRO A N   1 
ATOM   475  C  CA  . PRO A 1 73  ? -12.608 4.884   9.948   1.00 56.02 ? 73  PRO A CA  1 
ATOM   476  C  C   . PRO A 1 73  ? -12.131 5.394   8.580   1.00 56.04 ? 73  PRO A C   1 
ATOM   477  O  O   . PRO A 1 73  ? -11.246 4.779   8.000   1.00 54.06 ? 73  PRO A O   1 
ATOM   478  C  CB  . PRO A 1 73  ? -11.456 4.882   10.971  1.00 54.12 ? 73  PRO A CB  1 
ATOM   479  C  CG  . PRO A 1 73  ? -11.008 3.418   11.108  1.00 48.31 ? 73  PRO A CG  1 
ATOM   480  C  CD  . PRO A 1 73  ? -11.798 2.589   10.127  1.00 50.41 ? 73  PRO A CD  1 
ATOM   481  N  N   . ALA A 1 74  ? -12.748 6.463   8.058   1.00 59.53 ? 74  ALA A N   1 
ATOM   482  C  CA  . ALA A 1 74  ? -12.560 6.908   6.650   1.00 55.53 ? 74  ALA A CA  1 
ATOM   483  C  C   . ALA A 1 74  ? -11.106 7.352   6.438   1.00 52.20 ? 74  ALA A C   1 
ATOM   484  O  O   . ALA A 1 74  ? -10.541 8.044   7.281   1.00 43.32 ? 74  ALA A O   1 
ATOM   485  C  CB  . ALA A 1 74  ? -13.547 8.024   6.243   1.00 44.62 ? 74  ALA A CB  1 
ATOM   486  N  N   . VAL A 1 75  ? -10.510 6.894   5.333   1.00 43.32 ? 75  VAL A N   1 
ATOM   487  C  CA  . VAL A 1 75  ? -9.157  7.302   4.902   1.00 37.34 ? 75  VAL A CA  1 
ATOM   488  C  C   . VAL A 1 75  ? -9.291  8.126   3.597   1.00 31.43 ? 75  VAL A C   1 
ATOM   489  O  O   . VAL A 1 75  ? -9.921  7.660   2.660   1.00 31.40 ? 75  VAL A O   1 
ATOM   490  C  CB  . VAL A 1 75  ? -8.311  6.017   4.687   1.00 35.69 ? 75  VAL A CB  1 
ATOM   491  C  CG1 . VAL A 1 75  ? -7.025  6.299   3.930   1.00 33.74 ? 75  VAL A CG1 1 
ATOM   492  C  CG2 . VAL A 1 75  ? -8.074  5.322   6.019   1.00 30.64 ? 75  VAL A CG2 1 
ATOM   493  N  N   . PRO A 1 76  ? -8.717  9.334   3.512   1.00 29.24 ? 76  PRO A N   1 
ATOM   494  C  CA  . PRO A 1 76  ? -8.990  10.054  2.234   1.00 28.26 ? 76  PRO A CA  1 
ATOM   495  C  C   . PRO A 1 76  ? -8.385  9.389   0.974   1.00 27.74 ? 76  PRO A C   1 
ATOM   496  O  O   . PRO A 1 76  ? -7.284  8.812   1.015   1.00 28.37 ? 76  PRO A O   1 
ATOM   497  C  CB  . PRO A 1 76  ? -8.373  11.442  2.459   1.00 27.59 ? 76  PRO A CB  1 
ATOM   498  C  CG  . PRO A 1 76  ? -7.283  11.211  3.454   1.00 29.48 ? 76  PRO A CG  1 
ATOM   499  C  CD  . PRO A 1 76  ? -7.638  9.982   4.287   1.00 30.51 ? 76  PRO A CD  1 
ATOM   500  N  N   . LEU A 1 77  ? -9.125  9.437   -0.124  1.00 25.84 ? 77  LEU A N   1 
ATOM   501  C  CA  . LEU A 1 77  ? -8.643  8.902   -1.384  1.00 26.72 ? 77  LEU A CA  1 
ATOM   502  C  C   . LEU A 1 77  ? -7.373  9.674   -1.788  1.00 24.42 ? 77  LEU A C   1 
ATOM   503  O  O   . LEU A 1 77  ? -7.377  10.889  -1.826  1.00 22.27 ? 77  LEU A O   1 
ATOM   504  C  CB  . LEU A 1 77  ? -9.739  9.007   -2.458  1.00 26.72 ? 77  LEU A CB  1 
ATOM   505  C  CG  . LEU A 1 77  ? -10.864 7.956   -2.329  1.00 29.09 ? 77  LEU A CG  1 
ATOM   506  C  CD1 . LEU A 1 77  ? -12.144 8.348   -3.120  1.00 27.97 ? 77  LEU A CD1 1 
ATOM   507  C  CD2 . LEU A 1 77  ? -10.336 6.597   -2.763  1.00 25.99 ? 77  LEU A CD2 1 
ATOM   508  N  N   . THR A 1 78  ? -6.281  8.977   -2.088  1.00 22.28 ? 78  THR A N   1 
ATOM   509  C  CA  . THR A 1 78  ? -5.024  9.698   -2.268  1.00 20.64 ? 78  THR A CA  1 
ATOM   510  C  C   . THR A 1 78  ? -4.187  8.951   -3.284  1.00 20.98 ? 78  THR A C   1 
ATOM   511  O  O   . THR A 1 78  ? -4.134  7.662   -3.261  1.00 20.01 ? 78  THR A O   1 
ATOM   512  C  CB  . THR A 1 78  ? -4.211  9.751   -0.936  1.00 21.87 ? 78  THR A CB  1 
ATOM   513  O  OG1 . THR A 1 78  ? -5.055  10.221  0.137   1.00 22.89 ? 78  THR A OG1 1 
ATOM   514  C  CG2 . THR A 1 78  ? -2.946  10.667  -1.072  1.00 20.88 ? 78  THR A CG2 1 
ATOM   515  N  N   . ALA A 1 79  ? -3.510  9.736   -4.144  1.00 18.03 ? 79  ALA A N   1 
ATOM   516  C  CA  . ALA A 1 79  ? -2.461  9.203   -5.008  1.00 16.90 ? 79  ALA A CA  1 
ATOM   517  C  C   . ALA A 1 79  ? -1.182  9.833   -4.530  1.00 17.57 ? 79  ALA A C   1 
ATOM   518  O  O   . ALA A 1 79  ? -1.096  11.038  -4.443  1.00 21.37 ? 79  ALA A O   1 
ATOM   519  C  CB  . ALA A 1 79  ? -2.753  9.545   -6.457  1.00 15.06 ? 79  ALA A CB  1 
ATOM   520  N  N   . LEU A 1 80  ? -0.183  9.029   -4.188  1.00 18.82 ? 80  LEU A N   1 
ATOM   521  C  CA  . LEU A 1 80  ? 1.037   9.535   -3.551  1.00 17.19 ? 80  LEU A CA  1 
ATOM   522  C  C   . LEU A 1 80  ? 2.247   8.997   -4.320  1.00 17.92 ? 80  LEU A C   1 
ATOM   523  O  O   . LEU A 1 80  ? 2.398   7.779   -4.468  1.00 18.24 ? 80  LEU A O   1 
ATOM   524  C  CB  . LEU A 1 80  ? 1.103   9.103   -2.076  1.00 17.36 ? 80  LEU A CB  1 
ATOM   525  C  CG  . LEU A 1 80  ? 2.267   9.567   -1.176  1.00 19.59 ? 80  LEU A CG  1 
ATOM   526  C  CD1 . LEU A 1 80  ? 2.262   11.086  -1.007  1.00 17.44 ? 80  LEU A CD1 1 
ATOM   527  C  CD2 . LEU A 1 80  ? 2.199   8.918   0.204   1.00 20.49 ? 80  LEU A CD2 1 
ATOM   528  N  N   . ALA A 1 81  ? 3.087   9.923   -4.819  1.00 18.70 ? 81  ALA A N   1 
ATOM   529  C  CA  . ALA A 1 81  ? 4.367   9.593   -5.516  1.00 17.83 ? 81  ALA A CA  1 
ATOM   530  C  C   . ALA A 1 81  ? 5.553   9.868   -4.572  1.00 17.01 ? 81  ALA A C   1 
ATOM   531  O  O   . ALA A 1 81  ? 5.496   10.799  -3.760  1.00 15.60 ? 81  ALA A O   1 
ATOM   532  C  CB  . ALA A 1 81  ? 4.528   10.432  -6.788  1.00 16.79 ? 81  ALA A CB  1 
ATOM   533  N  N   . ASN A 1 82  ? 6.600   9.051   -4.699  1.00 18.28 ? 82  ASN A N   1 
ATOM   534  C  CA  . ASN A 1 82  ? 7.875   9.257   -4.011  1.00 21.15 ? 82  ASN A CA  1 
ATOM   535  C  C   . ASN A 1 82  ? 7.712   9.359   -2.506  1.00 21.80 ? 82  ASN A C   1 
ATOM   536  O  O   . ASN A 1 82  ? 8.389   10.180  -1.882  1.00 22.85 ? 82  ASN A O   1 
ATOM   537  C  CB  . ASN A 1 82  ? 8.585   10.496  -4.575  1.00 19.51 ? 82  ASN A CB  1 
ATOM   538  C  CG  . ASN A 1 82  ? 8.793   10.381  -6.055  1.00 23.09 ? 82  ASN A CG  1 
ATOM   539  O  OD1 . ASN A 1 82  ? 8.865   9.252   -6.586  1.00 23.57 ? 82  ASN A OD1 1 
ATOM   540  N  ND2 . ASN A 1 82  ? 8.854   11.536  -6.768  1.00 25.02 ? 82  ASN A ND2 1 
ATOM   541  N  N   . ALA A 1 83  ? 6.815   8.528   -1.955  1.00 20.65 ? 83  ALA A N   1 
ATOM   542  C  CA  . ALA A 1 83  ? 6.494   8.517   -0.520  1.00 22.04 ? 83  ALA A CA  1 
ATOM   543  C  C   . ALA A 1 83  ? 7.700   8.323   0.370   1.00 23.75 ? 83  ALA A C   1 
ATOM   544  O  O   . ALA A 1 83  ? 8.593   7.525   0.073   1.00 20.95 ? 83  ALA A O   1 
ATOM   545  C  CB  . ALA A 1 83  ? 5.461   7.445   -0.192  1.00 19.91 ? 83  ALA A CB  1 
ATOM   546  N  N   . GLN A 1 84  ? 7.696   9.044   1.483   1.00 27.07 ? 84  GLN A N   1 
ATOM   547  C  CA  . GLN A 1 84  ? 8.718   8.884   2.528   1.00 30.25 ? 84  GLN A CA  1 
ATOM   548  C  C   . GLN A 1 84  ? 7.974   8.869   3.808   1.00 29.56 ? 84  GLN A C   1 
ATOM   549  O  O   . GLN A 1 84  ? 7.083   9.715   4.029   1.00 29.66 ? 84  GLN A O   1 
ATOM   550  C  CB  . GLN A 1 84  ? 9.633   10.098  2.600   1.00 33.68 ? 84  GLN A CB  1 
ATOM   551  C  CG  . GLN A 1 84  ? 10.818  10.100  1.658   1.00 39.38 ? 84  GLN A CG  1 
ATOM   552  C  CD  . GLN A 1 84  ? 11.421  11.510  1.605   1.00 53.71 ? 84  GLN A CD  1 
ATOM   553  O  OE1 . GLN A 1 84  ? 11.947  11.929  0.574   1.00 55.84 ? 84  GLN A OE1 1 
ATOM   554  N  NE2 . GLN A 1 84  ? 11.314  12.264  2.723   1.00 48.46 ? 84  GLN A NE2 1 
ATOM   555  N  N   . ILE A 1 85  ? 8.347   7.930   4.665   1.00 29.25 ? 85  ILE A N   1 
ATOM   556  C  CA  . ILE A 1 85  ? 7.641   7.696   5.919   1.00 29.58 ? 85  ILE A CA  1 
ATOM   557  C  C   . ILE A 1 85  ? 8.622   7.791   7.103   1.00 29.61 ? 85  ILE A C   1 
ATOM   558  O  O   . ILE A 1 85  ? 9.762   7.306   7.007   1.00 26.37 ? 85  ILE A O   1 
ATOM   559  C  CB  . ILE A 1 85  ? 7.052   6.271   5.850   1.00 32.89 ? 85  ILE A CB  1 
ATOM   560  C  CG1 . ILE A 1 85  ? 5.881   6.261   4.896   1.00 33.01 ? 85  ILE A CG1 1 
ATOM   561  C  CG2 . ILE A 1 85  ? 6.671   5.728   7.211   1.00 33.25 ? 85  ILE A CG2 1 
ATOM   562  C  CD1 . ILE A 1 85  ? 5.380   4.863   4.668   1.00 39.95 ? 85  ILE A CD1 1 
ATOM   563  N  N   . GLU A 1 86  ? 8.179   8.441   8.190   1.00 31.65 ? 86  GLU A N   1 
ATOM   564  C  CA  . GLU A 1 86  ? 8.871   8.435   9.503   1.00 34.16 ? 86  GLU A CA  1 
ATOM   565  C  C   . GLU A 1 86  ? 7.853   8.060   10.584  1.00 32.88 ? 86  GLU A C   1 
ATOM   566  O  O   . GLU A 1 86  ? 6.726   8.595   10.625  1.00 32.26 ? 86  GLU A O   1 
ATOM   567  C  CB  . GLU A 1 86  ? 9.464   9.804   9.952   1.00 37.37 ? 86  GLU A CB  1 
ATOM   568  C  CG  . GLU A 1 86  ? 9.655   10.938  8.948   1.00 48.11 ? 86  GLU A CG  1 
ATOM   569  C  CD  . GLU A 1 86  ? 9.864   12.325  9.612   1.00 57.09 ? 86  GLU A CD  1 
ATOM   570  O  OE1 . GLU A 1 86  ? 9.259   13.337  9.127   1.00 53.18 ? 86  GLU A OE1 1 
ATOM   571  O  OE2 . GLU A 1 86  ? 10.621  12.414  10.626  1.00 54.49 ? 86  GLU A OE2 1 
ATOM   572  N  N   . PRO A 1 87  ? 8.268   7.182   11.501  1.00 32.92 ? 87  PRO A N   1 
ATOM   573  C  CA  . PRO A 1 87  ? 7.485   6.935   12.715  1.00 29.38 ? 87  PRO A CA  1 
ATOM   574  C  C   . PRO A 1 87  ? 7.472   8.204   13.589  1.00 28.59 ? 87  PRO A C   1 
ATOM   575  O  O   . PRO A 1 87  ? 8.473   8.907   13.641  1.00 26.97 ? 87  PRO A O   1 
ATOM   576  C  CB  . PRO A 1 87  ? 8.257   5.814   13.404  1.00 29.63 ? 87  PRO A CB  1 
ATOM   577  C  CG  . PRO A 1 87  ? 9.650   5.853   12.837  1.00 31.70 ? 87  PRO A CG  1 
ATOM   578  C  CD  . PRO A 1 87  ? 9.542   6.417   11.450  1.00 31.47 ? 87  PRO A CD  1 
ATOM   579  N  N   . LEU A 1 88  ? 6.334   8.520   14.205  1.00 25.55 ? 88  LEU A N   1 
ATOM   580  C  CA  . LEU A 1 88  ? 6.225   9.644   15.180  1.00 26.43 ? 88  LEU A CA  1 
ATOM   581  C  C   . LEU A 1 88  ? 6.367   9.240   16.670  1.00 27.53 ? 88  LEU A C   1 
ATOM   582  O  O   . LEU A 1 88  ? 6.354   10.104  17.552  1.00 27.29 ? 88  LEU A O   1 
ATOM   583  C  CB  . LEU A 1 88  ? 4.909   10.436  14.967  1.00 23.06 ? 88  LEU A CB  1 
ATOM   584  C  CG  . LEU A 1 88  ? 4.956   11.116  13.586  1.00 22.32 ? 88  LEU A CG  1 
ATOM   585  C  CD1 . LEU A 1 88  ? 3.816   12.066  13.455  1.00 22.54 ? 88  LEU A CD1 1 
ATOM   586  C  CD2 . LEU A 1 88  ? 6.265   11.843  13.284  1.00 22.57 ? 88  LEU A CD2 1 
ATOM   587  N  N   . SER A 1 89  ? 6.436   7.925   16.915  1.00 26.91 ? 89  SER A N   1 
ATOM   588  C  CA  . SER A 1 89  ? 6.904   7.335   18.166  1.00 30.92 ? 89  SER A CA  1 
ATOM   589  C  C   . SER A 1 89  ? 7.187   5.849   17.932  1.00 33.38 ? 89  SER A C   1 
ATOM   590  O  O   . SER A 1 89  ? 7.109   5.366   16.791  1.00 33.49 ? 89  SER A O   1 
ATOM   591  C  CB  . SER A 1 89  ? 5.901   7.490   19.296  1.00 28.93 ? 89  SER A CB  1 
ATOM   592  O  OG  . SER A 1 89  ? 4.888   6.542   19.199  1.00 27.30 ? 89  SER A OG  1 
ATOM   593  N  N   . ASP A 1 90  ? 7.518   5.153   19.014  1.00 33.65 ? 90  ASP A N   1 
ATOM   594  C  CA  . ASP A 1 90  ? 7.758   3.731   18.993  1.00 32.44 ? 90  ASP A CA  1 
ATOM   595  C  C   . ASP A 1 90  ? 6.512   2.893   19.237  1.00 29.77 ? 90  ASP A C   1 
ATOM   596  O  O   . ASP A 1 90  ? 6.610   1.728   18.986  1.00 31.79 ? 90  ASP A O   1 
ATOM   597  C  CB  . ASP A 1 90  ? 8.879   3.332   19.988  1.00 43.46 ? 90  ASP A CB  1 
ATOM   598  C  CG  . ASP A 1 90  ? 10.303  3.639   19.455  1.00 53.15 ? 90  ASP A CG  1 
ATOM   599  O  OD1 . ASP A 1 90  ? 10.530  3.538   18.216  1.00 56.48 ? 90  ASP A OD1 1 
ATOM   600  O  OD2 . ASP A 1 90  ? 11.201  3.976   20.278  1.00 55.22 ? 90  ASP A OD2 1 
ATOM   601  N  N   . GLU A 1 91  ? 5.359   3.433   19.687  1.00 26.75 ? 91  GLU A N   1 
ATOM   602  C  CA  . GLU A 1 91  ? 4.129   2.596   19.850  1.00 28.13 ? 91  GLU A CA  1 
ATOM   603  C  C   . GLU A 1 91  ? 3.825   1.784   18.535  1.00 30.10 ? 91  GLU A C   1 
ATOM   604  O  O   . GLU A 1 91  ? 3.737   2.359   17.428  1.00 24.90 ? 91  GLU A O   1 
ATOM   605  C  CB  . GLU A 1 91  ? 2.882   3.390   20.376  1.00 29.78 ? 91  GLU A CB  1 
ATOM   606  C  CG  . GLU A 1 91  ? 1.752   2.612   21.144  1.00 28.29 ? 91  GLU A CG  1 
ATOM   607  C  CD  . GLU A 1 91  ? 0.693   3.561   21.701  1.00 34.59 ? 91  GLU A CD  1 
ATOM   608  O  OE1 . GLU A 1 91  ? 0.990   4.772   21.413  1.00 34.35 ? 91  GLU A OE1 1 
ATOM   609  O  OE2 . GLU A 1 91  ? -0.394  3.184   22.419  1.00 34.14 ? 91  GLU A OE2 1 
ATOM   610  N  N   . MET A 1 92  ? 3.812   0.441   18.676  1.00 31.61 ? 92  MET A N   1 
ATOM   611  C  CA  . MET A 1 92  ? 3.324   -0.501  17.675  1.00 30.76 ? 92  MET A CA  1 
ATOM   612  C  C   . MET A 1 92  ? 1.852   -0.839  18.022  1.00 31.81 ? 92  MET A C   1 
ATOM   613  O  O   . MET A 1 92  ? 1.425   -0.720  19.171  1.00 30.38 ? 92  MET A O   1 
ATOM   614  C  CB  . MET A 1 92  ? 4.161   -1.805  17.637  1.00 31.87 ? 92  MET A CB  1 
ATOM   615  C  CG  . MET A 1 92  ? 5.670   -1.641  17.462  1.00 32.42 ? 92  MET A CG  1 
ATOM   616  S  SD  . MET A 1 92  ? 6.080   -0.810  15.943  1.00 38.17 ? 92  MET A SD  1 
ATOM   617  C  CE  . MET A 1 92  ? 6.048   -2.106  14.701  1.00 28.91 ? 92  MET A CE  1 
ATOM   618  N  N   . GLU A 1 93  ? 1.080   -1.225  17.014  1.00 29.97 ? 93  GLU A N   1 
ATOM   619  C  CA  . GLU A 1 93  ? -0.253  -1.713  17.224  1.00 30.99 ? 93  GLU A CA  1 
ATOM   620  C  C   . GLU A 1 93  ? -0.499  -2.885  16.242  1.00 31.88 ? 93  GLU A C   1 
ATOM   621  O  O   . GLU A 1 93  ? -0.121  -2.818  15.047  1.00 29.07 ? 93  GLU A O   1 
ATOM   622  C  CB  . GLU A 1 93  ? -1.186  -0.573  16.960  1.00 32.24 ? 93  GLU A CB  1 
ATOM   623  C  CG  . GLU A 1 93  ? -2.608  -0.695  17.419  1.00 35.40 ? 93  GLU A CG  1 
ATOM   624  C  CD  . GLU A 1 93  ? -3.283  0.634   17.166  1.00 40.44 ? 93  GLU A CD  1 
ATOM   625  O  OE1 . GLU A 1 93  ? -3.596  0.903   15.997  1.00 39.74 ? 93  GLU A OE1 1 
ATOM   626  O  OE2 . GLU A 1 93  ? -3.418  1.458   18.093  1.00 42.68 ? 93  GLU A OE2 1 
ATOM   627  N  N   . ASN A 1 94  ? -1.069  -3.969  16.766  1.00 27.20 ? 94  ASN A N   1 
ATOM   628  C  CA  . ASN A 1 94  ? -1.439  -5.120  15.942  1.00 27.85 ? 94  ASN A CA  1 
ATOM   629  C  C   . ASN A 1 94  ? -2.771  -4.844  15.202  1.00 26.66 ? 94  ASN A C   1 
ATOM   630  O  O   . ASN A 1 94  ? -3.636  -4.154  15.720  1.00 25.62 ? 94  ASN A O   1 
ATOM   631  C  CB  . ASN A 1 94  ? -1.504  -6.397  16.798  1.00 25.71 ? 94  ASN A CB  1 
ATOM   632  C  CG  . ASN A 1 94  ? -0.116  -6.869  17.282  1.00 30.34 ? 94  ASN A CG  1 
ATOM   633  O  OD1 . ASN A 1 94  ? 0.080   -7.077  18.473  1.00 29.53 ? 94  ASN A OD1 1 
ATOM   634  N  ND2 . ASN A 1 94  ? 0.838   -7.063  16.363  1.00 26.83 ? 94  ASN A ND2 1 
ATOM   635  N  N   . GLY A 1 95  ? -2.920  -5.369  13.988  1.00 25.13 ? 95  GLY A N   1 
ATOM   636  C  CA  . GLY A 1 95  ? -4.126  -5.161  13.175  1.00 21.74 ? 95  GLY A CA  1 
ATOM   637  C  C   . GLY A 1 95  ? -4.108  -6.151  12.010  1.00 22.35 ? 95  GLY A C   1 
ATOM   638  O  O   . GLY A 1 95  ? -3.027  -6.647  11.626  1.00 22.89 ? 95  GLY A O   1 
ATOM   639  N  N   . TRP A 1 96  ? -5.298  -6.485  11.511  1.00 20.10 ? 96  TRP A N   1 
ATOM   640  C  CA  . TRP A 1 96  ? -5.495  -7.361  10.373  1.00 21.74 ? 96  TRP A CA  1 
ATOM   641  C  C   . TRP A 1 96  ? -5.027  -6.699  9.029   1.00 25.26 ? 96  TRP A C   1 
ATOM   642  O  O   . TRP A 1 96  ? -5.370  -5.520  8.714   1.00 22.42 ? 96  TRP A O   1 
ATOM   643  C  CB  . TRP A 1 96  ? -6.968  -7.769  10.281  1.00 20.93 ? 96  TRP A CB  1 
ATOM   644  C  CG  . TRP A 1 96  ? -7.337  -8.747  11.383  1.00 27.67 ? 96  TRP A CG  1 
ATOM   645  C  CD1 . TRP A 1 96  ? -8.119  -8.502  12.532  1.00 24.98 ? 96  TRP A CD1 1 
ATOM   646  C  CD2 . TRP A 1 96  ? -6.894  -10.133 11.493  1.00 26.32 ? 96  TRP A CD2 1 
ATOM   647  N  NE1 . TRP A 1 96  ? -8.209  -9.663  13.283  1.00 26.97 ? 96  TRP A NE1 1 
ATOM   648  C  CE2 . TRP A 1 96  ? -7.470  -10.664 12.690  1.00 25.95 ? 96  TRP A CE2 1 
ATOM   649  C  CE3 . TRP A 1 96  ? -6.078  -10.958 10.702  1.00 24.51 ? 96  TRP A CE3 1 
ATOM   650  C  CZ2 . TRP A 1 96  ? -7.247  -11.978 13.103  1.00 24.69 ? 96  TRP A CZ2 1 
ATOM   651  C  CZ3 . TRP A 1 96  ? -5.872  -12.283 11.113  1.00 25.78 ? 96  TRP A CZ3 1 
ATOM   652  C  CH2 . TRP A 1 96  ? -6.456  -12.776 12.308  1.00 24.25 ? 96  TRP A CH2 1 
ATOM   653  N  N   . GLU A 1 97  ? -4.240  -7.443  8.260   1.00 21.49 ? 97  GLU A N   1 
ATOM   654  C  CA  . GLU A 1 97  ? -3.902  -6.998  6.926   1.00 22.28 ? 97  GLU A CA  1 
ATOM   655  C  C   . GLU A 1 97  ? -4.229  -8.088  5.904   1.00 23.00 ? 97  GLU A C   1 
ATOM   656  O  O   . GLU A 1 97  ? -4.138  -9.309  6.231   1.00 21.65 ? 97  GLU A O   1 
ATOM   657  C  CB  . GLU A 1 97  ? -2.427  -6.596  6.893   1.00 21.13 ? 97  GLU A CB  1 
ATOM   658  C  CG  . GLU A 1 97  ? -2.197  -5.327  7.723   1.00 19.17 ? 97  GLU A CG  1 
ATOM   659  C  CD  . GLU A 1 97  ? -0.821  -4.750  7.559   1.00 20.43 ? 97  GLU A CD  1 
ATOM   660  O  OE1 . GLU A 1 97  ? -0.158  -4.905  6.492   1.00 20.94 ? 97  GLU A OE1 1 
ATOM   661  O  OE2 . GLU A 1 97  ? -0.387  -4.095  8.504   1.00 22.37 ? 97  GLU A OE2 1 
ATOM   662  N  N   . GLY A 1 98  ? -4.670  -7.672  4.718   1.00 19.47 ? 98  GLY A N   1 
ATOM   663  C  CA  . GLY A 1 98  ? -4.699  -8.570  3.564   1.00 20.20 ? 98  GLY A CA  1 
ATOM   664  C  C   . GLY A 1 98  ? -3.978  -7.846  2.429   1.00 22.81 ? 98  GLY A C   1 
ATOM   665  O  O   . GLY A 1 98  ? -3.582  -6.696  2.583   1.00 23.04 ? 98  GLY A O   1 
ATOM   666  N  N   . CYS A 1 99  ? -3.859  -8.468  1.266   1.00 22.19 ? 99  CYS A N   1 
ATOM   667  C  CA  . CYS A 1 99  ? -3.218  -7.838  0.158   1.00 22.19 ? 99  CYS A CA  1 
ATOM   668  C  C   . CYS A 1 99  ? -3.848  -8.417  -1.132  1.00 23.62 ? 99  CYS A C   1 
ATOM   669  O  O   . CYS A 1 99  ? -3.943  -9.654  -1.294  1.00 24.88 ? 99  CYS A O   1 
ATOM   670  C  CB  . CYS A 1 99  ? -1.725  -8.159  0.252   1.00 22.67 ? 99  CYS A CB  1 
ATOM   671  S  SG  . CYS A 1 99  ? -0.612  -7.479  -1.004  1.00 23.33 ? 99  CYS A SG  1 
ATOM   672  N  N   . LEU A 1 100 ? -4.198  -7.552  -2.086  1.00 24.52 ? 100 LEU A N   1 
ATOM   673  C  CA  . LEU A 1 100 ? -4.684  -8.040  -3.413  1.00 24.98 ? 100 LEU A CA  1 
ATOM   674  C  C   . LEU A 1 100 ? -3.724  -8.969  -4.168  1.00 24.51 ? 100 LEU A C   1 
ATOM   675  O  O   . LEU A 1 100 ? -4.181  -9.741  -4.990  1.00 24.81 ? 100 LEU A O   1 
ATOM   676  C  CB  . LEU A 1 100 ? -5.094  -6.891  -4.331  1.00 22.84 ? 100 LEU A CB  1 
ATOM   677  C  CG  . LEU A 1 100 ? -6.042  -5.944  -3.636  1.00 22.41 ? 100 LEU A CG  1 
ATOM   678  C  CD1 . LEU A 1 100 ? -6.178  -4.602  -4.401  1.00 23.02 ? 100 LEU A CD1 1 
ATOM   679  C  CD2 . LEU A 1 100 ? -7.354  -6.699  -3.422  1.00 21.02 ? 100 LEU A CD2 1 
ATOM   680  N  N   . SER A 1 101 ? -2.418  -8.922  -3.876  1.00 23.43 ? 101 SER A N   1 
ATOM   681  C  CA  . SER A 1 101 ? -1.467  -9.819  -4.579  1.00 21.55 ? 101 SER A CA  1 
ATOM   682  C  C   . SER A 1 101 ? -1.361  -11.156 -3.820  1.00 22.84 ? 101 SER A C   1 
ATOM   683  O  O   . SER A 1 101 ? -0.618  -12.040 -4.264  1.00 21.66 ? 101 SER A O   1 
ATOM   684  C  CB  . SER A 1 101 ? -0.050  -9.198  -4.669  1.00 20.90 ? 101 SER A CB  1 
ATOM   685  O  OG  . SER A 1 101 ? -0.046  -7.979  -5.386  1.00 21.26 ? 101 SER A OG  1 
ATOM   686  N  N   . ILE A 1 102 ? -2.053  -11.289 -2.672  1.00 21.43 ? 102 ILE A N   1 
ATOM   687  C  CA  . ILE A 1 102 ? -2.020  -12.553 -1.885  1.00 23.19 ? 102 ILE A CA  1 
ATOM   688  C  C   . ILE A 1 102 ? -3.488  -12.925 -1.588  1.00 23.50 ? 102 ILE A C   1 
ATOM   689  O  O   . ILE A 1 102 ? -3.891  -12.956 -0.413  1.00 24.15 ? 102 ILE A O   1 
ATOM   690  C  CB  . ILE A 1 102 ? -1.193  -12.430 -0.530  1.00 22.12 ? 102 ILE A CB  1 
ATOM   691  C  CG1 . ILE A 1 102 ? 0.203   -11.766 -0.723  1.00 23.98 ? 102 ILE A CG1 1 
ATOM   692  C  CG2 . ILE A 1 102 ? -1.023  -13.785 0.160   1.00 20.32 ? 102 ILE A CG2 1 
ATOM   693  C  CD1 . ILE A 1 102 ? 0.873   -11.232 0.574   1.00 22.48 ? 102 ILE A CD1 1 
ATOM   694  N  N   . PRO A 1 103 ? -4.304  -13.176 -2.636  1.00 23.44 ? 103 PRO A N   1 
ATOM   695  C  CA  . PRO A 1 103 ? -5.800  -13.209 -2.410  1.00 24.57 ? 103 PRO A CA  1 
ATOM   696  C  C   . PRO A 1 103 ? -6.253  -14.372 -1.490  1.00 25.87 ? 103 PRO A C   1 
ATOM   697  O  O   . PRO A 1 103 ? -5.658  -15.438 -1.566  1.00 25.85 ? 103 PRO A O   1 
ATOM   698  C  CB  . PRO A 1 103 ? -6.376  -13.408 -3.823  1.00 22.15 ? 103 PRO A CB  1 
ATOM   699  C  CG  . PRO A 1 103 ? -5.249  -14.036 -4.610  1.00 21.99 ? 103 PRO A CG  1 
ATOM   700  C  CD  . PRO A 1 103 ? -3.953  -13.455 -4.047  1.00 22.80 ? 103 PRO A CD  1 
ATOM   701  N  N   . GLY A 1 104 ? -7.273  -14.143 -0.636  1.00 26.28 ? 104 GLY A N   1 
ATOM   702  C  CA  . GLY A 1 104 ? -7.841  -15.158 0.248   1.00 25.54 ? 104 GLY A CA  1 
ATOM   703  C  C   . GLY A 1 104 ? -7.281  -15.164 1.676   1.00 28.04 ? 104 GLY A C   1 
ATOM   704  O  O   . GLY A 1 104 ? -7.868  -15.756 2.583   1.00 29.91 ? 104 GLY A O   1 
ATOM   705  N  N   . LEU A 1 105 ? -6.158  -14.485 1.897   1.00 26.85 ? 105 LEU A N   1 
ATOM   706  C  CA  . LEU A 1 105 ? -5.424  -14.639 3.146   1.00 26.21 ? 105 LEU A CA  1 
ATOM   707  C  C   . LEU A 1 105 ? -5.416  -13.353 3.942   1.00 26.32 ? 105 LEU A C   1 
ATOM   708  O  O   . LEU A 1 105 ? -5.615  -12.266 3.407   1.00 27.45 ? 105 LEU A O   1 
ATOM   709  C  CB  . LEU A 1 105 ? -3.991  -15.162 2.885   1.00 24.74 ? 105 LEU A CB  1 
ATOM   710  C  CG  . LEU A 1 105 ? -3.942  -16.644 2.430   1.00 26.82 ? 105 LEU A CG  1 
ATOM   711  C  CD1 . LEU A 1 105 ? -2.782  -16.894 1.529   1.00 32.10 ? 105 LEU A CD1 1 
ATOM   712  C  CD2 . LEU A 1 105 ? -3.850  -17.649 3.575   1.00 27.63 ? 105 LEU A CD2 1 
ATOM   713  N  N   . ARG A 1 106 ? -5.222  -13.494 5.235   1.00 25.50 ? 106 ARG A N   1 
ATOM   714  C  CA  . ARG A 1 106 ? -4.990  -12.378 6.078   1.00 25.79 ? 106 ARG A CA  1 
ATOM   715  C  C   . ARG A 1 106 ? -4.102  -12.796 7.266   1.00 24.19 ? 106 ARG A C   1 
ATOM   716  O  O   . ARG A 1 106 ? -3.918  -13.992 7.528   1.00 24.49 ? 106 ARG A O   1 
ATOM   717  C  CB  . ARG A 1 106 ? -6.288  -11.579 6.368   1.00 28.98 ? 106 ARG A CB  1 
ATOM   718  C  CG  . ARG A 1 106 ? -7.399  -12.369 6.952   1.00 33.73 ? 106 ARG A CG  1 
ATOM   719  C  CD  . ARG A 1 106 ? -8.623  -11.532 7.210   1.00 39.48 ? 106 ARG A CD  1 
ATOM   720  N  NE  . ARG A 1 106 ? -9.042  -11.728 8.598   1.00 43.98 ? 106 ARG A NE  1 
ATOM   721  C  CZ  . ARG A 1 106 ? -10.057 -12.480 9.005   1.00 49.01 ? 106 ARG A CZ  1 
ATOM   722  N  NH1 . ARG A 1 106 ? -10.827 -13.096 8.121   1.00 54.26 ? 106 ARG A NH1 1 
ATOM   723  N  NH2 . ARG A 1 106 ? -10.316 -12.598 10.307  1.00 48.18 ? 106 ARG A NH2 1 
ATOM   724  N  N   . ALA A 1 107 ? -3.391  -11.834 7.867   1.00 23.67 ? 107 ALA A N   1 
ATOM   725  C  CA  . ALA A 1 107 ? -2.647  -12.086 9.093   1.00 20.84 ? 107 ALA A CA  1 
ATOM   726  C  C   . ALA A 1 107 ? -2.756  -10.844 9.929   1.00 22.71 ? 107 ALA A C   1 
ATOM   727  O  O   . ALA A 1 107 ? -3.236  -9.843  9.433   1.00 22.67 ? 107 ALA A O   1 
ATOM   728  C  CB  . ALA A 1 107 ? -1.190  -12.435 8.820   1.00 20.10 ? 107 ALA A CB  1 
ATOM   729  N  N   . VAL A 1 108 ? -2.355  -10.936 11.209  1.00 22.13 ? 108 VAL A N   1 
ATOM   730  C  CA  . VAL A 1 108 ? -2.187  -9.827  12.091  1.00 22.10 ? 108 VAL A CA  1 
ATOM   731  C  C   . VAL A 1 108 ? -0.735  -9.356  11.996  1.00 22.92 ? 108 VAL A C   1 
ATOM   732  O  O   . VAL A 1 108 ? 0.192   -10.191 12.126  1.00 21.13 ? 108 VAL A O   1 
ATOM   733  C  CB  . VAL A 1 108 ? -2.471  -10.238 13.577  1.00 23.20 ? 108 VAL A CB  1 
ATOM   734  C  CG1 . VAL A 1 108 ? -2.068  -9.139  14.539  1.00 20.33 ? 108 VAL A CG1 1 
ATOM   735  C  CG2 . VAL A 1 108 ? -3.944  -10.473 13.771  1.00 24.12 ? 108 VAL A CG2 1 
ATOM   736  N  N   . ILE A 1 109 ? -0.538  -8.029  11.863  1.00 21.19 ? 109 ILE A N   1 
ATOM   737  C  CA  . ILE A 1 109 ? 0.789   -7.436  11.639  1.00 20.33 ? 109 ILE A CA  1 
ATOM   738  C  C   . ILE A 1 109 ? 1.007   -6.250  12.578  1.00 22.60 ? 109 ILE A C   1 
ATOM   739  O  O   . ILE A 1 109 ? 0.111   -5.401  12.745  1.00 22.69 ? 109 ILE A O   1 
ATOM   740  C  CB  . ILE A 1 109 ? 0.878   -6.876  10.164  1.00 19.61 ? 109 ILE A CB  1 
ATOM   741  C  CG1 . ILE A 1 109 ? 0.496   -7.968  9.128   1.00 18.40 ? 109 ILE A CG1 1 
ATOM   742  C  CG2 . ILE A 1 109 ? 2.234   -6.319  9.849   1.00 16.03 ? 109 ILE A CG2 1 
ATOM   743  C  CD1 . ILE A 1 109 ? 1.449   -9.153  9.145   1.00 17.64 ? 109 ILE A CD1 1 
ATOM   744  N  N   . PRO A 1 110 ? 2.201   -6.175  13.203  1.00 26.32 ? 110 PRO A N   1 
ATOM   745  C  CA  . PRO A 1 110 ? 2.480   -4.967  13.971  1.00 26.17 ? 110 PRO A CA  1 
ATOM   746  C  C   . PRO A 1 110 ? 2.920   -3.784  13.051  1.00 25.91 ? 110 PRO A C   1 
ATOM   747  O  O   . PRO A 1 110 ? 3.845   -3.915  12.257  1.00 26.90 ? 110 PRO A O   1 
ATOM   748  C  CB  . PRO A 1 110 ? 3.624   -5.417  14.896  1.00 23.67 ? 110 PRO A CB  1 
ATOM   749  C  CG  . PRO A 1 110 ? 4.352   -6.434  14.094  1.00 24.69 ? 110 PRO A CG  1 
ATOM   750  C  CD  . PRO A 1 110 ? 3.320   -7.160  13.286  1.00 24.62 ? 110 PRO A CD  1 
ATOM   751  N  N   . ARG A 1 111 ? 2.257   -2.641  13.178  1.00 24.58 ? 111 ARG A N   1 
ATOM   752  C  CA  . ARG A 1 111 ? 2.672   -1.427  12.493  1.00 24.39 ? 111 ARG A CA  1 
ATOM   753  C  C   . ARG A 1 111 ? 2.821   -0.286  13.537  1.00 24.75 ? 111 ARG A C   1 
ATOM   754  O  O   . ARG A 1 111 ? 2.323   -0.405  14.666  1.00 27.11 ? 111 ARG A O   1 
ATOM   755  C  CB  . ARG A 1 111 ? 1.619   -1.071  11.437  1.00 23.17 ? 111 ARG A CB  1 
ATOM   756  C  CG  . ARG A 1 111 ? 1.425   -2.139  10.358  1.00 20.70 ? 111 ARG A CG  1 
ATOM   757  C  CD  . ARG A 1 111 ? 2.527   -2.095  9.311   1.00 19.92 ? 111 ARG A CD  1 
ATOM   758  N  NE  . ARG A 1 111 ? 2.176   -2.961  8.176   1.00 20.78 ? 111 ARG A NE  1 
ATOM   759  C  CZ  . ARG A 1 111 ? 3.028   -3.292  7.209   1.00 19.77 ? 111 ARG A CZ  1 
ATOM   760  N  NH1 . ARG A 1 111 ? 4.267   -2.804  7.237   1.00 18.09 ? 111 ARG A NH1 1 
ATOM   761  N  NH2 . ARG A 1 111 ? 2.652   -4.114  6.233   1.00 18.39 ? 111 ARG A NH2 1 
ATOM   762  N  N   . TYR A 1 112 ? 3.498   0.795   13.167  1.00 23.08 ? 112 TYR A N   1 
ATOM   763  C  CA  . TYR A 1 112 ? 3.513   2.009   13.959  1.00 24.56 ? 112 TYR A CA  1 
ATOM   764  C  C   . TYR A 1 112 ? 2.103   2.608   14.077  1.00 26.33 ? 112 TYR A C   1 
ATOM   765  O  O   . TYR A 1 112 ? 1.374   2.705   13.077  1.00 24.21 ? 112 TYR A O   1 
ATOM   766  C  CB  . TYR A 1 112 ? 4.468   3.052   13.341  1.00 26.46 ? 112 TYR A CB  1 
ATOM   767  C  CG  . TYR A 1 112 ? 5.934   2.678   13.453  1.00 27.86 ? 112 TYR A CG  1 
ATOM   768  C  CD1 . TYR A 1 112 ? 6.601   2.783   14.682  1.00 28.66 ? 112 TYR A CD1 1 
ATOM   769  C  CD2 . TYR A 1 112 ? 6.661   2.232   12.326  1.00 30.44 ? 112 TYR A CD2 1 
ATOM   770  C  CE1 . TYR A 1 112 ? 7.934   2.422   14.802  1.00 33.77 ? 112 TYR A CE1 1 
ATOM   771  C  CE2 . TYR A 1 112 ? 8.011   1.883   12.424  1.00 32.43 ? 112 TYR A CE2 1 
ATOM   772  C  CZ  . TYR A 1 112 ? 8.642   1.970   13.671  1.00 36.87 ? 112 TYR A CZ  1 
ATOM   773  O  OH  . TYR A 1 112 ? 9.971   1.641   13.833  1.00 36.60 ? 112 TYR A OH  1 
ATOM   774  N  N   . ARG A 1 113 ? 1.727   3.005   15.296  1.00 25.43 ? 113 ARG A N   1 
ATOM   775  C  CA  . ARG A 1 113 ? 0.462   3.676   15.511  1.00 26.53 ? 113 ARG A CA  1 
ATOM   776  C  C   . ARG A 1 113 ? 0.476   5.055   14.784  1.00 25.85 ? 113 ARG A C   1 
ATOM   777  O  O   . ARG A 1 113 ? -0.513  5.440   14.187  1.00 27.57 ? 113 ARG A O   1 
ATOM   778  C  CB  . ARG A 1 113 ? 0.150   3.832   17.019  1.00 28.75 ? 113 ARG A CB  1 
ATOM   779  C  CG  . ARG A 1 113 ? -1.335  3.821   17.345  1.00 34.48 ? 113 ARG A CG  1 
ATOM   780  C  CD  . ARG A 1 113 ? -1.841  4.848   18.373  1.00 40.38 ? 113 ARG A CD  1 
ATOM   781  N  NE  . ARG A 1 113 ? -1.561  4.454   19.768  1.00 53.76 ? 113 ARG A NE  1 
ATOM   782  C  CZ  . ARG A 1 113 ? -2.270  4.809   20.870  1.00 47.65 ? 113 ARG A CZ  1 
ATOM   783  N  NH1 . ARG A 1 113 ? -3.372  5.567   20.715  1.00 38.43 ? 113 ARG A NH1 1 
ATOM   784  N  NH2 . ARG A 1 113 ? -1.878  4.373   22.123  1.00 30.74 ? 113 ARG A NH2 1 
ATOM   785  N  N   . TYR A 1 114 ? 1.607   5.762   14.832  1.00 25.81 ? 114 TYR A N   1 
ATOM   786  C  CA  . TYR A 1 114 ? 1.713   7.149   14.425  1.00 26.97 ? 114 TYR A CA  1 
ATOM   787  C  C   . TYR A 1 114 ? 2.809   7.391   13.387  1.00 25.26 ? 114 TYR A C   1 
ATOM   788  O  O   . TYR A 1 114 ? 3.995   7.155   13.668  1.00 24.78 ? 114 TYR A O   1 
ATOM   789  C  CB  . TYR A 1 114 ? 2.020   8.065   15.634  1.00 31.29 ? 114 TYR A CB  1 
ATOM   790  C  CG  . TYR A 1 114 ? 0.985   8.070   16.723  1.00 37.23 ? 114 TYR A CG  1 
ATOM   791  C  CD1 . TYR A 1 114 ? 1.329   7.748   18.056  1.00 43.24 ? 114 TYR A CD1 1 
ATOM   792  C  CD2 . TYR A 1 114 ? -0.345  8.425   16.452  1.00 38.90 ? 114 TYR A CD2 1 
ATOM   793  C  CE1 . TYR A 1 114 ? 0.356   7.749   19.071  1.00 47.22 ? 114 TYR A CE1 1 
ATOM   794  C  CE2 . TYR A 1 114 ? -1.325  8.438   17.454  1.00 42.60 ? 114 TYR A CE2 1 
ATOM   795  C  CZ  . TYR A 1 114 ? -0.983  8.099   18.747  1.00 47.24 ? 114 TYR A CZ  1 
ATOM   796  O  OH  . TYR A 1 114 ? -1.953  8.145   19.715  1.00 49.99 ? 114 TYR A OH  1 
ATOM   797  N  N   . ILE A 1 115 ? 2.433   7.943   12.230  1.00 21.44 ? 115 ILE A N   1 
ATOM   798  C  CA  . ILE A 1 115 ? 3.406   8.314   11.218  1.00 19.16 ? 115 ILE A CA  1 
ATOM   799  C  C   . ILE A 1 115 ? 3.184   9.700   10.653  1.00 19.83 ? 115 ILE A C   1 
ATOM   800  O  O   . ILE A 1 115 ? 2.115   10.312  10.860  1.00 17.71 ? 115 ILE A O   1 
ATOM   801  C  CB  . ILE A 1 115 ? 3.508   7.263   10.066  1.00 19.45 ? 115 ILE A CB  1 
ATOM   802  C  CG1 . ILE A 1 115 ? 2.271   7.275   9.137   1.00 16.68 ? 115 ILE A CG1 1 
ATOM   803  C  CG2 . ILE A 1 115 ? 3.887   5.855   10.603  1.00 17.95 ? 115 ILE A CG2 1 
ATOM   804  C  CD1 . ILE A 1 115 ? 2.442   6.299   7.983   1.00 17.24 ? 115 ILE A CD1 1 
ATOM   805  N  N   . ARG A 1 116 ? 4.238   10.200  9.997   1.00 20.37 ? 116 ARG A N   1 
ATOM   806  C  CA  . ARG A 1 116 ? 4.141   11.273  9.026   1.00 21.83 ? 116 ARG A CA  1 
ATOM   807  C  C   . ARG A 1 116 ? 4.543   10.642  7.692   1.00 23.23 ? 116 ARG A C   1 
ATOM   808  O  O   . ARG A 1 116 ? 5.514   9.894   7.607   1.00 23.46 ? 116 ARG A O   1 
ATOM   809  C  CB  . ARG A 1 116 ? 5.101   12.447  9.327   1.00 23.60 ? 116 ARG A CB  1 
ATOM   810  C  CG  . ARG A 1 116 ? 5.039   13.582  8.248   1.00 25.53 ? 116 ARG A CG  1 
ATOM   811  C  CD  . ARG A 1 116 ? 5.829   14.860  8.621   1.00 24.00 ? 116 ARG A CD  1 
ATOM   812  N  NE  . ARG A 1 116 ? 5.373   15.461  9.892   1.00 22.80 ? 116 ARG A NE  1 
ATOM   813  C  CZ  . ARG A 1 116 ? 6.103   15.448  11.011  1.00 24.10 ? 116 ARG A CZ  1 
ATOM   814  N  NH1 . ARG A 1 116 ? 5.672   15.971  12.168  1.00 23.15 ? 116 ARG A NH1 1 
ATOM   815  N  NH2 . ARG A 1 116 ? 7.293   14.893  10.959  1.00 24.57 ? 116 ARG A NH2 1 
ATOM   816  N  N   . TYR A 1 117 ? 3.796   10.953  6.648   1.00 23.56 ? 117 TYR A N   1 
ATOM   817  C  CA  . TYR A 1 117 ? 4.246   10.638  5.291   1.00 23.14 ? 117 TYR A CA  1 
ATOM   818  C  C   . TYR A 1 117 ? 4.237   11.870  4.403   1.00 22.83 ? 117 TYR A C   1 
ATOM   819  O  O   . TYR A 1 117 ? 3.394   12.765  4.628   1.00 24.50 ? 117 TYR A O   1 
ATOM   820  C  CB  . TYR A 1 117 ? 3.415   9.531   4.678   1.00 21.35 ? 117 TYR A CB  1 
ATOM   821  C  CG  . TYR A 1 117 ? 1.923   9.780   4.516   1.00 20.04 ? 117 TYR A CG  1 
ATOM   822  C  CD1 . TYR A 1 117 ? 1.016   9.345   5.505   1.00 19.58 ? 117 TYR A CD1 1 
ATOM   823  C  CD2 . TYR A 1 117 ? 1.400   10.357  3.323   1.00 18.79 ? 117 TYR A CD2 1 
ATOM   824  C  CE1 . TYR A 1 117 ? -0.369  9.493   5.324   1.00 19.88 ? 117 TYR A CE1 1 
ATOM   825  C  CE2 . TYR A 1 117 ? 0.034   10.505  3.115   1.00 18.22 ? 117 TYR A CE2 1 
ATOM   826  C  CZ  . TYR A 1 117 ? -0.853  10.050  4.103   1.00 21.07 ? 117 TYR A CZ  1 
ATOM   827  O  OH  . TYR A 1 117 ? -2.221  10.174  3.922   1.00 22.68 ? 117 TYR A OH  1 
ATOM   828  N  N   . ARG A 1 118 ? 5.199   11.908  3.471   1.00 21.72 ? 118 ARG A N   1 
ATOM   829  C  CA  . ARG A 1 118 ? 5.464   13.021  2.555   1.00 26.95 ? 118 ARG A CA  1 
ATOM   830  C  C   . ARG A 1 118 ? 5.677   12.444  1.158   1.00 25.27 ? 118 ARG A C   1 
ATOM   831  O  O   . ARG A 1 118 ? 6.194   11.305  1.017   1.00 25.69 ? 118 ARG A O   1 
ATOM   832  C  CB  . ARG A 1 118 ? 6.768   13.753  2.859   1.00 29.97 ? 118 ARG A CB  1 
ATOM   833  C  CG  . ARG A 1 118 ? 6.890   14.405  4.194   1.00 38.11 ? 118 ARG A CG  1 
ATOM   834  C  CD  . ARG A 1 118 ? 8.320   14.940  4.310   1.00 43.97 ? 118 ARG A CD  1 
ATOM   835  N  NE  . ARG A 1 118 ? 8.686   15.293  5.694   1.00 57.40 ? 118 ARG A NE  1 
ATOM   836  C  CZ  . ARG A 1 118 ? 8.359   16.429  6.343   1.00 60.70 ? 118 ARG A CZ  1 
ATOM   837  N  NH1 . ARG A 1 118 ? 7.620   17.387  5.768   1.00 56.77 ? 118 ARG A NH1 1 
ATOM   838  N  NH2 . ARG A 1 118 ? 8.787   16.604  7.598   1.00 57.08 ? 118 ARG A NH2 1 
ATOM   839  N  N   . GLY A 1 119 ? 5.301   13.247  0.154   1.00 20.56 ? 119 GLY A N   1 
ATOM   840  C  CA  . GLY A 1 119 ? 5.583   12.979  -1.264  1.00 20.73 ? 119 GLY A CA  1 
ATOM   841  C  C   . GLY A 1 119 ? 4.801   14.014  -2.102  1.00 21.54 ? 119 GLY A C   1 
ATOM   842  O  O   . GLY A 1 119 ? 4.587   15.198  -1.659  1.00 20.00 ? 119 GLY A O   1 
ATOM   843  N  N   . PHE A 1 120 ? 4.344   13.587  -3.279  1.00 18.75 ? 120 PHE A N   1 
ATOM   844  C  CA  . PHE A 1 120 ? 3.666   14.494  -4.174  1.00 20.28 ? 120 PHE A CA  1 
ATOM   845  C  C   . PHE A 1 120 ? 2.363   13.917  -4.725  1.00 20.01 ? 120 PHE A C   1 
ATOM   846  O  O   . PHE A 1 120 ? 2.279   12.712  -4.953  1.00 18.97 ? 120 PHE A O   1 
ATOM   847  C  CB  . PHE A 1 120 ? 4.628   14.900  -5.343  1.00 23.42 ? 120 PHE A CB  1 
ATOM   848  C  CG  . PHE A 1 120 ? 5.896   15.578  -4.859  1.00 23.62 ? 120 PHE A CG  1 
ATOM   849  C  CD1 . PHE A 1 120 ? 5.975   16.986  -4.750  1.00 25.36 ? 120 PHE A CD1 1 
ATOM   850  C  CD2 . PHE A 1 120 ? 6.973   14.815  -4.385  1.00 25.71 ? 120 PHE A CD2 1 
ATOM   851  C  CE1 . PHE A 1 120 ? 7.123   17.620  -4.244  1.00 23.63 ? 120 PHE A CE1 1 
ATOM   852  C  CE2 . PHE A 1 120 ? 8.112   15.460  -3.852  1.00 27.34 ? 120 PHE A CE2 1 
ATOM   853  C  CZ  . PHE A 1 120 ? 8.185   16.849  -3.791  1.00 23.64 ? 120 PHE A CZ  1 
ATOM   854  N  N   . ALA A 1 121 ? 1.370   14.794  -4.958  1.00 19.96 ? 121 ALA A N   1 
ATOM   855  C  CA  . ALA A 1 121 ? 0.146   14.387  -5.647  1.00 20.98 ? 121 ALA A CA  1 
ATOM   856  C  C   . ALA A 1 121 ? 0.585   14.280  -7.108  1.00 21.39 ? 121 ALA A C   1 
ATOM   857  O  O   . ALA A 1 121 ? 1.632   14.799  -7.452  1.00 21.76 ? 121 ALA A O   1 
ATOM   858  C  CB  . ALA A 1 121 ? -0.983  15.386  -5.428  1.00 16.22 ? 121 ALA A CB  1 
ATOM   859  N  N   . PRO A 1 122 ? -0.143  13.527  -7.935  1.00 23.68 ? 122 PRO A N   1 
ATOM   860  C  CA  . PRO A 1 122 ? 0.227   13.338  -9.363  1.00 24.97 ? 122 PRO A CA  1 
ATOM   861  C  C   . PRO A 1 122 ? 0.387   14.676  -10.138 1.00 26.66 ? 122 PRO A C   1 
ATOM   862  O  O   . PRO A 1 122 ? 1.141   14.711  -11.118 1.00 25.44 ? 122 PRO A O   1 
ATOM   863  C  CB  . PRO A 1 122 ? -0.981  12.585  -9.956  1.00 24.21 ? 122 PRO A CB  1 
ATOM   864  C  CG  . PRO A 1 122 ? -1.729  12.029  -8.789  1.00 26.54 ? 122 PRO A CG  1 
ATOM   865  C  CD  . PRO A 1 122 ? -1.258  12.652  -7.502  1.00 24.38 ? 122 PRO A CD  1 
ATOM   866  N  N   . ASP A 1 123 ? -0.344  15.723  -9.727  1.00 23.66 ? 123 ASP A N   1 
ATOM   867  C  CA  . ASP A 1 123 ? -0.193  17.061  -10.309 1.00 26.40 ? 123 ASP A CA  1 
ATOM   868  C  C   . ASP A 1 123 ? 1.093   17.790  -9.865  1.00 26.90 ? 123 ASP A C   1 
ATOM   869  O  O   . ASP A 1 123 ? 1.298   18.929  -10.229 1.00 25.95 ? 123 ASP A O   1 
ATOM   870  C  CB  . ASP A 1 123 ? -1.419  17.974  -9.992  1.00 26.24 ? 123 ASP A CB  1 
ATOM   871  C  CG  . ASP A 1 123 ? -1.452  18.492  -8.520  1.00 29.79 ? 123 ASP A CG  1 
ATOM   872  O  OD1 . ASP A 1 123 ? -2.407  19.205  -8.187  1.00 31.72 ? 123 ASP A OD1 1 
ATOM   873  O  OD2 . ASP A 1 123 ? -0.561  18.206  -7.672  1.00 31.95 ? 123 ASP A OD2 1 
ATOM   874  N  N   . GLY A 1 124 ? 1.889   17.208  -8.984  1.00 25.74 ? 124 GLY A N   1 
ATOM   875  C  CA  . GLY A 1 124 ? 3.101   17.917  -8.536  1.00 25.10 ? 124 GLY A CA  1 
ATOM   876  C  C   . GLY A 1 124 ? 2.982   18.671  -7.231  1.00 24.52 ? 124 GLY A C   1 
ATOM   877  O  O   . GLY A 1 124 ? 3.964   19.138  -6.676  1.00 21.99 ? 124 GLY A O   1 
ATOM   878  N  N   . SER A 1 125 ? 1.790   18.795  -6.686  1.00 27.80 ? 125 SER A N   1 
ATOM   879  C  CA  . SER A 1 125 ? 1.757   19.588  -5.440  1.00 31.77 ? 125 SER A CA  1 
ATOM   880  C  C   . SER A 1 125 ? 2.242   18.744  -4.269  1.00 30.90 ? 125 SER A C   1 
ATOM   881  O  O   . SER A 1 125 ? 2.053   17.541  -4.265  1.00 30.17 ? 125 SER A O   1 
ATOM   882  C  CB  . SER A 1 125 ? 0.386   20.244  -5.209  1.00 31.91 ? 125 SER A CB  1 
ATOM   883  O  OG  . SER A 1 125 ? -0.605  19.281  -5.298  1.00 32.15 ? 125 SER A OG  1 
ATOM   884  N  N   . PRO A 1 126 ? 2.929   19.365  -3.295  1.00 35.68 ? 126 PRO A N   1 
ATOM   885  C  CA  . PRO A 1 126 ? 3.520   18.530  -2.215  1.00 32.36 ? 126 PRO A CA  1 
ATOM   886  C  C   . PRO A 1 126 ? 2.431   17.961  -1.297  1.00 30.82 ? 126 PRO A C   1 
ATOM   887  O  O   . PRO A 1 126 ? 1.401   18.575  -1.194  1.00 29.73 ? 126 PRO A O   1 
ATOM   888  C  CB  . PRO A 1 126 ? 4.433   19.507  -1.451  1.00 33.80 ? 126 PRO A CB  1 
ATOM   889  C  CG  . PRO A 1 126 ? 4.222   20.876  -2.064  1.00 35.22 ? 126 PRO A CG  1 
ATOM   890  C  CD  . PRO A 1 126 ? 3.091   20.815  -3.051  1.00 32.99 ? 126 PRO A CD  1 
ATOM   891  N  N   . ILE A 1 127 ? 2.626   16.765  -0.712  1.00 28.18 ? 127 ILE A N   1 
ATOM   892  C  CA  . ILE A 1 127 ? 1.689   16.205  0.265   1.00 26.18 ? 127 ILE A CA  1 
ATOM   893  C  C   . ILE A 1 127 ? 2.533   15.913  1.528   1.00 25.92 ? 127 ILE A C   1 
ATOM   894  O  O   . ILE A 1 127 ? 3.628   15.326  1.428   1.00 27.48 ? 127 ILE A O   1 
ATOM   895  C  CB  . ILE A 1 127 ? 1.036   14.873  -0.225  1.00 24.73 ? 127 ILE A CB  1 
ATOM   896  C  CG1 . ILE A 1 127 ? -0.073  15.105  -1.269  1.00 25.20 ? 127 ILE A CG1 1 
ATOM   897  C  CG2 . ILE A 1 127 ? 0.437   14.061  0.972   1.00 22.01 ? 127 ILE A CG2 1 
ATOM   898  C  CD1 . ILE A 1 127 ? -0.503  13.811  -1.956  1.00 24.30 ? 127 ILE A CD1 1 
ATOM   899  N  N   . GLU A 1 128 ? 2.063   16.343  2.693   1.00 25.19 ? 128 GLU A N   1 
ATOM   900  C  CA  . GLU A 1 128 ? 2.664   15.905  3.958   1.00 27.62 ? 128 GLU A CA  1 
ATOM   901  C  C   . GLU A 1 128 ? 1.634   15.773  5.025   1.00 27.36 ? 128 GLU A C   1 
ATOM   902  O  O   . GLU A 1 128 ? 0.906   16.690  5.270   1.00 28.56 ? 128 GLU A O   1 
ATOM   903  C  CB  . GLU A 1 128 ? 3.942   16.665  4.406   1.00 28.91 ? 128 GLU A CB  1 
ATOM   904  C  CG  . GLU A 1 128 ? 3.846   18.008  5.077   1.00 31.66 ? 128 GLU A CG  1 
ATOM   905  C  CD  . GLU A 1 128 ? 3.242   18.046  6.497   1.00 32.20 ? 128 GLU A CD  1 
ATOM   906  O  OE1 . GLU A 1 128 ? 3.278   17.069  7.332   1.00 27.96 ? 128 GLU A OE1 1 
ATOM   907  O  OE2 . GLU A 1 128 ? 2.679   19.134  6.771   1.00 34.83 ? 128 GLU A OE2 1 
ATOM   908  N  N   . ARG A 1 129 ? 1.559   14.606  5.647   1.00 27.13 ? 129 ARG A N   1 
ATOM   909  C  CA  . ARG A 1 129 ? 0.481   14.346  6.599   1.00 25.16 ? 129 ARG A CA  1 
ATOM   910  C  C   . ARG A 1 129 ? 0.946   13.516  7.744   1.00 24.12 ? 129 ARG A C   1 
ATOM   911  O  O   . ARG A 1 129 ? 1.790   12.599  7.581   1.00 24.63 ? 129 ARG A O   1 
ATOM   912  C  CB  . ARG A 1 129 ? -0.644  13.556  5.932   1.00 26.02 ? 129 ARG A CB  1 
ATOM   913  C  CG  . ARG A 1 129 ? -1.481  14.352  4.954   1.00 29.18 ? 129 ARG A CG  1 
ATOM   914  C  CD  . ARG A 1 129 ? -2.391  13.329  4.267   1.00 31.30 ? 129 ARG A CD  1 
ATOM   915  N  NE  . ARG A 1 129 ? -3.059  13.893  3.117   1.00 30.04 ? 129 ARG A NE  1 
ATOM   916  C  CZ  . ARG A 1 129 ? -3.755  13.214  2.207   1.00 28.80 ? 129 ARG A CZ  1 
ATOM   917  N  NH1 . ARG A 1 129 ? -3.890  11.880  2.223   1.00 26.25 ? 129 ARG A NH1 1 
ATOM   918  N  NH2 . ARG A 1 129 ? -4.264  13.902  1.212   1.00 24.89 ? 129 ARG A NH2 1 
ATOM   919  N  N   . GLU A 1 130 ? 0.371   13.811  8.899   1.00 22.71 ? 130 GLU A N   1 
ATOM   920  C  CA  . GLU A 1 130 ? 0.441   12.898  10.024  1.00 24.39 ? 130 GLU A CA  1 
ATOM   921  C  C   . GLU A 1 130 ? -0.759  11.953  9.899   1.00 25.70 ? 130 GLU A C   1 
ATOM   922  O  O   . GLU A 1 130 ? -1.851  12.380  9.514   1.00 24.62 ? 130 GLU A O   1 
ATOM   923  C  CB  . GLU A 1 130 ? 0.353   13.626  11.369  1.00 24.03 ? 130 GLU A CB  1 
ATOM   924  C  CG  . GLU A 1 130 ? 1.572   14.406  11.750  1.00 24.86 ? 130 GLU A CG  1 
ATOM   925  C  CD  . GLU A 1 130 ? 1.727   15.706  10.937  1.00 28.03 ? 130 GLU A CD  1 
ATOM   926  O  OE1 . GLU A 1 130 ? 2.873   16.004  10.515  1.00 29.20 ? 130 GLU A OE1 1 
ATOM   927  O  OE2 . GLU A 1 130 ? 0.723   16.423  10.722  1.00 27.81 ? 130 GLU A OE2 1 
ATOM   928  N  N   . ALA A 1 131 ? -0.543  10.674  10.230  1.00 24.92 ? 131 ALA A N   1 
ATOM   929  C  CA  . ALA A 1 131 ? -1.582  9.689   10.174  1.00 21.49 ? 131 ALA A CA  1 
ATOM   930  C  C   . ALA A 1 131 ? -1.494  8.754   11.393  1.00 22.93 ? 131 ALA A C   1 
ATOM   931  O  O   . ALA A 1 131 ? -0.426  8.455   11.927  1.00 20.96 ? 131 ALA A O   1 
ATOM   932  C  CB  . ALA A 1 131 ? -1.461  8.915   8.850   1.00 17.70 ? 131 ALA A CB  1 
ATOM   933  N  N   . GLU A 1 132 ? -2.629  8.233   11.813  1.00 25.17 ? 132 GLU A N   1 
ATOM   934  C  CA  . GLU A 1 132 ? -2.576  7.247   12.882  1.00 26.38 ? 132 GLU A CA  1 
ATOM   935  C  C   . GLU A 1 132 ? -3.478  6.014   12.594  1.00 24.34 ? 132 GLU A C   1 
ATOM   936  O  O   . GLU A 1 132 ? -4.297  6.020   11.640  1.00 22.18 ? 132 GLU A O   1 
ATOM   937  C  CB  . GLU A 1 132 ? -3.007  7.931   14.138  1.00 26.99 ? 132 GLU A CB  1 
ATOM   938  C  CG  . GLU A 1 132 ? -4.491  8.027   14.170  1.00 31.04 ? 132 GLU A CG  1 
ATOM   939  C  CD  . GLU A 1 132 ? -4.904  8.762   15.409  1.00 40.66 ? 132 GLU A CD  1 
ATOM   940  O  OE1 . GLU A 1 132 ? -5.438  9.862   15.191  1.00 39.78 ? 132 GLU A OE1 1 
ATOM   941  O  OE2 . GLU A 1 132 ? -4.655  8.281   16.566  1.00 46.75 ? 132 GLU A OE2 1 
ATOM   942  N  N   . GLY A 1 133 ? -3.315  4.963   13.392  1.00 20.94 ? 133 GLY A N   1 
ATOM   943  C  CA  . GLY A 1 133 ? -4.167  3.776   13.249  1.00 19.34 ? 133 GLY A CA  1 
ATOM   944  C  C   . GLY A 1 133 ? -4.189  3.222   11.811  1.00 21.05 ? 133 GLY A C   1 
ATOM   945  O  O   . GLY A 1 133 ? -3.119  3.035   11.154  1.00 18.59 ? 133 GLY A O   1 
ATOM   946  N  N   . PHE A 1 134 ? -5.410  2.972   11.325  1.00 19.26 ? 134 PHE A N   1 
ATOM   947  C  CA  . PHE A 1 134 ? -5.608  2.285   10.074  1.00 21.01 ? 134 PHE A CA  1 
ATOM   948  C  C   . PHE A 1 134 ? -5.093  3.088   8.851   1.00 21.83 ? 134 PHE A C   1 
ATOM   949  O  O   . PHE A 1 134 ? -4.440  2.525   7.958   1.00 23.68 ? 134 PHE A O   1 
ATOM   950  C  CB  . PHE A 1 134 ? -7.071  1.873   9.935   1.00 21.37 ? 134 PHE A CB  1 
ATOM   951  C  CG  . PHE A 1 134 ? -7.310  0.963   8.783   1.00 26.15 ? 134 PHE A CG  1 
ATOM   952  C  CD1 . PHE A 1 134 ? -6.861  -0.376  8.818   1.00 26.01 ? 134 PHE A CD1 1 
ATOM   953  C  CD2 . PHE A 1 134 ? -8.005  1.412   7.638   1.00 27.52 ? 134 PHE A CD2 1 
ATOM   954  C  CE1 . PHE A 1 134 ? -7.097  -1.242  7.728   1.00 26.74 ? 134 PHE A CE1 1 
ATOM   955  C  CE2 . PHE A 1 134 ? -8.216  0.543   6.555   1.00 25.76 ? 134 PHE A CE2 1 
ATOM   956  C  CZ  . PHE A 1 134 ? -7.743  -0.767  6.585   1.00 23.61 ? 134 PHE A CZ  1 
ATOM   957  N  N   . HIS A 1 135 ? -5.345  4.400   8.838   1.00 19.95 ? 135 HIS A N   1 
ATOM   958  C  CA  . HIS A 1 135 ? -4.735  5.287   7.875   1.00 20.24 ? 135 HIS A CA  1 
ATOM   959  C  C   . HIS A 1 135 ? -3.191  5.052   7.804   1.00 20.98 ? 135 HIS A C   1 
ATOM   960  O  O   . HIS A 1 135 ? -2.609  4.745   6.699   1.00 21.75 ? 135 HIS A O   1 
ATOM   961  C  CB  . HIS A 1 135 ? -5.113  6.754   8.220   1.00 20.49 ? 135 HIS A CB  1 
ATOM   962  C  CG  . HIS A 1 135 ? -4.607  7.782   7.238   1.00 21.88 ? 135 HIS A CG  1 
ATOM   963  N  ND1 . HIS A 1 135 ? -4.977  9.110   7.314   1.00 21.47 ? 135 HIS A ND1 1 
ATOM   964  C  CD2 . HIS A 1 135 ? -3.788  7.679   6.154   1.00 20.31 ? 135 HIS A CD2 1 
ATOM   965  C  CE1 . HIS A 1 135 ? -4.394  9.785   6.337   1.00 21.84 ? 135 HIS A CE1 1 
ATOM   966  N  NE2 . HIS A 1 135 ? -3.679  8.939   5.617   1.00 23.35 ? 135 HIS A NE2 1 
ATOM   967  N  N   . ALA A 1 136 ? -2.523  5.180   8.950   1.00 20.28 ? 136 ALA A N   1 
ATOM   968  C  CA  . ALA A 1 136 ? -1.084  4.917   9.020   1.00 21.55 ? 136 ALA A CA  1 
ATOM   969  C  C   . ALA A 1 136 ? -0.636  3.512   8.573   1.00 22.75 ? 136 ALA A C   1 
ATOM   970  O  O   . ALA A 1 136 ? 0.476   3.338   7.964   1.00 24.70 ? 136 ALA A O   1 
ATOM   971  C  CB  . ALA A 1 136 ? -0.582  5.211   10.425  1.00 22.64 ? 136 ALA A CB  1 
ATOM   972  N  N   . ARG A 1 137 ? -1.466  2.509   8.874   1.00 20.67 ? 137 ARG A N   1 
ATOM   973  C  CA  . ARG A 1 137 ? -1.154  1.084   8.556   1.00 20.88 ? 137 ARG A CA  1 
ATOM   974  C  C   . ARG A 1 137 ? -1.198  0.856   7.038   1.00 21.10 ? 137 ARG A C   1 
ATOM   975  O  O   . ARG A 1 137 ? -0.282  0.230   6.436   1.00 23.33 ? 137 ARG A O   1 
ATOM   976  C  CB  . ARG A 1 137 ? -2.146  0.132   9.288   1.00 20.96 ? 137 ARG A CB  1 
ATOM   977  C  CG  . ARG A 1 137 ? -2.331  -1.257  8.684   1.00 21.00 ? 137 ARG A CG  1 
ATOM   978  C  CD  . ARG A 1 137 ? -3.310  -2.067  9.531   1.00 21.18 ? 137 ARG A CD  1 
ATOM   979  N  NE  . ARG A 1 137 ? -3.063  -1.895  10.964  1.00 21.29 ? 137 ARG A NE  1 
ATOM   980  C  CZ  . ARG A 1 137 ? -2.188  -2.610  11.710  1.00 23.32 ? 137 ARG A CZ  1 
ATOM   981  N  NH1 . ARG A 1 137 ? -1.456  -3.613  11.173  1.00 19.56 ? 137 ARG A NH1 1 
ATOM   982  N  NH2 . ARG A 1 137 ? -2.047  -2.326  13.022  1.00 21.07 ? 137 ARG A NH2 1 
ATOM   983  N  N   . VAL A 1 138 ? -2.244  1.393   6.417   1.00 19.18 ? 138 VAL A N   1 
ATOM   984  C  CA  . VAL A 1 138 ? -2.368  1.314   4.970   1.00 18.86 ? 138 VAL A CA  1 
ATOM   985  C  C   . VAL A 1 138 ? -1.139  1.876   4.268   1.00 18.88 ? 138 VAL A C   1 
ATOM   986  O  O   . VAL A 1 138 ? -0.557  1.197   3.372   1.00 21.31 ? 138 VAL A O   1 
ATOM   987  C  CB  . VAL A 1 138 ? -3.665  1.980   4.419   1.00 18.00 ? 138 VAL A CB  1 
ATOM   988  C  CG1 . VAL A 1 138 ? -3.612  1.944   2.894   1.00 16.92 ? 138 VAL A CG1 1 
ATOM   989  C  CG2 . VAL A 1 138 ? -4.912  1.226   4.900   1.00 17.24 ? 138 VAL A CG2 1 
ATOM   990  N  N   . VAL A 1 139 ? -0.710  3.068   4.689   1.00 17.79 ? 139 VAL A N   1 
ATOM   991  C  CA  . VAL A 1 139 ? 0.450   3.719   4.070   1.00 16.79 ? 139 VAL A CA  1 
ATOM   992  C  C   . VAL A 1 139 ? 1.718   2.911   4.311   1.00 17.22 ? 139 VAL A C   1 
ATOM   993  O  O   . VAL A 1 139 ? 2.553   2.759   3.375   1.00 16.62 ? 139 VAL A O   1 
ATOM   994  C  CB  . VAL A 1 139 ? 0.584   5.175   4.540   1.00 17.39 ? 139 VAL A CB  1 
ATOM   995  C  CG1 . VAL A 1 139 ? 1.852   5.815   4.017   1.00 18.46 ? 139 VAL A CG1 1 
ATOM   996  C  CG2 . VAL A 1 139 ? -0.641  5.964   4.064   1.00 17.70 ? 139 VAL A CG2 1 
ATOM   997  N  N   . GLN A 1 140 ? 1.884   2.346   5.523   1.00 15.49 ? 140 GLN A N   1 
ATOM   998  C  CA  . GLN A 1 140 ? 3.111   1.560   5.747   1.00 15.85 ? 140 GLN A CA  1 
ATOM   999  C  C   . GLN A 1 140 ? 3.106   0.297   4.891   1.00 16.79 ? 140 GLN A C   1 
ATOM   1000 O  O   . GLN A 1 140 ? 4.135   -0.100  4.351   1.00 16.25 ? 140 GLN A O   1 
ATOM   1001 C  CB  . GLN A 1 140 ? 3.332   1.225   7.233   1.00 15.77 ? 140 GLN A CB  1 
ATOM   1002 C  CG  . GLN A 1 140 ? 3.427   2.426   8.149   1.00 16.83 ? 140 GLN A CG  1 
ATOM   1003 C  CD  . GLN A 1 140 ? 3.301   2.029   9.602   1.00 18.37 ? 140 GLN A CD  1 
ATOM   1004 O  OE1 . GLN A 1 140 ? 4.187   1.312   10.113  1.00 19.58 ? 140 GLN A OE1 1 
ATOM   1005 N  NE2 . GLN A 1 140 ? 2.191   2.456   10.296  1.00 17.21 ? 140 GLN A NE2 1 
ATOM   1006 N  N   . HIS A 1 141 ? 1.925   -0.320  4.736   1.00 18.08 ? 141 HIS A N   1 
ATOM   1007 C  CA  . HIS A 1 141 ? 1.789   -1.554  3.943   1.00 19.52 ? 141 HIS A CA  1 
ATOM   1008 C  C   . HIS A 1 141 ? 2.097   -1.244  2.468   1.00 20.83 ? 141 HIS A C   1 
ATOM   1009 O  O   . HIS A 1 141 ? 2.829   -2.012  1.826   1.00 20.23 ? 141 HIS A O   1 
ATOM   1010 C  CB  . HIS A 1 141 ? 0.371   -2.153  4.150   1.00 20.45 ? 141 HIS A CB  1 
ATOM   1011 C  CG  . HIS A 1 141 ? 0.027   -3.305  3.261   1.00 21.79 ? 141 HIS A CG  1 
ATOM   1012 N  ND1 . HIS A 1 141 ? -0.401  -4.532  3.757   1.00 23.83 ? 141 HIS A ND1 1 
ATOM   1013 C  CD2 . HIS A 1 141 ? -0.010  -3.416  1.911   1.00 22.98 ? 141 HIS A CD2 1 
ATOM   1014 C  CE1 . HIS A 1 141 ? -0.652  -5.352  2.747   1.00 21.75 ? 141 HIS A CE1 1 
ATOM   1015 N  NE2 . HIS A 1 141 ? -0.432  -4.699  1.618   1.00 22.08 ? 141 HIS A NE2 1 
ATOM   1016 N  N   . GLU A 1 142 ? 1.541   -0.128  1.952   1.00 19.91 ? 142 GLU A N   1 
ATOM   1017 C  CA  . GLU A 1 142 ? 1.757   0.263   0.528   1.00 20.35 ? 142 GLU A CA  1 
ATOM   1018 C  C   . GLU A 1 142 ? 3.209   0.617   0.314   1.00 19.00 ? 142 GLU A C   1 
ATOM   1019 O  O   . GLU A 1 142 ? 3.807   0.191   -0.675  1.00 19.99 ? 142 GLU A O   1 
ATOM   1020 C  CB  . GLU A 1 142 ? 0.817   1.403   0.089   1.00 19.70 ? 142 GLU A CB  1 
ATOM   1021 C  CG  . GLU A 1 142 ? -0.657  0.984   0.037   1.00 19.36 ? 142 GLU A CG  1 
ATOM   1022 C  CD  . GLU A 1 142 ? -0.817  -0.402  -0.617  1.00 20.59 ? 142 GLU A CD  1 
ATOM   1023 O  OE1 . GLU A 1 142 ? -0.125  -0.662  -1.616  1.00 21.00 ? 142 GLU A OE1 1 
ATOM   1024 O  OE2 . GLU A 1 142 ? -1.600  -1.251  -0.145  1.00 19.95 ? 142 GLU A OE2 1 
ATOM   1025 N  N   . TYR A 1 143 ? 3.792   1.314   1.280   1.00 17.89 ? 143 TYR A N   1 
ATOM   1026 C  CA  . TYR A 1 143 ? 5.192   1.691   1.201   1.00 19.82 ? 143 TYR A CA  1 
ATOM   1027 C  C   . TYR A 1 143 ? 6.141   0.453   1.102   1.00 22.10 ? 143 TYR A C   1 
ATOM   1028 O  O   . TYR A 1 143 ? 7.072   0.460   0.256   1.00 21.29 ? 143 TYR A O   1 
ATOM   1029 C  CB  . TYR A 1 143 ? 5.597   2.664   2.360   1.00 21.65 ? 143 TYR A CB  1 
ATOM   1030 C  CG  . TYR A 1 143 ? 7.085   2.961   2.311   1.00 25.07 ? 143 TYR A CG  1 
ATOM   1031 C  CD1 . TYR A 1 143 ? 7.582   4.008   1.472   1.00 24.41 ? 143 TYR A CD1 1 
ATOM   1032 C  CD2 . TYR A 1 143 ? 8.026   2.159   3.049   1.00 25.20 ? 143 TYR A CD2 1 
ATOM   1033 C  CE1 . TYR A 1 143 ? 8.948   4.237   1.379   1.00 25.06 ? 143 TYR A CE1 1 
ATOM   1034 C  CE2 . TYR A 1 143 ? 9.401   2.386   2.966   1.00 23.66 ? 143 TYR A CE2 1 
ATOM   1035 C  CZ  . TYR A 1 143 ? 9.854   3.419   2.127   1.00 27.34 ? 143 TYR A CZ  1 
ATOM   1036 O  OH  . TYR A 1 143 ? 11.198  3.676   2.007   1.00 30.36 ? 143 TYR A OH  1 
ATOM   1037 N  N   . ASP A 1 144 ? 5.916   -0.586  1.951   1.00 21.74 ? 144 ASP A N   1 
ATOM   1038 C  CA  . ASP A 1 144 ? 6.634   -1.862  1.828   1.00 21.52 ? 144 ASP A CA  1 
ATOM   1039 C  C   . ASP A 1 144 ? 6.727   -2.363  0.409   1.00 20.65 ? 144 ASP A C   1 
ATOM   1040 O  O   . ASP A 1 144 ? 7.805   -2.799  -0.012  1.00 20.97 ? 144 ASP A O   1 
ATOM   1041 C  CB  . ASP A 1 144 ? 6.025   -2.975  2.716   1.00 22.01 ? 144 ASP A CB  1 
ATOM   1042 C  CG  . ASP A 1 144 ? 6.422   -2.844  4.230   1.00 22.01 ? 144 ASP A CG  1 
ATOM   1043 O  OD1 . ASP A 1 144 ? 7.396   -2.106  4.586   1.00 19.89 ? 144 ASP A OD1 1 
ATOM   1044 O  OD2 . ASP A 1 144 ? 5.716   -3.470  5.068   1.00 21.53 ? 144 ASP A OD2 1 
ATOM   1045 N  N   . HIS A 1 145 ? 5.620   -2.326  -0.328  1.00 20.79 ? 145 HIS A N   1 
ATOM   1046 C  CA  . HIS A 1 145 ? 5.662   -2.687  -1.786  1.00 23.46 ? 145 HIS A CA  1 
ATOM   1047 C  C   . HIS A 1 145 ? 6.747   -1.992  -2.588  1.00 24.15 ? 145 HIS A C   1 
ATOM   1048 O  O   . HIS A 1 145 ? 7.368   -2.625  -3.469  1.00 23.61 ? 145 HIS A O   1 
ATOM   1049 C  CB  . HIS A 1 145 ? 4.323   -2.435  -2.485  1.00 22.28 ? 145 HIS A CB  1 
ATOM   1050 C  CG  . HIS A 1 145 ? 3.281   -3.425  -2.108  1.00 23.79 ? 145 HIS A CG  1 
ATOM   1051 N  ND1 . HIS A 1 145 ? 3.471   -4.782  -2.254  1.00 23.60 ? 145 HIS A ND1 1 
ATOM   1052 C  CD2 . HIS A 1 145 ? 2.050   -3.270  -1.558  1.00 23.04 ? 145 HIS A CD2 1 
ATOM   1053 C  CE1 . HIS A 1 145 ? 2.399   -5.426  -1.813  1.00 23.95 ? 145 HIS A CE1 1 
ATOM   1054 N  NE2 . HIS A 1 145 ? 1.524   -4.533  -1.379  1.00 22.09 ? 145 HIS A NE2 1 
ATOM   1055 N  N   . LEU A 1 146 ? 6.967   -0.697  -2.283  1.00 22.06 ? 146 LEU A N   1 
ATOM   1056 C  CA  . LEU A 1 146 ? 7.920   0.128   -3.049  1.00 22.64 ? 146 LEU A CA  1 
ATOM   1057 C  C   . LEU A 1 146 ? 9.359   -0.341  -2.785  1.00 24.35 ? 146 LEU A C   1 
ATOM   1058 O  O   . LEU A 1 146 ? 10.242  -0.138  -3.643  1.00 27.55 ? 146 LEU A O   1 
ATOM   1059 C  CB  . LEU A 1 146 ? 7.735   1.645   -2.769  1.00 21.26 ? 146 LEU A CB  1 
ATOM   1060 C  CG  . LEU A 1 146 ? 6.266   2.168   -2.886  1.00 19.07 ? 146 LEU A CG  1 
ATOM   1061 C  CD1 . LEU A 1 146 ? 6.167   3.678   -2.662  1.00 16.51 ? 146 LEU A CD1 1 
ATOM   1062 C  CD2 . LEU A 1 146 ? 5.622   1.718   -4.209  1.00 17.26 ? 146 LEU A CD2 1 
ATOM   1063 N  N   . VAL A 1 147 ? 9.587   -0.990  -1.629  1.00 22.42 ? 147 VAL A N   1 
ATOM   1064 C  CA  . VAL A 1 147 ? 10.911  -1.577  -1.295  1.00 22.67 ? 147 VAL A CA  1 
ATOM   1065 C  C   . VAL A 1 147 ? 10.979  -3.134  -1.417  1.00 24.23 ? 147 VAL A C   1 
ATOM   1066 O  O   . VAL A 1 147 ? 11.924  -3.770  -0.924  1.00 25.34 ? 147 VAL A O   1 
ATOM   1067 C  CB  . VAL A 1 147 ? 11.513  -1.008  0.068   1.00 23.55 ? 147 VAL A CB  1 
ATOM   1068 C  CG1 . VAL A 1 147 ? 11.760  0.534   -0.008  1.00 18.51 ? 147 VAL A CG1 1 
ATOM   1069 C  CG2 . VAL A 1 147 ? 10.660  -1.380  1.314   1.00 21.23 ? 147 VAL A CG2 1 
ATOM   1070 N  N   . GLY A 1 148 ? 9.984   -3.753  -2.052  1.00 22.73 ? 148 GLY A N   1 
ATOM   1071 C  CA  . GLY A 1 148 ? 10.043  -5.192  -2.341  1.00 23.04 ? 148 GLY A CA  1 
ATOM   1072 C  C   . GLY A 1 148 ? 9.801   -6.107  -1.161  1.00 25.90 ? 148 GLY A C   1 
ATOM   1073 O  O   . GLY A 1 148 ? 10.355  -7.235  -1.106  1.00 29.26 ? 148 GLY A O   1 
ATOM   1074 N  N   . ARG A 1 149 ? 8.960   -5.628  -0.244  1.00 23.50 ? 149 ARG A N   1 
ATOM   1075 C  CA  . ARG A 1 149 ? 8.554   -6.318  0.964   1.00 23.37 ? 149 ARG A CA  1 
ATOM   1076 C  C   . ARG A 1 149 ? 7.028   -6.564  1.002   1.00 22.97 ? 149 ARG A C   1 
ATOM   1077 O  O   . ARG A 1 149 ? 6.237   -5.650  0.689   1.00 20.41 ? 149 ARG A O   1 
ATOM   1078 C  CB  . ARG A 1 149 ? 8.978   -5.476  2.151   1.00 25.62 ? 149 ARG A CB  1 
ATOM   1079 C  CG  . ARG A 1 149 ? 8.809   -6.126  3.484   1.00 34.67 ? 149 ARG A CG  1 
ATOM   1080 C  CD  . ARG A 1 149 ? 10.076  -5.997  4.322   1.00 42.98 ? 149 ARG A CD  1 
ATOM   1081 N  NE  . ARG A 1 149 ? 10.109  -7.061  5.331   1.00 44.85 ? 149 ARG A NE  1 
ATOM   1082 C  CZ  . ARG A 1 149 ? 10.428  -6.905  6.619   1.00 51.09 ? 149 ARG A CZ  1 
ATOM   1083 N  NH1 . ARG A 1 149 ? 10.738  -5.711  7.138   1.00 49.79 ? 149 ARG A NH1 1 
ATOM   1084 N  NH2 . ARG A 1 149 ? 10.423  -7.961  7.424   1.00 45.92 ? 149 ARG A NH2 1 
ATOM   1085 N  N   . LEU A 1 150 ? 6.616   -7.793  1.380   1.00 21.77 ? 150 LEU A N   1 
ATOM   1086 C  CA  . LEU A 1 150 ? 5.183   -8.144  1.538   1.00 23.14 ? 150 LEU A CA  1 
ATOM   1087 C  C   . LEU A 1 150 ? 4.939   -8.479  3.006   1.00 22.48 ? 150 LEU A C   1 
ATOM   1088 O  O   . LEU A 1 150 ? 5.927   -8.738  3.754   1.00 22.86 ? 150 LEU A O   1 
ATOM   1089 C  CB  . LEU A 1 150 ? 4.857   -9.329  0.655   1.00 23.66 ? 150 LEU A CB  1 
ATOM   1090 C  CG  . LEU A 1 150 ? 5.110   -9.113  -0.822  1.00 25.65 ? 150 LEU A CG  1 
ATOM   1091 C  CD1 . LEU A 1 150 ? 5.691   -10.321 -1.507  1.00 28.87 ? 150 LEU A CD1 1 
ATOM   1092 C  CD2 . LEU A 1 150 ? 3.809   -8.754  -1.495  1.00 29.15 ? 150 LEU A CD2 1 
ATOM   1093 N  N   . TYR A 1 151 ? 3.668   -8.484  3.424   1.00 22.18 ? 151 TYR A N   1 
ATOM   1094 C  CA  . TYR A 1 151 ? 3.327   -8.644  4.879   1.00 21.21 ? 151 TYR A CA  1 
ATOM   1095 C  C   . TYR A 1 151 ? 3.742   -9.976  5.572   1.00 20.47 ? 151 TYR A C   1 
ATOM   1096 O  O   . TYR A 1 151 ? 4.018   -9.957  6.778   1.00 21.39 ? 151 TYR A O   1 
ATOM   1097 C  CB  . TYR A 1 151 ? 1.854   -8.272  5.230   1.00 20.86 ? 151 TYR A CB  1 
ATOM   1098 C  CG  . TYR A 1 151 ? 0.812   -9.304  4.852   1.00 20.90 ? 151 TYR A CG  1 
ATOM   1099 C  CD1 . TYR A 1 151 ? 0.695   -10.544 5.557   1.00 22.26 ? 151 TYR A CD1 1 
ATOM   1100 C  CD2 . TYR A 1 151 ? -0.080  -9.043  3.837   1.00 19.74 ? 151 TYR A CD2 1 
ATOM   1101 C  CE1 . TYR A 1 151 ? -0.236  -11.511 5.178   1.00 21.03 ? 151 TYR A CE1 1 
ATOM   1102 C  CE2 . TYR A 1 151 ? -1.014  -9.980  3.459   1.00 22.01 ? 151 TYR A CE2 1 
ATOM   1103 C  CZ  . TYR A 1 151 ? -1.097  -11.229 4.124   1.00 23.02 ? 151 TYR A CZ  1 
ATOM   1104 O  OH  . TYR A 1 151 ? -2.093  -12.122 3.713   1.00 20.63 ? 151 TYR A OH  1 
ATOM   1105 N  N   . PRO A 1 152 ? 3.817   -11.106 4.825   1.00 19.53 ? 152 PRO A N   1 
ATOM   1106 C  CA  . PRO A 1 152 ? 4.145   -12.324 5.596   1.00 20.84 ? 152 PRO A CA  1 
ATOM   1107 C  C   . PRO A 1 152 ? 5.478   -12.233 6.330   1.00 23.09 ? 152 PRO A C   1 
ATOM   1108 O  O   . PRO A 1 152 ? 5.604   -12.808 7.449   1.00 24.82 ? 152 PRO A O   1 
ATOM   1109 C  CB  . PRO A 1 152 ? 4.159   -13.435 4.526   1.00 19.22 ? 152 PRO A CB  1 
ATOM   1110 C  CG  . PRO A 1 152 ? 3.207   -12.941 3.446   1.00 16.66 ? 152 PRO A CG  1 
ATOM   1111 C  CD  . PRO A 1 152 ? 3.320   -11.432 3.463   1.00 18.31 ? 152 PRO A CD  1 
ATOM   1112 N  N   . SER A 1 153 ? 6.444   -11.514 5.741   1.00 20.66 ? 153 SER A N   1 
ATOM   1113 C  CA  . SER A 1 153 ? 7.737   -11.360 6.381   1.00 21.40 ? 153 SER A CA  1 
ATOM   1114 C  C   . SER A 1 153 ? 7.613   -10.441 7.612   1.00 22.73 ? 153 SER A C   1 
ATOM   1115 O  O   . SER A 1 153 ? 8.575   -10.235 8.334   1.00 21.79 ? 153 SER A O   1 
ATOM   1116 C  CB  . SER A 1 153 ? 8.818   -10.860 5.409   1.00 20.21 ? 153 SER A CB  1 
ATOM   1117 O  OG  . SER A 1 153 ? 8.520   -9.560  4.908   1.00 20.41 ? 153 SER A OG  1 
ATOM   1118 N  N   . ARG A 1 154 ? 6.419   -9.936  7.911   1.00 22.83 ? 154 ARG A N   1 
ATOM   1119 C  CA  . ARG A 1 154 ? 6.304   -9.135  9.145   1.00 23.34 ? 154 ARG A CA  1 
ATOM   1120 C  C   . ARG A 1 154 ? 5.409   -9.831  10.207  1.00 24.10 ? 154 ARG A C   1 
ATOM   1121 O  O   . ARG A 1 154 ? 5.198   -9.320  11.305  1.00 22.82 ? 154 ARG A O   1 
ATOM   1122 C  CB  . ARG A 1 154 ? 5.770   -7.746  8.817   1.00 22.74 ? 154 ARG A CB  1 
ATOM   1123 C  CG  . ARG A 1 154 ? 6.726   -6.899  7.986   1.00 22.05 ? 154 ARG A CG  1 
ATOM   1124 C  CD  . ARG A 1 154 ? 6.237   -5.464  8.058   1.00 24.19 ? 154 ARG A CD  1 
ATOM   1125 N  NE  . ARG A 1 154 ? 7.034   -4.628  7.201   1.00 27.46 ? 154 ARG A NE  1 
ATOM   1126 C  CZ  . ARG A 1 154 ? 8.139   -3.986  7.578   1.00 31.92 ? 154 ARG A CZ  1 
ATOM   1127 N  NH1 . ARG A 1 154 ? 8.570   -4.026  8.836   1.00 34.91 ? 154 ARG A NH1 1 
ATOM   1128 N  NH2 . ARG A 1 154 ? 8.817   -3.294  6.698   1.00 29.93 ? 154 ARG A NH2 1 
ATOM   1129 N  N   . ILE A 1 155 ? 4.854   -10.988 9.860   1.00 24.97 ? 155 ILE A N   1 
ATOM   1130 C  CA  . ILE A 1 155 ? 4.050   -11.757 10.814  1.00 26.87 ? 155 ILE A CA  1 
ATOM   1131 C  C   . ILE A 1 155 ? 4.943   -12.199 12.018  1.00 26.43 ? 155 ILE A C   1 
ATOM   1132 O  O   . ILE A 1 155 ? 6.063   -12.728 11.824  1.00 23.24 ? 155 ILE A O   1 
ATOM   1133 C  CB  . ILE A 1 155 ? 3.465   -13.027 10.143  1.00 27.36 ? 155 ILE A CB  1 
ATOM   1134 C  CG1 . ILE A 1 155 ? 2.524   -12.655 8.977   1.00 25.30 ? 155 ILE A CG1 1 
ATOM   1135 C  CG2 . ILE A 1 155 ? 2.843   -13.986 11.192  1.00 24.19 ? 155 ILE A CG2 1 
ATOM   1136 C  CD1 . ILE A 1 155 ? 2.093   -13.874 8.170   1.00 21.25 ? 155 ILE A CD1 1 
ATOM   1137 N  N   . GLU A 1 156 ? 4.440   -11.970 13.234  1.00 24.54 ? 156 GLU A N   1 
ATOM   1138 C  CA  . GLU A 1 156 ? 5.083   -12.465 14.452  1.00 26.82 ? 156 GLU A CA  1 
ATOM   1139 C  C   . GLU A 1 156 ? 4.240   -13.606 15.023  1.00 24.70 ? 156 GLU A C   1 
ATOM   1140 O  O   . GLU A 1 156 ? 4.796   -14.550 15.501  1.00 22.85 ? 156 GLU A O   1 
ATOM   1141 C  CB  . GLU A 1 156 ? 5.282   -11.348 15.490  1.00 33.42 ? 156 GLU A CB  1 
ATOM   1142 C  CG  . GLU A 1 156 ? 6.445   -10.400 15.161  1.00 40.33 ? 156 GLU A CG  1 
ATOM   1143 C  CD  . GLU A 1 156 ? 6.448   -9.137  16.009  1.00 46.48 ? 156 GLU A CD  1 
ATOM   1144 O  OE1 . GLU A 1 156 ? 5.579   -8.950  16.900  1.00 46.72 ? 156 GLU A OE1 1 
ATOM   1145 O  OE2 . GLU A 1 156 ? 7.323   -8.297  15.743  1.00 53.24 ? 156 GLU A OE2 1 
ATOM   1146 N  N   . ASN A 1 157 ? 2.906   -13.566 14.920  1.00 22.41 ? 157 ASN A N   1 
ATOM   1147 C  CA  . ASN A 1 157 ? 2.134   -14.674 15.449  1.00 22.72 ? 157 ASN A CA  1 
ATOM   1148 C  C   . ASN A 1 157 ? 1.523   -15.443 14.278  1.00 23.34 ? 157 ASN A C   1 
ATOM   1149 O  O   . ASN A 1 157 ? 0.514   -14.994 13.701  1.00 22.58 ? 157 ASN A O   1 
ATOM   1150 C  CB  . ASN A 1 157 ? 1.056   -14.175 16.439  1.00 22.08 ? 157 ASN A CB  1 
ATOM   1151 C  CG  . ASN A 1 157 ? 0.273   -15.320 17.125  1.00 22.64 ? 157 ASN A CG  1 
ATOM   1152 O  OD1 . ASN A 1 157 ? 0.407   -16.517 16.799  1.00 23.45 ? 157 ASN A OD1 1 
ATOM   1153 N  ND2 . ASN A 1 157 ? -0.580  -14.946 18.033  1.00 19.81 ? 157 ASN A ND2 1 
ATOM   1154 N  N   . PHE A 1 158 ? 2.135   -16.588 13.926  1.00 22.85 ? 158 PHE A N   1 
ATOM   1155 C  CA  . PHE A 1 158 ? 1.681   -17.377 12.784  1.00 22.50 ? 158 PHE A CA  1 
ATOM   1156 C  C   . PHE A 1 158 ? 0.334   -18.075 12.991  1.00 23.89 ? 158 PHE A C   1 
ATOM   1157 O  O   . PHE A 1 158 ? -0.234  -18.600 12.049  1.00 24.43 ? 158 PHE A O   1 
ATOM   1158 C  CB  . PHE A 1 158 ? 2.764   -18.339 12.315  1.00 23.03 ? 158 PHE A CB  1 
ATOM   1159 C  CG  . PHE A 1 158 ? 3.776   -17.674 11.456  1.00 23.74 ? 158 PHE A CG  1 
ATOM   1160 C  CD1 . PHE A 1 158 ? 3.532   -17.499 10.098  1.00 21.72 ? 158 PHE A CD1 1 
ATOM   1161 C  CD2 . PHE A 1 158 ? 4.964   -17.101 12.031  1.00 25.69 ? 158 PHE A CD2 1 
ATOM   1162 C  CE1 . PHE A 1 158 ? 4.459   -16.811 9.307   1.00 22.84 ? 158 PHE A CE1 1 
ATOM   1163 C  CE2 . PHE A 1 158 ? 5.903   -16.426 11.230  1.00 22.45 ? 158 PHE A CE2 1 
ATOM   1164 C  CZ  . PHE A 1 158 ? 5.636   -16.290 9.859   1.00 21.30 ? 158 PHE A CZ  1 
ATOM   1165 N  N   . ASP A 1 159 ? -0.177  -18.060 14.216  1.00 23.18 ? 159 ASP A N   1 
ATOM   1166 C  CA  . ASP A 1 159 ? -1.538  -18.531 14.498  1.00 25.03 ? 159 ASP A CA  1 
ATOM   1167 C  C   . ASP A 1 159 ? -2.597  -17.606 13.875  1.00 25.99 ? 159 ASP A C   1 
ATOM   1168 O  O   . ASP A 1 159 ? -3.755  -18.009 13.721  1.00 24.17 ? 159 ASP A O   1 
ATOM   1169 C  CB  . ASP A 1 159 ? -1.771  -18.496 16.029  1.00 25.02 ? 159 ASP A CB  1 
ATOM   1170 C  CG  . ASP A 1 159 ? -1.141  -19.698 16.795  1.00 26.58 ? 159 ASP A CG  1 
ATOM   1171 O  OD1 . ASP A 1 159 ? -0.363  -20.538 16.275  1.00 24.33 ? 159 ASP A OD1 1 
ATOM   1172 O  OD2 . ASP A 1 159 ? -1.470  -19.767 17.993  1.00 30.38 ? 159 ASP A OD2 1 
ATOM   1173 N  N   . THR A 1 160 ? -2.217  -16.344 13.613  1.00 23.68 ? 160 THR A N   1 
ATOM   1174 C  CA  . THR A 1 160 ? -3.174  -15.369 13.057  1.00 24.53 ? 160 THR A CA  1 
ATOM   1175 C  C   . THR A 1 160 ? -3.230  -15.414 11.517  1.00 23.56 ? 160 THR A C   1 
ATOM   1176 O  O   . THR A 1 160 ? -4.137  -14.841 10.957  1.00 26.77 ? 160 THR A O   1 
ATOM   1177 C  CB  . THR A 1 160 ? -2.843  -13.936 13.465  1.00 25.10 ? 160 THR A CB  1 
ATOM   1178 O  OG1 . THR A 1 160 ? -1.604  -13.521 12.813  1.00 24.51 ? 160 THR A OG1 1 
ATOM   1179 C  CG2 . THR A 1 160 ? -2.745  -13.823 15.000  1.00 22.26 ? 160 THR A CG2 1 
ATOM   1180 N  N   . PHE A 1 161 ? -2.295  -16.120 10.865  1.00 19.90 ? 161 PHE A N   1 
ATOM   1181 C  CA  . PHE A 1 161 ? -2.181  -16.198 9.391   1.00 19.69 ? 161 PHE A CA  1 
ATOM   1182 C  C   . PHE A 1 161 ? -3.095  -17.327 8.874   1.00 21.17 ? 161 PHE A C   1 
ATOM   1183 O  O   . PHE A 1 161 ? -2.943  -18.499 9.287   1.00 20.19 ? 161 PHE A O   1 
ATOM   1184 C  CB  . PHE A 1 161 ? -0.708  -16.485 9.018   1.00 17.50 ? 161 PHE A CB  1 
ATOM   1185 C  CG  . PHE A 1 161 ? -0.376  -16.405 7.523   1.00 17.89 ? 161 PHE A CG  1 
ATOM   1186 C  CD1 . PHE A 1 161 ? -1.080  -15.580 6.660   1.00 16.09 ? 161 PHE A CD1 1 
ATOM   1187 C  CD2 . PHE A 1 161 ? 0.743   -17.125 7.007   1.00 16.43 ? 161 PHE A CD2 1 
ATOM   1188 C  CE1 . PHE A 1 161 ? -0.732  -15.502 5.316   1.00 16.34 ? 161 PHE A CE1 1 
ATOM   1189 C  CE2 . PHE A 1 161 ? 1.122   -17.005 5.688   1.00 17.32 ? 161 PHE A CE2 1 
ATOM   1190 C  CZ  . PHE A 1 161 ? 0.381   -16.192 4.819   1.00 17.37 ? 161 PHE A CZ  1 
ATOM   1191 N  N   . GLY A 1 162 ? -4.038  -16.996 7.987   1.00 20.75 ? 162 GLY A N   1 
ATOM   1192 C  CA  . GLY A 1 162 ? -4.926  -18.036 7.470   1.00 22.20 ? 162 GLY A CA  1 
ATOM   1193 C  C   . GLY A 1 162 ? -5.879  -17.445 6.468   1.00 24.35 ? 162 GLY A C   1 
ATOM   1194 O  O   . GLY A 1 162 ? -5.809  -16.229 6.212   1.00 23.79 ? 162 GLY A O   1 
ATOM   1195 N  N   . PHE A 1 163 ? -6.722  -18.298 5.881   1.00 20.81 ? 163 PHE A N   1 
ATOM   1196 C  CA  . PHE A 1 163 ? -7.743  -17.875 4.922   1.00 24.05 ? 163 PHE A CA  1 
ATOM   1197 C  C   . PHE A 1 163 ? -8.861  -17.063 5.531   1.00 25.87 ? 163 PHE A C   1 
ATOM   1198 O  O   . PHE A 1 163 ? -9.267  -17.323 6.678   1.00 26.74 ? 163 PHE A O   1 
ATOM   1199 C  CB  . PHE A 1 163 ? -8.278  -19.068 4.141   1.00 21.18 ? 163 PHE A CB  1 
ATOM   1200 C  CG  . PHE A 1 163 ? -7.273  -19.615 3.194   1.00 22.82 ? 163 PHE A CG  1 
ATOM   1201 C  CD1 . PHE A 1 163 ? -6.405  -20.634 3.587   1.00 23.96 ? 163 PHE A CD1 1 
ATOM   1202 C  CD2 . PHE A 1 163 ? -7.163  -19.093 1.900   1.00 22.30 ? 163 PHE A CD2 1 
ATOM   1203 C  CE1 . PHE A 1 163 ? -5.427  -21.127 2.715   1.00 26.95 ? 163 PHE A CE1 1 
ATOM   1204 C  CE2 . PHE A 1 163 ? -6.222  -19.597 1.013   1.00 24.99 ? 163 PHE A CE2 1 
ATOM   1205 C  CZ  . PHE A 1 163 ? -5.328  -20.605 1.420   1.00 25.39 ? 163 PHE A CZ  1 
ATOM   1206 N  N   . ASP A 1 164 ? -9.339  -16.072 4.772   1.00 29.11 ? 164 ASP A N   1 
ATOM   1207 C  CA  . ASP A 1 164 ? -10.249 -15.058 5.293   1.00 32.76 ? 164 ASP A CA  1 
ATOM   1208 C  C   . ASP A 1 164 ? -11.571 -15.684 5.801   1.00 32.44 ? 164 ASP A C   1 
ATOM   1209 O  O   . ASP A 1 164 ? -12.111 -15.270 6.823   1.00 31.50 ? 164 ASP A O   1 
ATOM   1210 C  CB  . ASP A 1 164 ? -10.480 -13.911 4.266   1.00 38.30 ? 164 ASP A CB  1 
ATOM   1211 C  CG  . ASP A 1 164 ? -11.502 -12.825 4.790   1.00 52.81 ? 164 ASP A CG  1 
ATOM   1212 O  OD1 . ASP A 1 164 ? -12.507 -12.573 4.088   1.00 62.07 ? 164 ASP A OD1 1 
ATOM   1213 O  OD2 . ASP A 1 164 ? -11.344 -12.228 5.901   1.00 47.71 ? 164 ASP A OD2 1 
ATOM   1214 N  N   . ASP A 1 165 ? -12.068 -16.696 5.105   1.00 33.35 ? 165 ASP A N   1 
ATOM   1215 C  CA  . ASP A 1 165 ? -13.396 -17.257 5.400   1.00 41.85 ? 165 ASP A CA  1 
ATOM   1216 C  C   . ASP A 1 165 ? -13.380 -18.281 6.564   1.00 43.47 ? 165 ASP A C   1 
ATOM   1217 O  O   . ASP A 1 165 ? -14.411 -18.692 7.043   1.00 46.22 ? 165 ASP A O   1 
ATOM   1218 C  CB  . ASP A 1 165 ? -13.999 -17.872 4.127   1.00 43.26 ? 165 ASP A CB  1 
ATOM   1219 C  CG  . ASP A 1 165 ? -13.138 -19.008 3.559   1.00 51.40 ? 165 ASP A CG  1 
ATOM   1220 O  OD1 . ASP A 1 165 ? -11.950 -19.095 3.921   1.00 56.03 ? 165 ASP A OD1 1 
ATOM   1221 O  OD2 . ASP A 1 165 ? -13.620 -19.822 2.741   1.00 48.61 ? 165 ASP A OD2 1 
ATOM   1222 N  N   . VAL A 1 166 ? -12.188 -18.601 7.049   1.00 42.75 ? 166 VAL A N   1 
ATOM   1223 C  CA  . VAL A 1 166 ? -11.909 -19.662 7.995   1.00 39.18 ? 166 VAL A CA  1 
ATOM   1224 C  C   . VAL A 1 166 ? -11.448 -19.069 9.345   1.00 43.08 ? 166 VAL A C   1 
ATOM   1225 O  O   . VAL A 1 166 ? -11.728 -19.622 10.407  1.00 45.29 ? 166 VAL A O   1 
ATOM   1226 C  CB  . VAL A 1 166 ? -10.751 -20.543 7.409   1.00 38.28 ? 166 VAL A CB  1 
ATOM   1227 C  CG1 . VAL A 1 166 ? -10.285 -21.566 8.386   1.00 34.03 ? 166 VAL A CG1 1 
ATOM   1228 C  CG2 . VAL A 1 166 ? -11.161 -21.261 6.136   1.00 34.46 ? 166 VAL A CG2 1 
ATOM   1229 N  N   . LEU A 1 167 ? -10.710 -17.956 9.307   1.00 44.99 ? 167 LEU A N   1 
ATOM   1230 C  CA  . LEU A 1 167 ? -10.037 -17.398 10.506  1.00 44.23 ? 167 LEU A CA  1 
ATOM   1231 C  C   . LEU A 1 167 ? -10.970 -17.049 11.690  1.00 51.84 ? 167 LEU A C   1 
ATOM   1232 O  O   . LEU A 1 167 ? -12.015 -16.396 11.498  1.00 48.36 ? 167 LEU A O   1 
ATOM   1233 C  CB  . LEU A 1 167 ? -9.244  -16.166 10.108  1.00 38.07 ? 167 LEU A CB  1 
ATOM   1234 C  CG  . LEU A 1 167 ? -7.805  -16.458 9.782   1.00 38.05 ? 167 LEU A CG  1 
ATOM   1235 C  CD1 . LEU A 1 167 ? -7.221  -15.245 9.090   1.00 32.67 ? 167 LEU A CD1 1 
ATOM   1236 C  CD2 . LEU A 1 167 ? -7.024  -16.813 11.056  1.00 35.81 ? 167 LEU A CD2 1 
ATOM   1237 N  N   . SER A 1 168 ? -10.610 -17.488 12.903  1.00 54.22 ? 168 SER A N   1 
ATOM   1238 C  CA  . SER A 1 168 ? -11.479 -17.213 14.071  1.00 57.43 ? 168 SER A CA  1 
ATOM   1239 C  C   . SER A 1 168 ? -10.727 -16.545 15.237  1.00 59.03 ? 168 SER A C   1 
ATOM   1240 O  O   . SER A 1 168 ? -11.269 -16.399 16.336  1.00 61.22 ? 168 SER A O   1 
ATOM   1241 C  CB  . SER A 1 168 ? -12.331 -18.445 14.504  1.00 54.56 ? 168 SER A CB  1 
ATOM   1242 O  OG  . SER A 1 168 ? -11.530 -19.490 15.038  1.00 60.30 ? 168 SER A OG  1 
ATOM   1243 N  N   . TYR A 1 169 ? -9.479  -16.140 14.974  1.00 61.38 ? 169 TYR A N   1 
ATOM   1244 C  CA  . TYR A 1 169 ? -8.663  -15.386 15.927  1.00 66.41 ? 169 TYR A CA  1 
ATOM   1245 C  C   . TYR A 1 169 ? -9.194  -13.946 16.174  1.00 73.16 ? 169 TYR A C   1 
ATOM   1246 O  O   . TYR A 1 169 ? -9.586  -13.252 15.231  1.00 79.74 ? 169 TYR A O   1 
ATOM   1247 C  CB  . TYR A 1 169 ? -7.202  -15.336 15.450  1.00 58.84 ? 169 TYR A CB  1 
ATOM   1248 C  CG  . TYR A 1 169 ? -6.237  -14.867 16.527  1.00 57.66 ? 169 TYR A CG  1 
ATOM   1249 C  CD1 . TYR A 1 169 ? -5.501  -15.801 17.288  1.00 52.50 ? 169 TYR A CD1 1 
ATOM   1250 C  CD2 . TYR A 1 169 ? -6.077  -13.472 16.807  1.00 57.67 ? 169 TYR A CD2 1 
ATOM   1251 C  CE1 . TYR A 1 169 ? -4.628  -15.381 18.281  1.00 54.52 ? 169 TYR A CE1 1 
ATOM   1252 C  CE2 . TYR A 1 169 ? -5.214  -13.025 17.808  1.00 53.79 ? 169 TYR A CE2 1 
ATOM   1253 C  CZ  . TYR A 1 169 ? -4.487  -13.983 18.542  1.00 58.93 ? 169 TYR A CZ  1 
ATOM   1254 O  OH  . TYR A 1 169 ? -3.616  -13.558 19.528  1.00 51.88 ? 169 TYR A OH  1 
ATOM   1255 N  N   . ASP A 1 170 ? -9.187  -13.504 17.437  1.00 75.05 ? 170 ASP A N   1 
ATOM   1256 C  CA  . ASP A 1 170 ? -9.542  -12.123 17.799  1.00 67.02 ? 170 ASP A CA  1 
ATOM   1257 C  C   . ASP A 1 170 ? -8.453  -11.064 17.518  1.00 63.32 ? 170 ASP A C   1 
ATOM   1258 O  O   . ASP A 1 170 ? -8.120  -10.215 18.342  1.00 56.11 ? 170 ASP A O   1 
ATOM   1259 C  CB  . ASP A 1 170 ? -10.049 -12.099 19.234  1.00 69.96 ? 170 ASP A CB  1 
ATOM   1260 C  CG  . ASP A 1 170 ? -11.531 -12.448 19.306  1.00 71.29 ? 170 ASP A CG  1 
ATOM   1261 O  OD1 . ASP A 1 170 ? -12.285 -11.691 19.930  1.00 70.48 ? 170 ASP A OD1 1 
ATOM   1262 O  OD2 . ASP A 1 170 ? -11.960 -13.449 18.691  1.00 66.93 ? 170 ASP A OD2 1 
HETATM 1263 C  C   . ACT B 2 .   ? 9.528   -9.991  1.670   1.00 25.43 ? 201 ACT A C   1 
HETATM 1264 O  O   . ACT B 2 .   ? 8.533   -9.465  2.278   1.00 26.10 ? 201 ACT A O   1 
HETATM 1265 O  OXT . ACT B 2 .   ? 10.701  -10.057 2.175   1.00 26.09 ? 201 ACT A OXT 1 
HETATM 1266 C  CH3 . ACT B 2 .   ? 9.336   -10.582 0.310   1.00 22.42 ? 201 ACT A CH3 1 
HETATM 1267 CD CD  . CD  C 3 .   ? -0.500  -5.221  -0.559  0.50 23.48 ? 202 CD  A CD  1 
HETATM 1268 CD CD  . CD  D 3 .   ? 2.084   18.042  9.117   1.00 30.78 ? 203 CD  A CD  1 
HETATM 1269 CD CD  . CD  E 3 .   ? -5.502  11.185  17.132  1.00 53.67 ? 204 CD  A CD  1 
HETATM 1270 CD CD  . CD  F 3 .   ? -1.136  -3.520  -1.285  0.50 47.92 ? 205 CD  A CD  1 
HETATM 1271 C  C1  A 56T G 4 .   ? -5.326  -3.020  4.059   0.50 34.06 ? 206 56T A C1  1 
HETATM 1272 C  C1  B 56T G 4 .   ? -8.516  -5.742  0.422   0.50 52.85 ? 206 56T A C1  1 
HETATM 1273 C  C2  A 56T G 4 .   ? -4.128  -2.597  3.520   0.50 31.13 ? 206 56T A C2  1 
HETATM 1274 C  C2  B 56T G 4 .   ? -7.288  -6.098  0.963   0.50 47.53 ? 206 56T A C2  1 
HETATM 1275 C  C4  A 56T G 4 .   ? -3.862  -3.221  5.699   0.50 34.46 ? 206 56T A C4  1 
HETATM 1276 C  C4  B 56T G 4 .   ? -8.482  -7.998  0.576   0.50 64.24 ? 206 56T A C4  1 
HETATM 1277 C  C5  A 56T G 4 .   ? -5.190  -3.407  5.381   0.50 34.63 ? 206 56T A C5  1 
HETATM 1278 C  C5  B 56T G 4 .   ? -9.248  -6.900  0.191   0.50 61.13 ? 206 56T A C5  1 
HETATM 1279 C  C6  A 56T G 4 .   ? -3.905  -2.051  2.126   0.50 31.58 ? 206 56T A C6  1 
HETATM 1280 C  C6  B 56T G 4 .   ? -6.222  -5.163  1.326   0.50 41.43 ? 206 56T A C6  1 
HETATM 1281 C  C7  A 56T G 4 .   ? -3.473  -3.146  1.177   0.50 36.38 ? 206 56T A C7  1 
HETATM 1282 C  C7  B 56T G 4 .   ? -5.883  -4.520  0.000   0.50 31.84 ? 206 56T A C7  1 
HETATM 1283 N  N8  A 56T G 4 .   ? -4.673  -3.901  0.882   0.50 31.95 ? 206 56T A N8  1 
HETATM 1284 N  N8  B 56T G 4 .   ? -6.604  -3.311  -0.086  0.50 23.84 ? 206 56T A N8  1 
HETATM 1285 O  O3  A 56T G 4 .   ? -3.189  -2.709  4.496   0.50 32.58 ? 206 56T A O3  1 
HETATM 1286 O  O3  B 56T G 4 .   ? -7.189  -7.455  1.082   0.50 64.75 ? 206 56T A O3  1 
HETATM 1287 NA NA  . NA  H 5 .   ? 14.244  -7.669  -2.837  1.00 46.43 ? 207 NA  A NA  1 
HETATM 1288 O  O   . HOH I 6 .   ? 10.611  14.764  8.118   1.00 40.03 ? 301 HOH A O   1 
HETATM 1289 O  O   . HOH I 6 .   ? -7.810  -8.776  20.140  1.00 39.15 ? 302 HOH A O   1 
HETATM 1290 O  O   . HOH I 6 .   ? 13.683  -1.491  -9.808  1.00 27.90 ? 303 HOH A O   1 
HETATM 1291 O  O   . HOH I 6 .   ? -12.585 -10.181 6.213   1.00 39.42 ? 304 HOH A O   1 
HETATM 1292 O  O   . HOH I 6 .   ? -4.439  -17.330 -6.656  1.00 36.43 ? 305 HOH A O   1 
HETATM 1293 O  O   . HOH I 6 .   ? 3.207   6.734   20.993  1.00 31.35 ? 306 HOH A O   1 
HETATM 1294 O  O   . HOH I 6 .   ? 8.823   -3.114  -5.886  1.00 33.27 ? 307 HOH A O   1 
HETATM 1295 O  O   . HOH I 6 .   ? 5.833   -5.514  -3.601  1.00 33.33 ? 308 HOH A O   1 
HETATM 1296 O  O   . HOH I 6 .   ? 12.862  -11.266 1.459   1.00 22.75 ? 309 HOH A O   1 
HETATM 1297 O  O   . HOH I 6 .   ? 7.866   18.367  9.245   1.00 44.21 ? 310 HOH A O   1 
HETATM 1298 O  O   . HOH I 6 .   ? 7.085   -3.843  -10.416 1.00 28.13 ? 311 HOH A O   1 
HETATM 1299 O  O   . HOH I 6 .   ? -1.142  1.871   12.358  1.00 22.37 ? 312 HOH A O   1 
HETATM 1300 O  O   . HOH I 6 .   ? -2.722  0.224   13.653  1.00 24.08 ? 313 HOH A O   1 
HETATM 1301 O  O   . HOH I 6 .   ? -10.241 3.379   -6.171  1.00 20.35 ? 314 HOH A O   1 
HETATM 1302 O  O   . HOH I 6 .   ? -2.293  -17.587 19.181  1.00 39.04 ? 315 HOH A O   1 
HETATM 1303 O  O   . HOH I 6 .   ? -5.687  -17.924 -2.390  1.00 27.16 ? 316 HOH A O   1 
HETATM 1304 O  O   . HOH I 6 .   ? 6.648   -0.031  6.032   1.00 39.16 ? 317 HOH A O   1 
HETATM 1305 O  O   . HOH I 6 .   ? 8.668   -2.600  -8.811  1.00 19.47 ? 318 HOH A O   1 
HETATM 1306 O  O   . HOH I 6 .   ? 1.925   -11.018 13.964  1.00 19.59 ? 319 HOH A O   1 
HETATM 1307 O  O   . HOH I 6 .   ? -3.715  -11.369 1.712   1.00 14.27 ? 320 HOH A O   1 
HETATM 1308 O  O   . HOH I 6 .   ? 7.171   -5.650  16.044  1.00 47.30 ? 321 HOH A O   1 
HETATM 1309 O  O   . HOH I 6 .   ? 2.190   -9.375  16.120  1.00 40.10 ? 322 HOH A O   1 
HETATM 1310 O  O   . HOH I 6 .   ? 6.963   -7.593  12.381  1.00 29.70 ? 323 HOH A O   1 
HETATM 1311 O  O   . HOH I 6 .   ? -10.996 -21.601 13.446  1.00 39.52 ? 324 HOH A O   1 
HETATM 1312 O  O   . HOH I 6 .   ? 0.471   -20.006 9.854   1.00 26.15 ? 325 HOH A O   1 
HETATM 1313 O  O   . HOH I 6 .   ? 3.969   -5.365  4.231   1.00 17.23 ? 326 HOH A O   1 
HETATM 1314 O  O   . HOH I 6 .   ? -13.298 0.113   -10.684 1.00 37.45 ? 327 HOH A O   1 
HETATM 1315 O  O   . HOH I 6 .   ? 0.464   -2.612  -16.148 1.00 32.17 ? 328 HOH A O   1 
HETATM 1316 O  O   . HOH I 6 .   ? 14.864  6.642   -8.161  1.00 34.79 ? 329 HOH A O   1 
HETATM 1317 O  O   . HOH I 6 .   ? 8.104   8.626   -13.409 1.00 35.86 ? 330 HOH A O   1 
HETATM 1318 O  O   . HOH I 6 .   ? 9.491   -0.451  5.181   1.00 47.19 ? 331 HOH A O   1 
HETATM 1319 O  O   . HOH I 6 .   ? 6.663   -12.013 -5.075  1.00 23.31 ? 332 HOH A O   1 
HETATM 1320 O  O   . HOH I 6 .   ? 7.408   -13.198 9.482   1.00 19.65 ? 333 HOH A O   1 
HETATM 1321 O  O   . HOH I 6 .   ? 0.136   -23.096 17.135  1.00 28.80 ? 334 HOH A O   1 
HETATM 1322 O  O   . HOH I 6 .   ? -10.874 -13.911 12.889  1.00 40.41 ? 335 HOH A O   1 
HETATM 1323 O  O   . HOH I 6 .   ? 5.611   -0.726  8.916   1.00 18.54 ? 336 HOH A O   1 
HETATM 1324 O  O   . HOH I 6 .   ? -7.262  -4.967  12.726  1.00 23.60 ? 337 HOH A O   1 
HETATM 1325 O  O   . HOH I 6 .   ? -10.043 -10.030 15.325  1.00 47.64 ? 338 HOH A O   1 
HETATM 1326 O  O   . HOH I 6 .   ? 0.712   19.779  -16.208 1.00 34.36 ? 339 HOH A O   1 
HETATM 1327 O  O   . HOH I 6 .   ? -6.883  5.931   -17.569 1.00 41.84 ? 340 HOH A O   1 
HETATM 1328 O  O   . HOH I 6 .   ? 10.760  1.203   16.735  1.00 42.06 ? 341 HOH A O   1 
HETATM 1329 O  O   . HOH I 6 .   ? 3.907   5.037   16.717  1.00 19.51 ? 342 HOH A O   1 
HETATM 1330 O  O   . HOH I 6 .   ? -4.972  9.400   10.885  1.00 23.63 ? 343 HOH A O   1 
HETATM 1331 O  O   . HOH I 6 .   ? -4.012  11.653  -19.309 1.00 27.41 ? 344 HOH A O   1 
HETATM 1332 O  O   . HOH I 6 .   ? -3.945  -20.002 11.459  1.00 20.73 ? 345 HOH A O   1 
HETATM 1333 O  O   . HOH I 6 .   ? 0.849   -12.949 -11.085 1.00 29.13 ? 346 HOH A O   1 
HETATM 1334 O  O   . HOH I 6 .   ? 13.931  -5.658  -1.567  1.00 31.61 ? 347 HOH A O   1 
HETATM 1335 O  O   . HOH I 6 .   ? -0.541  -5.237  -15.069 1.00 29.16 ? 348 HOH A O   1 
HETATM 1336 O  O   . HOH I 6 .   ? 11.777  9.125   -2.695  1.00 31.97 ? 349 HOH A O   1 
HETATM 1337 O  O   . HOH I 6 .   ? 8.325   -13.855 13.148  1.00 49.60 ? 350 HOH A O   1 
HETATM 1338 O  O   . HOH I 6 .   ? 11.514  2.409   -3.447  1.00 28.94 ? 351 HOH A O   1 
HETATM 1339 O  O   . HOH I 6 .   ? 3.478   -4.764  1.372   1.00 21.61 ? 352 HOH A O   1 
HETATM 1340 O  O   . HOH I 6 .   ? 6.465   -4.704  11.407  1.00 34.60 ? 353 HOH A O   1 
HETATM 1341 O  O   . HOH I 6 .   ? 10.151  2.528   -14.147 1.00 38.99 ? 354 HOH A O   1 
HETATM 1342 O  O   . HOH I 6 .   ? -12.154 -0.046  -3.593  1.00 35.80 ? 355 HOH A O   1 
HETATM 1343 O  O   . HOH I 6 .   ? -2.361  -22.265 19.162  1.00 36.81 ? 356 HOH A O   1 
HETATM 1344 O  O   . HOH I 6 .   ? 10.220  13.774  -5.525  1.00 36.05 ? 357 HOH A O   1 
HETATM 1345 O  O   . HOH I 6 .   ? 4.794   6.693   -3.244  1.00 26.80 ? 358 HOH A O   1 
HETATM 1346 O  O   . HOH I 6 .   ? 7.640   -4.282  -15.282 1.00 37.09 ? 359 HOH A O   1 
HETATM 1347 O  O   . HOH I 6 .   ? 9.693   12.702  -1.224  1.00 42.65 ? 360 HOH A O   1 
HETATM 1348 O  O   . HOH I 6 .   ? 4.033   -17.723 15.828  1.00 26.42 ? 361 HOH A O   1 
HETATM 1349 O  O   . HOH I 6 .   ? -7.086  5.720   10.812  1.00 41.19 ? 362 HOH A O   1 
HETATM 1350 O  O   . HOH I 6 .   ? -1.575  18.220  -13.602 1.00 34.09 ? 363 HOH A O   1 
HETATM 1351 O  O   . HOH I 6 .   ? 6.595   -11.630 2.645   1.00 23.54 ? 364 HOH A O   1 
HETATM 1352 O  O   . HOH I 6 .   ? 10.833  6.575   3.858   1.00 33.24 ? 365 HOH A O   1 
HETATM 1353 O  O   . HOH I 6 .   ? -3.511  -4.687  -2.206  1.00 25.28 ? 366 HOH A O   1 
HETATM 1354 O  O   . HOH I 6 .   ? 7.522   -0.425  -15.181 1.00 35.02 ? 367 HOH A O   1 
HETATM 1355 O  O   . HOH I 6 .   ? 13.266  -8.697  -8.304  1.00 35.33 ? 368 HOH A O   1 
HETATM 1356 O  O   . HOH I 6 .   ? 6.470   16.668  0.099   1.00 31.58 ? 369 HOH A O   1 
HETATM 1357 O  O   . HOH I 6 .   ? 6.148   10.606  -19.143 1.00 31.83 ? 370 HOH A O   1 
HETATM 1358 O  O   . HOH I 6 .   ? 4.524   -0.560  21.380  1.00 31.97 ? 371 HOH A O   1 
HETATM 1359 O  O   . HOH I 6 .   ? -6.177  -18.733 15.284  1.00 41.35 ? 372 HOH A O   1 
HETATM 1360 O  O   . HOH I 6 .   ? 15.828  -3.975  -6.593  1.00 31.83 ? 373 HOH A O   1 
HETATM 1361 O  O   . HOH I 6 .   ? -6.602  -3.385  10.388  1.00 34.93 ? 374 HOH A O   1 
HETATM 1362 O  O   . HOH I 6 .   ? -11.642 10.827  0.662   1.00 35.13 ? 375 HOH A O   1 
HETATM 1363 O  O   . HOH I 6 .   ? 8.699   12.119  6.440   1.00 43.43 ? 376 HOH A O   1 
HETATM 1364 O  O   . HOH I 6 .   ? 1.721   -7.060  1.553   1.00 26.84 ? 377 HOH A O   1 
HETATM 1365 O  O   . HOH I 6 .   ? -3.203  16.878  2.480   1.00 31.66 ? 378 HOH A O   1 
HETATM 1366 O  O   . HOH I 6 .   ? -7.885  3.828   12.919  1.00 34.38 ? 379 HOH A O   1 
HETATM 1367 O  O   . HOH I 6 .   ? -2.024  -3.884  19.679  1.00 35.29 ? 380 HOH A O   1 
HETATM 1368 O  O   . HOH I 6 .   ? -11.727 -6.800  0.012   1.00 39.91 ? 381 HOH A O   1 
HETATM 1369 O  O   . HOH I 6 .   ? 14.643  6.997   -5.309  1.00 46.31 ? 382 HOH A O   1 
HETATM 1370 O  O   . HOH I 6 .   ? 4.387   6.878   -16.150 1.00 33.57 ? 383 HOH A O   1 
HETATM 1371 O  O   . HOH I 6 .   ? 9.832   13.381  13.511  1.00 47.80 ? 384 HOH A O   1 
HETATM 1372 O  O   . HOH I 6 .   ? -3.277  15.548  -8.216  1.00 31.38 ? 385 HOH A O   1 
HETATM 1373 O  O   . HOH I 6 .   ? 15.954  1.980   -7.623  1.00 41.69 ? 386 HOH A O   1 
HETATM 1374 O  O   . HOH I 6 .   ? 3.856   -15.975 18.361  1.00 48.27 ? 387 HOH A O   1 
HETATM 1375 O  O   . HOH I 6 .   ? -2.239  15.887  8.438   1.00 28.07 ? 388 HOH A O   1 
HETATM 1376 O  O   . HOH I 6 .   ? -13.873 -8.093  -6.178  1.00 38.81 ? 389 HOH A O   1 
HETATM 1377 O  O   . HOH I 6 .   ? -11.023 -9.010  9.002   1.00 44.81 ? 390 HOH A O   1 
HETATM 1378 O  O   . HOH I 6 .   ? 9.164   -11.365 11.651  1.00 38.55 ? 391 HOH A O   1 
HETATM 1379 O  O   . HOH I 6 .   ? 15.943  -6.234  -4.552  1.00 44.91 ? 392 HOH A O   1 
HETATM 1380 O  O   . HOH I 6 .   ? -14.834 -17.827 12.802  1.00 46.32 ? 393 HOH A O   1 
HETATM 1381 O  O   . HOH I 6 .   ? 10.912  4.206   -1.468  1.00 39.63 ? 394 HOH A O   1 
HETATM 1382 O  O   . HOH I 6 .   ? -11.831 -1.444  -17.940 1.00 34.54 ? 395 HOH A O   1 
HETATM 1383 O  O   . HOH I 6 .   ? -11.491 2.324   -19.823 1.00 36.27 ? 396 HOH A O   1 
HETATM 1384 O  O   . HOH I 6 .   ? -11.516 2.624   -3.488  1.00 34.33 ? 397 HOH A O   1 
HETATM 1385 O  O   . HOH I 6 .   ? 2.906   1.725   -17.524 1.00 32.07 ? 398 HOH A O   1 
HETATM 1386 O  O   . HOH I 6 .   ? 0.875   -22.416 20.401  1.00 44.30 ? 399 HOH A O   1 
HETATM 1387 O  O   . HOH I 6 .   ? 0.738   -7.782  -15.776 1.00 34.92 ? 400 HOH A O   1 
HETATM 1388 O  O   . HOH I 6 .   ? 9.160   -12.495 15.319  1.00 41.74 ? 401 HOH A O   1 
HETATM 1389 O  O   . HOH I 6 .   ? 11.734  4.791   -14.169 1.00 37.37 ? 402 HOH A O   1 
HETATM 1390 O  O   . HOH I 6 .   ? 3.397   0.798   23.652  1.00 52.37 ? 403 HOH A O   1 
HETATM 1391 O  O   . HOH I 6 .   ? 7.614   2.579   -15.755 1.00 39.80 ? 404 HOH A O   1 
# 
loop_
_pdbx_poly_seq_scheme.asym_id 
_pdbx_poly_seq_scheme.entity_id 
_pdbx_poly_seq_scheme.seq_id 
_pdbx_poly_seq_scheme.mon_id 
_pdbx_poly_seq_scheme.ndb_seq_num 
_pdbx_poly_seq_scheme.pdb_seq_num 
_pdbx_poly_seq_scheme.auth_seq_num 
_pdbx_poly_seq_scheme.pdb_mon_id 
_pdbx_poly_seq_scheme.auth_mon_id 
_pdbx_poly_seq_scheme.pdb_strand_id 
_pdbx_poly_seq_scheme.pdb_ins_code 
_pdbx_poly_seq_scheme.hetero 
A 1 1   MET 1   1   1   MET MET A . n 
A 1 2   ILE 2   2   2   ILE ILE A . n 
A 1 3   ARG 3   3   3   ARG ARG A . n 
A 1 4   ASP 4   4   4   ASP ASP A . n 
A 1 5   ILE 5   5   5   ILE ILE A . n 
A 1 6   ILE 6   6   6   ILE ILE A . n 
A 1 7   ARG 7   7   7   ARG ARG A . n 
A 1 8   MET 8   8   8   MET MET A . n 
A 1 9   GLY 9   9   9   GLY GLY A . n 
A 1 10  ASP 10  10  10  ASP ASP A . n 
A 1 11  LYS 11  11  11  LYS LYS A . n 
A 1 12  ARG 12  12  12  ARG ARG A . n 
A 1 13  LEU 13  13  13  LEU LEU A . n 
A 1 14  LEU 14  14  14  LEU LEU A . n 
A 1 15  ARG 15  15  15  ARG ARG A . n 
A 1 16  VAL 16  16  16  VAL VAL A . n 
A 1 17  ALA 17  17  17  ALA ALA A . n 
A 1 18  PRO 18  18  18  PRO PRO A . n 
A 1 19  GLN 19  19  19  GLN GLN A . n 
A 1 20  VAL 20  20  20  VAL VAL A . n 
A 1 21  THR 21  21  21  THR THR A . n 
A 1 22  ASN 22  22  22  ASN ASN A . n 
A 1 23  LEU 23  23  23  LEU LEU A . n 
A 1 24  GLY 24  24  24  GLY GLY A . n 
A 1 25  SER 25  25  25  SER SER A . n 
A 1 26  ALA 26  26  26  ALA ALA A . n 
A 1 27  GLU 27  27  27  GLU GLU A . n 
A 1 28  LEU 28  28  28  LEU LEU A . n 
A 1 29  HIS 29  29  29  HIS HIS A . n 
A 1 30  ALA 30  30  30  ALA ALA A . n 
A 1 31  LEU 31  31  31  LEU LEU A . n 
A 1 32  VAL 32  32  32  VAL VAL A . n 
A 1 33  SER 33  33  33  SER SER A . n 
A 1 34  ASP 34  34  34  ASP ASP A . n 
A 1 35  MET 35  35  35  MET MET A . n 
A 1 36  PHE 36  36  36  PHE PHE A . n 
A 1 37  GLU 37  37  37  GLU GLU A . n 
A 1 38  THR 38  38  38  THR THR A . n 
A 1 39  MET 39  39  39  MET MET A . n 
A 1 40  GLY 40  40  40  GLY GLY A . n 
A 1 41  ALA 41  41  41  ALA ALA A . n 
A 1 42  ALA 42  42  42  ALA ALA A . n 
A 1 43  HIS 43  43  43  HIS HIS A . n 
A 1 44  GLY 44  44  44  GLY GLY A . n 
A 1 45  VAL 45  45  45  VAL VAL A . n 
A 1 46  GLY 46  46  46  GLY GLY A . n 
A 1 47  LEU 47  47  47  LEU LEU A . n 
A 1 48  ALA 48  48  48  ALA ALA A . n 
A 1 49  ALA 49  49  49  ALA ALA A . n 
A 1 50  PRO 50  50  50  PRO PRO A . n 
A 1 51  GLN 51  51  51  GLN GLN A . n 
A 1 52  ILE 52  52  52  ILE ILE A . n 
A 1 53  ALA 53  53  53  ALA ALA A . n 
A 1 54  VAL 54  54  54  VAL VAL A . n 
A 1 55  ASP 55  55  55  ASP ASP A . n 
A 1 56  LEU 56  56  56  LEU LEU A . n 
A 1 57  GLN 57  57  57  GLN GLN A . n 
A 1 58  LEU 58  58  58  LEU LEU A . n 
A 1 59  MET 59  59  59  MET MET A . n 
A 1 60  VAL 60  60  60  VAL VAL A . n 
A 1 61  PHE 61  61  61  PHE PHE A . n 
A 1 62  GLY 62  62  62  GLY GLY A . n 
A 1 63  PHE 63  63  63  PHE PHE A . n 
A 1 64  GLU 64  64  ?   ?   ?   A . n 
A 1 65  ALA 65  65  ?   ?   ?   A . n 
A 1 66  SER 66  66  ?   ?   ?   A . n 
A 1 67  GLU 67  67  ?   ?   ?   A . n 
A 1 68  ARG 68  68  ?   ?   ?   A . n 
A 1 69  TYR 69  69  ?   ?   ?   A . n 
A 1 70  PRO 70  70  ?   ?   ?   A . n 
A 1 71  GLU 71  71  ?   ?   ?   A . n 
A 1 72  ALA 72  72  ?   ?   ?   A . n 
A 1 73  PRO 73  73  73  PRO PRO A . n 
A 1 74  ALA 74  74  74  ALA ALA A . n 
A 1 75  VAL 75  75  75  VAL VAL A . n 
A 1 76  PRO 76  76  76  PRO PRO A . n 
A 1 77  LEU 77  77  77  LEU LEU A . n 
A 1 78  THR 78  78  78  THR THR A . n 
A 1 79  ALA 79  79  79  ALA ALA A . n 
A 1 80  LEU 80  80  80  LEU LEU A . n 
A 1 81  ALA 81  81  81  ALA ALA A . n 
A 1 82  ASN 82  82  82  ASN ASN A . n 
A 1 83  ALA 83  83  83  ALA ALA A . n 
A 1 84  GLN 84  84  84  GLN GLN A . n 
A 1 85  ILE 85  85  85  ILE ILE A . n 
A 1 86  GLU 86  86  86  GLU GLU A . n 
A 1 87  PRO 87  87  87  PRO PRO A . n 
A 1 88  LEU 88  88  88  LEU LEU A . n 
A 1 89  SER 89  89  89  SER SER A . n 
A 1 90  ASP 90  90  90  ASP ASP A . n 
A 1 91  GLU 91  91  91  GLU GLU A . n 
A 1 92  MET 92  92  92  MET MET A . n 
A 1 93  GLU 93  93  93  GLU GLU A . n 
A 1 94  ASN 94  94  94  ASN ASN A . n 
A 1 95  GLY 95  95  95  GLY GLY A . n 
A 1 96  TRP 96  96  96  TRP TRP A . n 
A 1 97  GLU 97  97  97  GLU GLU A . n 
A 1 98  GLY 98  98  98  GLY GLY A . n 
A 1 99  CYS 99  99  99  CYS CYS A . n 
A 1 100 LEU 100 100 100 LEU LEU A . n 
A 1 101 SER 101 101 101 SER SER A . n 
A 1 102 ILE 102 102 102 ILE ILE A . n 
A 1 103 PRO 103 103 103 PRO PRO A . n 
A 1 104 GLY 104 104 104 GLY GLY A . n 
A 1 105 LEU 105 105 105 LEU LEU A . n 
A 1 106 ARG 106 106 106 ARG ARG A . n 
A 1 107 ALA 107 107 107 ALA ALA A . n 
A 1 108 VAL 108 108 108 VAL VAL A . n 
A 1 109 ILE 109 109 109 ILE ILE A . n 
A 1 110 PRO 110 110 110 PRO PRO A . n 
A 1 111 ARG 111 111 111 ARG ARG A . n 
A 1 112 TYR 112 112 112 TYR TYR A . n 
A 1 113 ARG 113 113 113 ARG ARG A . n 
A 1 114 TYR 114 114 114 TYR TYR A . n 
A 1 115 ILE 115 115 115 ILE ILE A . n 
A 1 116 ARG 116 116 116 ARG ARG A . n 
A 1 117 TYR 117 117 117 TYR TYR A . n 
A 1 118 ARG 118 118 118 ARG ARG A . n 
A 1 119 GLY 119 119 119 GLY GLY A . n 
A 1 120 PHE 120 120 120 PHE PHE A . n 
A 1 121 ALA 121 121 121 ALA ALA A . n 
A 1 122 PRO 122 122 122 PRO PRO A . n 
A 1 123 ASP 123 123 123 ASP ASP A . n 
A 1 124 GLY 124 124 124 GLY GLY A . n 
A 1 125 SER 125 125 125 SER SER A . n 
A 1 126 PRO 126 126 126 PRO PRO A . n 
A 1 127 ILE 127 127 127 ILE ILE A . n 
A 1 128 GLU 128 128 128 GLU GLU A . n 
A 1 129 ARG 129 129 129 ARG ARG A . n 
A 1 130 GLU 130 130 130 GLU GLU A . n 
A 1 131 ALA 131 131 131 ALA ALA A . n 
A 1 132 GLU 132 132 132 GLU GLU A . n 
A 1 133 GLY 133 133 133 GLY GLY A . n 
A 1 134 PHE 134 134 134 PHE PHE A . n 
A 1 135 HIS 135 135 135 HIS HIS A . n 
A 1 136 ALA 136 136 136 ALA ALA A . n 
A 1 137 ARG 137 137 137 ARG ARG A . n 
A 1 138 VAL 138 138 138 VAL VAL A . n 
A 1 139 VAL 139 139 139 VAL VAL A . n 
A 1 140 GLN 140 140 140 GLN GLN A . n 
A 1 141 HIS 141 141 141 HIS HIS A . n 
A 1 142 GLU 142 142 142 GLU GLU A . n 
A 1 143 TYR 143 143 143 TYR TYR A . n 
A 1 144 ASP 144 144 144 ASP ASP A . n 
A 1 145 HIS 145 145 145 HIS HIS A . n 
A 1 146 LEU 146 146 146 LEU LEU A . n 
A 1 147 VAL 147 147 147 VAL VAL A . n 
A 1 148 GLY 148 148 148 GLY GLY A . n 
A 1 149 ARG 149 149 149 ARG ARG A . n 
A 1 150 LEU 150 150 150 LEU LEU A . n 
A 1 151 TYR 151 151 151 TYR TYR A . n 
A 1 152 PRO 152 152 152 PRO PRO A . n 
A 1 153 SER 153 153 153 SER SER A . n 
A 1 154 ARG 154 154 154 ARG ARG A . n 
A 1 155 ILE 155 155 155 ILE ILE A . n 
A 1 156 GLU 156 156 156 GLU GLU A . n 
A 1 157 ASN 157 157 157 ASN ASN A . n 
A 1 158 PHE 158 158 158 PHE PHE A . n 
A 1 159 ASP 159 159 159 ASP ASP A . n 
A 1 160 THR 160 160 160 THR THR A . n 
A 1 161 PHE 161 161 161 PHE PHE A . n 
A 1 162 GLY 162 162 162 GLY GLY A . n 
A 1 163 PHE 163 163 163 PHE PHE A . n 
A 1 164 ASP 164 164 164 ASP ASP A . n 
A 1 165 ASP 165 165 165 ASP ASP A . n 
A 1 166 VAL 166 166 166 VAL VAL A . n 
A 1 167 LEU 167 167 167 LEU LEU A . n 
A 1 168 SER 168 168 168 SER SER A . n 
A 1 169 TYR 169 169 169 TYR TYR A . n 
A 1 170 ASP 170 170 170 ASP ASP A . n 
A 1 171 LEU 171 171 ?   ?   ?   A . n 
# 
loop_
_pdbx_nonpoly_scheme.asym_id 
_pdbx_nonpoly_scheme.entity_id 
_pdbx_nonpoly_scheme.mon_id 
_pdbx_nonpoly_scheme.ndb_seq_num 
_pdbx_nonpoly_scheme.pdb_seq_num 
_pdbx_nonpoly_scheme.auth_seq_num 
_pdbx_nonpoly_scheme.pdb_mon_id 
_pdbx_nonpoly_scheme.auth_mon_id 
_pdbx_nonpoly_scheme.pdb_strand_id 
_pdbx_nonpoly_scheme.pdb_ins_code 
B 2 ACT 1   201 1  ACT ACT A . 
C 3 CD  1   202 1  CD  CD  A . 
D 3 CD  1   203 2  CD  CD  A . 
E 3 CD  1   204 3  CD  CD  A . 
F 3 CD  1   205 4  CD  CD  A . 
G 4 56T 1   206 1  56T 124 A . 
H 5 NA  1   207 1  NA  NA  A . 
I 6 HOH 1   301 20 HOH HOH A . 
I 6 HOH 2   302 45 HOH HOH A . 
I 6 HOH 3   303 42 HOH HOH A . 
I 6 HOH 4   304 3  HOH HOH A . 
I 6 HOH 5   305 16 HOH HOH A . 
I 6 HOH 6   306 24 HOH HOH A . 
I 6 HOH 7   307 43 HOH HOH A . 
I 6 HOH 8   308 54 HOH HOH A . 
I 6 HOH 9   309 34 HOH HOH A . 
I 6 HOH 10  310 56 HOH HOH A . 
I 6 HOH 11  311 5  HOH HOH A . 
I 6 HOH 12  312 4  HOH HOH A . 
I 6 HOH 13  313 1  HOH HOH A . 
I 6 HOH 14  314 29 HOH HOH A . 
I 6 HOH 15  315 53 HOH HOH A . 
I 6 HOH 16  316 51 HOH HOH A . 
I 6 HOH 17  317 66 HOH HOH A . 
I 6 HOH 18  318 4  HOH HOH A . 
I 6 HOH 19  319 9  HOH HOH A . 
I 6 HOH 20  320 12 HOH HOH A . 
I 6 HOH 21  321 35 HOH HOH A . 
I 6 HOH 22  322 15 HOH HOH A . 
I 6 HOH 23  323 46 HOH HOH A . 
I 6 HOH 24  324 10 HOH HOH A . 
I 6 HOH 25  325 7  HOH HOH A . 
I 6 HOH 26  326 1  HOH HOH A . 
I 6 HOH 27  327 58 HOH HOH A . 
I 6 HOH 28  328 74 HOH HOH A . 
I 6 HOH 29  329 40 HOH HOH A . 
I 6 HOH 30  330 55 HOH HOH A . 
I 6 HOH 31  331 75 HOH HOH A . 
I 6 HOH 32  332 12 HOH HOH A . 
I 6 HOH 33  333 6  HOH HOH A . 
I 6 HOH 34  334 10 HOH HOH A . 
I 6 HOH 35  335 60 HOH HOH A . 
I 6 HOH 36  336 14 HOH HOH A . 
I 6 HOH 37  337 28 HOH HOH A . 
I 6 HOH 38  338 64 HOH HOH A . 
I 6 HOH 39  339 48 HOH HOH A . 
I 6 HOH 40  340 82 HOH HOH A . 
I 6 HOH 41  341 59 HOH HOH A . 
I 6 HOH 42  342 26 HOH HOH A . 
I 6 HOH 43  343 18 HOH HOH A . 
I 6 HOH 44  344 44 HOH HOH A . 
I 6 HOH 45  345 11 HOH HOH A . 
I 6 HOH 46  346 22 HOH HOH A . 
I 6 HOH 47  347 19 HOH HOH A . 
I 6 HOH 48  348 14 HOH HOH A . 
I 6 HOH 49  349 52 HOH HOH A . 
I 6 HOH 50  350 78 HOH HOH A . 
I 6 HOH 51  351 25 HOH HOH A . 
I 6 HOH 52  352 3  HOH HOH A . 
I 6 HOH 53  353 57 HOH HOH A . 
I 6 HOH 54  354 72 HOH HOH A . 
I 6 HOH 55  355 23 HOH HOH A . 
I 6 HOH 56  356 63 HOH HOH A . 
I 6 HOH 57  357 77 HOH HOH A . 
I 6 HOH 58  358 27 HOH HOH A . 
I 6 HOH 59  359 36 HOH HOH A . 
I 6 HOH 60  360 70 HOH HOH A . 
I 6 HOH 61  361 31 HOH HOH A . 
I 6 HOH 62  362 33 HOH HOH A . 
I 6 HOH 63  363 50 HOH HOH A . 
I 6 HOH 64  364 6  HOH HOH A . 
I 6 HOH 65  365 17 HOH HOH A . 
I 6 HOH 66  366 93 HOH HOH A . 
I 6 HOH 67  367 68 HOH HOH A . 
I 6 HOH 68  368 21 HOH HOH A . 
I 6 HOH 69  369 19 HOH HOH A . 
I 6 HOH 70  370 8  HOH HOH A . 
I 6 HOH 71  371 13 HOH HOH A . 
I 6 HOH 72  372 16 HOH HOH A . 
I 6 HOH 73  373 49 HOH HOH A . 
I 6 HOH 74  374 47 HOH HOH A . 
I 6 HOH 75  375 41 HOH HOH A . 
I 6 HOH 76  376 67 HOH HOH A . 
I 6 HOH 77  377 2  HOH HOH A . 
I 6 HOH 78  378 5  HOH HOH A . 
I 6 HOH 79  379 85 HOH HOH A . 
I 6 HOH 80  380 32 HOH HOH A . 
I 6 HOH 81  381 38 HOH HOH A . 
I 6 HOH 82  382 80 HOH HOH A . 
I 6 HOH 83  383 15 HOH HOH A . 
I 6 HOH 84  384 65 HOH HOH A . 
I 6 HOH 85  385 21 HOH HOH A . 
I 6 HOH 86  386 88 HOH HOH A . 
I 6 HOH 87  387 69 HOH HOH A . 
I 6 HOH 88  388 20 HOH HOH A . 
I 6 HOH 89  389 17 HOH HOH A . 
I 6 HOH 90  390 30 HOH HOH A . 
I 6 HOH 91  391 87 HOH HOH A . 
I 6 HOH 92  392 61 HOH HOH A . 
I 6 HOH 93  393 62 HOH HOH A . 
I 6 HOH 94  394 39 HOH HOH A . 
I 6 HOH 95  395 7  HOH HOH A . 
I 6 HOH 96  396 8  HOH HOH A . 
I 6 HOH 97  397 86 HOH HOH A . 
I 6 HOH 98  398 18 HOH HOH A . 
I 6 HOH 99  399 9  HOH HOH A . 
I 6 HOH 100 400 13 HOH HOH A . 
I 6 HOH 101 401 92 HOH HOH A . 
I 6 HOH 102 402 90 HOH HOH A . 
I 6 HOH 103 403 37 HOH HOH A . 
I 6 HOH 104 404 89 HOH HOH A . 
# 
_pdbx_struct_assembly.id                   1 
_pdbx_struct_assembly.details              author_and_software_defined_assembly 
_pdbx_struct_assembly.method_details       PISA 
_pdbx_struct_assembly.oligomeric_details   dimeric 
_pdbx_struct_assembly.oligomeric_count     2 
# 
_pdbx_struct_assembly_gen.assembly_id       1 
_pdbx_struct_assembly_gen.oper_expression   1,2 
_pdbx_struct_assembly_gen.asym_id_list      A,B,C,D,E,F,G,H,I 
# 
loop_
_pdbx_struct_assembly_prop.biol_id 
_pdbx_struct_assembly_prop.type 
_pdbx_struct_assembly_prop.value 
_pdbx_struct_assembly_prop.details 
1 'ABSA (A^2)' 3650  ? 
1 MORE         -86   ? 
1 'SSA (A^2)'  14270 ? 
# 
loop_
_pdbx_struct_oper_list.id 
_pdbx_struct_oper_list.type 
_pdbx_struct_oper_list.name 
_pdbx_struct_oper_list.symmetry_operation 
_pdbx_struct_oper_list.matrix[1][1] 
_pdbx_struct_oper_list.matrix[1][2] 
_pdbx_struct_oper_list.matrix[1][3] 
_pdbx_struct_oper_list.vector[1] 
_pdbx_struct_oper_list.matrix[2][1] 
_pdbx_struct_oper_list.matrix[2][2] 
_pdbx_struct_oper_list.matrix[2][3] 
_pdbx_struct_oper_list.vector[2] 
_pdbx_struct_oper_list.matrix[3][1] 
_pdbx_struct_oper_list.matrix[3][2] 
_pdbx_struct_oper_list.matrix[3][3] 
_pdbx_struct_oper_list.vector[3] 
1 'identity operation'         1_555 x,y,z     1.0000000000 0.0000000000 0.0000000000 0.0000000000 0.0000000000 1.0000000000  0.0000000000 0.0000000000   0.0000000000 0.0000000000 1.0000000000  0.0000000000 
2 'crystal symmetry operation' 8_555 x-y,-y,-z 0.0950373621 0.2868793679 0.9532408552 2.9876408839 0.2868793679 -0.9248429555 0.2497313274 -34.4965041583 0.9532408552 0.2497313274 -0.1701944066 6.9497198712 
# 
loop_
_pdbx_struct_conn_angle.id 
_pdbx_struct_conn_angle.ptnr1_label_atom_id 
_pdbx_struct_conn_angle.ptnr1_label_alt_id 
_pdbx_struct_conn_angle.ptnr1_label_asym_id 
_pdbx_struct_conn_angle.ptnr1_label_comp_id 
_pdbx_struct_conn_angle.ptnr1_label_seq_id 
_pdbx_struct_conn_angle.ptnr1_auth_atom_id 
_pdbx_struct_conn_angle.ptnr1_auth_asym_id 
_pdbx_struct_conn_angle.ptnr1_auth_comp_id 
_pdbx_struct_conn_angle.ptnr1_auth_seq_id 
_pdbx_struct_conn_angle.ptnr1_PDB_ins_code 
_pdbx_struct_conn_angle.ptnr1_symmetry 
_pdbx_struct_conn_angle.ptnr2_label_atom_id 
_pdbx_struct_conn_angle.ptnr2_label_alt_id 
_pdbx_struct_conn_angle.ptnr2_label_asym_id 
_pdbx_struct_conn_angle.ptnr2_label_comp_id 
_pdbx_struct_conn_angle.ptnr2_label_seq_id 
_pdbx_struct_conn_angle.ptnr2_auth_atom_id 
_pdbx_struct_conn_angle.ptnr2_auth_asym_id 
_pdbx_struct_conn_angle.ptnr2_auth_comp_id 
_pdbx_struct_conn_angle.ptnr2_auth_seq_id 
_pdbx_struct_conn_angle.ptnr2_PDB_ins_code 
_pdbx_struct_conn_angle.ptnr2_symmetry 
_pdbx_struct_conn_angle.ptnr3_label_atom_id 
_pdbx_struct_conn_angle.ptnr3_label_alt_id 
_pdbx_struct_conn_angle.ptnr3_label_asym_id 
_pdbx_struct_conn_angle.ptnr3_label_comp_id 
_pdbx_struct_conn_angle.ptnr3_label_seq_id 
_pdbx_struct_conn_angle.ptnr3_auth_atom_id 
_pdbx_struct_conn_angle.ptnr3_auth_asym_id 
_pdbx_struct_conn_angle.ptnr3_auth_comp_id 
_pdbx_struct_conn_angle.ptnr3_auth_seq_id 
_pdbx_struct_conn_angle.ptnr3_PDB_ins_code 
_pdbx_struct_conn_angle.ptnr3_symmetry 
_pdbx_struct_conn_angle.value 
_pdbx_struct_conn_angle.value_esd 
1  O   ? A LEU 14  ? A LEU 14  ? 1_555 NA ? H NA . ? A NA 207 ? 1_555 O   ? I HOH .   ? A HOH 334 ? 8_555 94.3  ? 
2  O   ? A LEU 14  ? A LEU 14  ? 1_555 NA ? H NA . ? A NA 207 ? 1_555 O   ? I HOH .   ? A HOH 347 ? 1_555 88.5  ? 
3  O   ? I HOH .   ? A HOH 334 ? 8_555 NA ? H NA . ? A NA 207 ? 1_555 O   ? I HOH .   ? A HOH 347 ? 1_555 92.8  ? 
4  O   ? A LEU 14  ? A LEU 14  ? 1_555 NA ? H NA . ? A NA 207 ? 1_555 O   ? I HOH .   ? A HOH 356 ? 8_555 93.5  ? 
5  O   ? I HOH .   ? A HOH 334 ? 8_555 NA ? H NA . ? A NA 207 ? 1_555 O   ? I HOH .   ? A HOH 356 ? 8_555 87.5  ? 
6  O   ? I HOH .   ? A HOH 347 ? 1_555 NA ? H NA . ? A NA 207 ? 1_555 O   ? I HOH .   ? A HOH 356 ? 8_555 178.0 ? 
7  O   ? A LEU 14  ? A LEU 14  ? 1_555 NA ? H NA . ? A NA 207 ? 1_555 O   ? I HOH .   ? A HOH 392 ? 1_555 80.2  ? 
8  O   ? I HOH .   ? A HOH 334 ? 8_555 NA ? H NA . ? A NA 207 ? 1_555 O   ? I HOH .   ? A HOH 392 ? 1_555 174.3 ? 
9  O   ? I HOH .   ? A HOH 347 ? 1_555 NA ? H NA . ? A NA 207 ? 1_555 O   ? I HOH .   ? A HOH 392 ? 1_555 88.5  ? 
10 O   ? I HOH .   ? A HOH 356 ? 8_555 NA ? H NA . ? A NA 207 ? 1_555 O   ? I HOH .   ? A HOH 392 ? 1_555 91.4  ? 
11 O   ? A LEU 14  ? A LEU 14  ? 1_555 NA ? H NA . ? A NA 207 ? 1_555 O   ? I HOH .   ? A HOH 399 ? 8_555 175.1 ? 
12 O   ? I HOH .   ? A HOH 334 ? 8_555 NA ? H NA . ? A NA 207 ? 1_555 O   ? I HOH .   ? A HOH 399 ? 8_555 90.6  ? 
13 O   ? I HOH .   ? A HOH 347 ? 1_555 NA ? H NA . ? A NA 207 ? 1_555 O   ? I HOH .   ? A HOH 399 ? 8_555 91.1  ? 
14 O   ? I HOH .   ? A HOH 356 ? 8_555 NA ? H NA . ? A NA 207 ? 1_555 O   ? I HOH .   ? A HOH 399 ? 8_555 86.9  ? 
15 O   ? I HOH .   ? A HOH 392 ? 1_555 NA ? H NA . ? A NA 207 ? 1_555 O   ? I HOH .   ? A HOH 399 ? 8_555 94.9  ? 
16 OE2 ? A GLU 37  ? A GLU 37  ? 1_555 CD ? E CD . ? A CD 204 ? 8_445 OE1 ? A GLU 132 ? A GLU 132 ? 1_555 22.8  ? 
17 OE2 ? A GLU 37  ? A GLU 37  ? 1_555 CD ? E CD . ? A CD 204 ? 8_445 O   ? I HOH .   ? A HOH 396 ? 8_545 19.8  ? 
18 OE1 ? A GLU 132 ? A GLU 132 ? 1_555 CD ? E CD . ? A CD 204 ? 8_445 O   ? I HOH .   ? A HOH 396 ? 8_545 4.0   ? 
19 NE2 ? A HIS 43  ? A HIS 43  ? 1_555 CD ? D CD . ? A CD 203 ? 8_445 OE1 ? A GLU 128 ? A GLU 128 ? 1_555 58.9  ? 
20 NE2 ? A HIS 43  ? A HIS 43  ? 1_555 CD ? D CD . ? A CD 203 ? 8_445 OE2 ? A GLU 128 ? A GLU 128 ? 1_555 62.3  ? 
21 OE1 ? A GLU 128 ? A GLU 128 ? 1_555 CD ? D CD . ? A CD 203 ? 8_445 OE2 ? A GLU 128 ? A GLU 128 ? 1_555 3.5   ? 
22 NE2 ? A HIS 43  ? A HIS 43  ? 1_555 CD ? D CD . ? A CD 203 ? 8_445 OE1 ? A GLU 130 ? A GLU 130 ? 1_555 54.5  ? 
23 OE1 ? A GLU 128 ? A GLU 128 ? 1_555 CD ? D CD . ? A CD 203 ? 8_445 OE1 ? A GLU 130 ? A GLU 130 ? 1_555 5.7   ? 
24 OE2 ? A GLU 128 ? A GLU 128 ? 1_555 CD ? D CD . ? A CD 203 ? 8_445 OE1 ? A GLU 130 ? A GLU 130 ? 1_555 8.2   ? 
25 NE2 ? A HIS 43  ? A HIS 43  ? 1_555 CD ? D CD . ? A CD 203 ? 8_445 OE2 ? A GLU 130 ? A GLU 130 ? 1_555 56.0  ? 
26 OE1 ? A GLU 128 ? A GLU 128 ? 1_555 CD ? D CD . ? A CD 203 ? 8_445 OE2 ? A GLU 130 ? A GLU 130 ? 1_555 7.4   ? 
27 OE2 ? A GLU 128 ? A GLU 128 ? 1_555 CD ? D CD . ? A CD 203 ? 8_445 OE2 ? A GLU 130 ? A GLU 130 ? 1_555 8.6   ? 
28 OE1 ? A GLU 130 ? A GLU 130 ? 1_555 CD ? D CD . ? A CD 203 ? 8_445 OE2 ? A GLU 130 ? A GLU 130 ? 1_555 3.5   ? 
29 SG  ? A CYS 99  ? A CYS 99  ? 1_555 CD ? C CD . ? A CD 202 ? 1_555 NE2 ? A HIS 141 ? A HIS 141 ? 1_555 114.7 ? 
30 SG  ? A CYS 99  ? A CYS 99  ? 1_555 CD ? C CD . ? A CD 202 ? 1_555 NE2 ? A HIS 145 ? A HIS 145 ? 1_555 105.6 ? 
31 NE2 ? A HIS 141 ? A HIS 141 ? 1_555 CD ? C CD . ? A CD 202 ? 1_555 NE2 ? A HIS 145 ? A HIS 145 ? 1_555 104.5 ? 
# 
loop_
_pdbx_audit_revision_history.ordinal 
_pdbx_audit_revision_history.data_content_type 
_pdbx_audit_revision_history.major_revision 
_pdbx_audit_revision_history.minor_revision 
_pdbx_audit_revision_history.revision_date 
1 'Structure model' 1 0 2016-08-03 
2 'Structure model' 1 1 2023-11-08 
# 
_pdbx_audit_revision_details.ordinal             1 
_pdbx_audit_revision_details.revision_ordinal    1 
_pdbx_audit_revision_details.data_content_type   'Structure model' 
_pdbx_audit_revision_details.provider            repository 
_pdbx_audit_revision_details.type                'Initial release' 
_pdbx_audit_revision_details.description         ? 
_pdbx_audit_revision_details.details             ? 
# 
loop_
_pdbx_audit_revision_group.ordinal 
_pdbx_audit_revision_group.revision_ordinal 
_pdbx_audit_revision_group.data_content_type 
_pdbx_audit_revision_group.group 
1 2 'Structure model' 'Data collection'        
2 2 'Structure model' 'Database references'    
3 2 'Structure model' 'Derived calculations'   
4 2 'Structure model' 'Refinement description' 
# 
loop_
_pdbx_audit_revision_category.ordinal 
_pdbx_audit_revision_category.revision_ordinal 
_pdbx_audit_revision_category.data_content_type 
_pdbx_audit_revision_category.category 
1 2 'Structure model' chem_comp_atom                
2 2 'Structure model' chem_comp_bond                
3 2 'Structure model' database_2                    
4 2 'Structure model' pdbx_initial_refinement_model 
5 2 'Structure model' pdbx_struct_conn_angle        
6 2 'Structure model' pdbx_struct_oper_list         
7 2 'Structure model' struct_conn                   
# 
loop_
_pdbx_audit_revision_item.ordinal 
_pdbx_audit_revision_item.revision_ordinal 
_pdbx_audit_revision_item.data_content_type 
_pdbx_audit_revision_item.item 
1  2 'Structure model' '_database_2.pdbx_DOI'                        
2  2 'Structure model' '_database_2.pdbx_database_accession'         
3  2 'Structure model' '_pdbx_struct_conn_angle.ptnr1_auth_comp_id'  
4  2 'Structure model' '_pdbx_struct_conn_angle.ptnr1_auth_seq_id'   
5  2 'Structure model' '_pdbx_struct_conn_angle.ptnr1_label_atom_id' 
6  2 'Structure model' '_pdbx_struct_conn_angle.ptnr1_label_comp_id' 
7  2 'Structure model' '_pdbx_struct_conn_angle.ptnr1_label_seq_id'  
8  2 'Structure model' '_pdbx_struct_conn_angle.ptnr1_symmetry'      
9  2 'Structure model' '_pdbx_struct_conn_angle.ptnr2_auth_seq_id'   
10 2 'Structure model' '_pdbx_struct_conn_angle.ptnr2_label_asym_id' 
11 2 'Structure model' '_pdbx_struct_conn_angle.ptnr2_symmetry'      
12 2 'Structure model' '_pdbx_struct_conn_angle.ptnr3_auth_comp_id'  
13 2 'Structure model' '_pdbx_struct_conn_angle.ptnr3_auth_seq_id'   
14 2 'Structure model' '_pdbx_struct_conn_angle.ptnr3_label_asym_id' 
15 2 'Structure model' '_pdbx_struct_conn_angle.ptnr3_label_atom_id' 
16 2 'Structure model' '_pdbx_struct_conn_angle.ptnr3_label_comp_id' 
17 2 'Structure model' '_pdbx_struct_conn_angle.ptnr3_label_seq_id'  
18 2 'Structure model' '_pdbx_struct_conn_angle.ptnr3_symmetry'      
19 2 'Structure model' '_pdbx_struct_conn_angle.value'               
20 2 'Structure model' '_pdbx_struct_oper_list.symmetry_operation'   
21 2 'Structure model' '_struct_conn.pdbx_dist_value'                
22 2 'Structure model' '_struct_conn.ptnr1_auth_comp_id'             
23 2 'Structure model' '_struct_conn.ptnr1_auth_seq_id'              
24 2 'Structure model' '_struct_conn.ptnr1_label_asym_id'            
25 2 'Structure model' '_struct_conn.ptnr1_label_atom_id'            
26 2 'Structure model' '_struct_conn.ptnr1_label_comp_id'            
27 2 'Structure model' '_struct_conn.ptnr1_label_seq_id'             
28 2 'Structure model' '_struct_conn.ptnr2_auth_comp_id'             
29 2 'Structure model' '_struct_conn.ptnr2_auth_seq_id'              
30 2 'Structure model' '_struct_conn.ptnr2_label_asym_id'            
31 2 'Structure model' '_struct_conn.ptnr2_label_atom_id'            
32 2 'Structure model' '_struct_conn.ptnr2_label_comp_id'            
33 2 'Structure model' '_struct_conn.ptnr2_symmetry'                 
# 
loop_
_software.citation_id 
_software.classification 
_software.compiler_name 
_software.compiler_version 
_software.contact_author 
_software.contact_author_email 
_software.date 
_software.description 
_software.dependencies 
_software.hardware 
_software.language 
_software.location 
_software.mods 
_software.name 
_software.os 
_software.os_version 
_software.type 
_software.version 
_software.pdbx_ordinal 
? refinement       ? ? ? ? ? ? ? ? ? ? ? REFMAC   ? ? ? 5.7.0032 1 
? 'data reduction' ? ? ? ? ? ? ? ? ? ? ? HKL-2000 ? ? ? .        2 
? 'data scaling'   ? ? ? ? ? ? ? ? ? ? ? HKL-2000 ? ? ? .        3 
? phasing          ? ? ? ? ? ? ? ? ? ? ? HKL-2000 ? ? ? .        4 
# 
_pdbx_validate_close_contact.id               1 
_pdbx_validate_close_contact.PDB_model_num    1 
_pdbx_validate_close_contact.auth_atom_id_1   OE2 
_pdbx_validate_close_contact.auth_asym_id_1   A 
_pdbx_validate_close_contact.auth_comp_id_1   GLU 
_pdbx_validate_close_contact.auth_seq_id_1    91 
_pdbx_validate_close_contact.PDB_ins_code_1   ? 
_pdbx_validate_close_contact.label_alt_id_1   ? 
_pdbx_validate_close_contact.auth_atom_id_2   NH2 
_pdbx_validate_close_contact.auth_asym_id_2   A 
_pdbx_validate_close_contact.auth_comp_id_2   ARG 
_pdbx_validate_close_contact.auth_seq_id_2    113 
_pdbx_validate_close_contact.PDB_ins_code_2   ? 
_pdbx_validate_close_contact.label_alt_id_2   ? 
_pdbx_validate_close_contact.dist             1.92 
# 
_pdbx_validate_rmsd_bond.id                        1 
_pdbx_validate_rmsd_bond.PDB_model_num             1 
_pdbx_validate_rmsd_bond.auth_atom_id_1            CD 
_pdbx_validate_rmsd_bond.auth_asym_id_1            A 
_pdbx_validate_rmsd_bond.auth_comp_id_1            GLU 
_pdbx_validate_rmsd_bond.auth_seq_id_1             91 
_pdbx_validate_rmsd_bond.PDB_ins_code_1            ? 
_pdbx_validate_rmsd_bond.label_alt_id_1            ? 
_pdbx_validate_rmsd_bond.auth_atom_id_2            OE2 
_pdbx_validate_rmsd_bond.auth_asym_id_2            A 
_pdbx_validate_rmsd_bond.auth_comp_id_2            GLU 
_pdbx_validate_rmsd_bond.auth_seq_id_2             91 
_pdbx_validate_rmsd_bond.PDB_ins_code_2            ? 
_pdbx_validate_rmsd_bond.label_alt_id_2            ? 
_pdbx_validate_rmsd_bond.bond_value                1.357 
_pdbx_validate_rmsd_bond.bond_target_value         1.252 
_pdbx_validate_rmsd_bond.bond_deviation            0.105 
_pdbx_validate_rmsd_bond.bond_standard_deviation   0.011 
_pdbx_validate_rmsd_bond.linker_flag               N 
# 
loop_
_pdbx_validate_rmsd_angle.id 
_pdbx_validate_rmsd_angle.PDB_model_num 
_pdbx_validate_rmsd_angle.auth_atom_id_1 
_pdbx_validate_rmsd_angle.auth_asym_id_1 
_pdbx_validate_rmsd_angle.auth_comp_id_1 
_pdbx_validate_rmsd_angle.auth_seq_id_1 
_pdbx_validate_rmsd_angle.PDB_ins_code_1 
_pdbx_validate_rmsd_angle.label_alt_id_1 
_pdbx_validate_rmsd_angle.auth_atom_id_2 
_pdbx_validate_rmsd_angle.auth_asym_id_2 
_pdbx_validate_rmsd_angle.auth_comp_id_2 
_pdbx_validate_rmsd_angle.auth_seq_id_2 
_pdbx_validate_rmsd_angle.PDB_ins_code_2 
_pdbx_validate_rmsd_angle.label_alt_id_2 
_pdbx_validate_rmsd_angle.auth_atom_id_3 
_pdbx_validate_rmsd_angle.auth_asym_id_3 
_pdbx_validate_rmsd_angle.auth_comp_id_3 
_pdbx_validate_rmsd_angle.auth_seq_id_3 
_pdbx_validate_rmsd_angle.PDB_ins_code_3 
_pdbx_validate_rmsd_angle.label_alt_id_3 
_pdbx_validate_rmsd_angle.angle_value 
_pdbx_validate_rmsd_angle.angle_target_value 
_pdbx_validate_rmsd_angle.angle_deviation 
_pdbx_validate_rmsd_angle.angle_standard_deviation 
_pdbx_validate_rmsd_angle.linker_flag 
1 1 NE A ARG 3   ? ? CZ A ARG 3   ? ? NH2 A ARG 3   ? ? 117.00 120.30 -3.30 0.50 N 
2 1 NE A ARG 15  ? ? CZ A ARG 15  ? ? NH1 A ARG 15  ? ? 117.28 120.30 -3.02 0.50 N 
3 1 NE A ARG 129 ? ? CZ A ARG 129 ? ? NH1 A ARG 129 ? ? 123.44 120.30 3.14  0.50 N 
4 1 NE A ARG 129 ? ? CZ A ARG 129 ? ? NH2 A ARG 129 ? ? 116.99 120.30 -3.31 0.50 N 
5 1 CB A ASP 159 ? ? CG A ASP 159 ? ? OD1 A ASP 159 ? ? 124.20 118.30 5.90  0.90 N 
# 
loop_
_pdbx_unobs_or_zero_occ_residues.id 
_pdbx_unobs_or_zero_occ_residues.PDB_model_num 
_pdbx_unobs_or_zero_occ_residues.polymer_flag 
_pdbx_unobs_or_zero_occ_residues.occupancy_flag 
_pdbx_unobs_or_zero_occ_residues.auth_asym_id 
_pdbx_unobs_or_zero_occ_residues.auth_comp_id 
_pdbx_unobs_or_zero_occ_residues.auth_seq_id 
_pdbx_unobs_or_zero_occ_residues.PDB_ins_code 
_pdbx_unobs_or_zero_occ_residues.label_asym_id 
_pdbx_unobs_or_zero_occ_residues.label_comp_id 
_pdbx_unobs_or_zero_occ_residues.label_seq_id 
1  1 Y 1 A GLU 64  ? A GLU 64  
2  1 Y 1 A ALA 65  ? A ALA 65  
3  1 Y 1 A SER 66  ? A SER 66  
4  1 Y 1 A GLU 67  ? A GLU 67  
5  1 Y 1 A ARG 68  ? A ARG 68  
6  1 Y 1 A TYR 69  ? A TYR 69  
7  1 Y 1 A PRO 70  ? A PRO 70  
8  1 Y 1 A GLU 71  ? A GLU 71  
9  1 Y 1 A ALA 72  ? A ALA 72  
10 1 Y 1 A LEU 171 ? A LEU 171 
# 
loop_
_chem_comp_atom.comp_id 
_chem_comp_atom.atom_id 
_chem_comp_atom.type_symbol 
_chem_comp_atom.pdbx_aromatic_flag 
_chem_comp_atom.pdbx_stereo_config 
_chem_comp_atom.pdbx_ordinal 
56T C1   C  Y N 1   
56T C2   C  Y N 2   
56T C4   C  Y N 3   
56T C5   C  Y N 4   
56T C6   C  N N 5   
56T C7   C  N N 6   
56T N8   N  N N 7   
56T O3   O  Y N 8   
56T H1   H  N N 9   
56T H2   H  N N 10  
56T H3   H  N N 11  
56T H4   H  N N 12  
56T H5   H  N N 13  
56T H6   H  N N 14  
56T H7   H  N N 15  
56T H8   H  N N 16  
56T H9   H  N N 17  
ACT C    C  N N 18  
ACT O    O  N N 19  
ACT OXT  O  N N 20  
ACT CH3  C  N N 21  
ACT H1   H  N N 22  
ACT H2   H  N N 23  
ACT H3   H  N N 24  
ALA N    N  N N 25  
ALA CA   C  N S 26  
ALA C    C  N N 27  
ALA O    O  N N 28  
ALA CB   C  N N 29  
ALA OXT  O  N N 30  
ALA H    H  N N 31  
ALA H2   H  N N 32  
ALA HA   H  N N 33  
ALA HB1  H  N N 34  
ALA HB2  H  N N 35  
ALA HB3  H  N N 36  
ALA HXT  H  N N 37  
ARG N    N  N N 38  
ARG CA   C  N S 39  
ARG C    C  N N 40  
ARG O    O  N N 41  
ARG CB   C  N N 42  
ARG CG   C  N N 43  
ARG CD   C  N N 44  
ARG NE   N  N N 45  
ARG CZ   C  N N 46  
ARG NH1  N  N N 47  
ARG NH2  N  N N 48  
ARG OXT  O  N N 49  
ARG H    H  N N 50  
ARG H2   H  N N 51  
ARG HA   H  N N 52  
ARG HB2  H  N N 53  
ARG HB3  H  N N 54  
ARG HG2  H  N N 55  
ARG HG3  H  N N 56  
ARG HD2  H  N N 57  
ARG HD3  H  N N 58  
ARG HE   H  N N 59  
ARG HH11 H  N N 60  
ARG HH12 H  N N 61  
ARG HH21 H  N N 62  
ARG HH22 H  N N 63  
ARG HXT  H  N N 64  
ASN N    N  N N 65  
ASN CA   C  N S 66  
ASN C    C  N N 67  
ASN O    O  N N 68  
ASN CB   C  N N 69  
ASN CG   C  N N 70  
ASN OD1  O  N N 71  
ASN ND2  N  N N 72  
ASN OXT  O  N N 73  
ASN H    H  N N 74  
ASN H2   H  N N 75  
ASN HA   H  N N 76  
ASN HB2  H  N N 77  
ASN HB3  H  N N 78  
ASN HD21 H  N N 79  
ASN HD22 H  N N 80  
ASN HXT  H  N N 81  
ASP N    N  N N 82  
ASP CA   C  N S 83  
ASP C    C  N N 84  
ASP O    O  N N 85  
ASP CB   C  N N 86  
ASP CG   C  N N 87  
ASP OD1  O  N N 88  
ASP OD2  O  N N 89  
ASP OXT  O  N N 90  
ASP H    H  N N 91  
ASP H2   H  N N 92  
ASP HA   H  N N 93  
ASP HB2  H  N N 94  
ASP HB3  H  N N 95  
ASP HD2  H  N N 96  
ASP HXT  H  N N 97  
CD  CD   CD N N 98  
CYS N    N  N N 99  
CYS CA   C  N R 100 
CYS C    C  N N 101 
CYS O    O  N N 102 
CYS CB   C  N N 103 
CYS SG   S  N N 104 
CYS OXT  O  N N 105 
CYS H    H  N N 106 
CYS H2   H  N N 107 
CYS HA   H  N N 108 
CYS HB2  H  N N 109 
CYS HB3  H  N N 110 
CYS HG   H  N N 111 
CYS HXT  H  N N 112 
GLN N    N  N N 113 
GLN CA   C  N S 114 
GLN C    C  N N 115 
GLN O    O  N N 116 
GLN CB   C  N N 117 
GLN CG   C  N N 118 
GLN CD   C  N N 119 
GLN OE1  O  N N 120 
GLN NE2  N  N N 121 
GLN OXT  O  N N 122 
GLN H    H  N N 123 
GLN H2   H  N N 124 
GLN HA   H  N N 125 
GLN HB2  H  N N 126 
GLN HB3  H  N N 127 
GLN HG2  H  N N 128 
GLN HG3  H  N N 129 
GLN HE21 H  N N 130 
GLN HE22 H  N N 131 
GLN HXT  H  N N 132 
GLU N    N  N N 133 
GLU CA   C  N S 134 
GLU C    C  N N 135 
GLU O    O  N N 136 
GLU CB   C  N N 137 
GLU CG   C  N N 138 
GLU CD   C  N N 139 
GLU OE1  O  N N 140 
GLU OE2  O  N N 141 
GLU OXT  O  N N 142 
GLU H    H  N N 143 
GLU H2   H  N N 144 
GLU HA   H  N N 145 
GLU HB2  H  N N 146 
GLU HB3  H  N N 147 
GLU HG2  H  N N 148 
GLU HG3  H  N N 149 
GLU HE2  H  N N 150 
GLU HXT  H  N N 151 
GLY N    N  N N 152 
GLY CA   C  N N 153 
GLY C    C  N N 154 
GLY O    O  N N 155 
GLY OXT  O  N N 156 
GLY H    H  N N 157 
GLY H2   H  N N 158 
GLY HA2  H  N N 159 
GLY HA3  H  N N 160 
GLY HXT  H  N N 161 
HIS N    N  N N 162 
HIS CA   C  N S 163 
HIS C    C  N N 164 
HIS O    O  N N 165 
HIS CB   C  N N 166 
HIS CG   C  Y N 167 
HIS ND1  N  Y N 168 
HIS CD2  C  Y N 169 
HIS CE1  C  Y N 170 
HIS NE2  N  Y N 171 
HIS OXT  O  N N 172 
HIS H    H  N N 173 
HIS H2   H  N N 174 
HIS HA   H  N N 175 
HIS HB2  H  N N 176 
HIS HB3  H  N N 177 
HIS HD1  H  N N 178 
HIS HD2  H  N N 179 
HIS HE1  H  N N 180 
HIS HE2  H  N N 181 
HIS HXT  H  N N 182 
HOH O    O  N N 183 
HOH H1   H  N N 184 
HOH H2   H  N N 185 
ILE N    N  N N 186 
ILE CA   C  N S 187 
ILE C    C  N N 188 
ILE O    O  N N 189 
ILE CB   C  N S 190 
ILE CG1  C  N N 191 
ILE CG2  C  N N 192 
ILE CD1  C  N N 193 
ILE OXT  O  N N 194 
ILE H    H  N N 195 
ILE H2   H  N N 196 
ILE HA   H  N N 197 
ILE HB   H  N N 198 
ILE HG12 H  N N 199 
ILE HG13 H  N N 200 
ILE HG21 H  N N 201 
ILE HG22 H  N N 202 
ILE HG23 H  N N 203 
ILE HD11 H  N N 204 
ILE HD12 H  N N 205 
ILE HD13 H  N N 206 
ILE HXT  H  N N 207 
LEU N    N  N N 208 
LEU CA   C  N S 209 
LEU C    C  N N 210 
LEU O    O  N N 211 
LEU CB   C  N N 212 
LEU CG   C  N N 213 
LEU CD1  C  N N 214 
LEU CD2  C  N N 215 
LEU OXT  O  N N 216 
LEU H    H  N N 217 
LEU H2   H  N N 218 
LEU HA   H  N N 219 
LEU HB2  H  N N 220 
LEU HB3  H  N N 221 
LEU HG   H  N N 222 
LEU HD11 H  N N 223 
LEU HD12 H  N N 224 
LEU HD13 H  N N 225 
LEU HD21 H  N N 226 
LEU HD22 H  N N 227 
LEU HD23 H  N N 228 
LEU HXT  H  N N 229 
LYS N    N  N N 230 
LYS CA   C  N S 231 
LYS C    C  N N 232 
LYS O    O  N N 233 
LYS CB   C  N N 234 
LYS CG   C  N N 235 
LYS CD   C  N N 236 
LYS CE   C  N N 237 
LYS NZ   N  N N 238 
LYS OXT  O  N N 239 
LYS H    H  N N 240 
LYS H2   H  N N 241 
LYS HA   H  N N 242 
LYS HB2  H  N N 243 
LYS HB3  H  N N 244 
LYS HG2  H  N N 245 
LYS HG3  H  N N 246 
LYS HD2  H  N N 247 
LYS HD3  H  N N 248 
LYS HE2  H  N N 249 
LYS HE3  H  N N 250 
LYS HZ1  H  N N 251 
LYS HZ2  H  N N 252 
LYS HZ3  H  N N 253 
LYS HXT  H  N N 254 
MET N    N  N N 255 
MET CA   C  N S 256 
MET C    C  N N 257 
MET O    O  N N 258 
MET CB   C  N N 259 
MET CG   C  N N 260 
MET SD   S  N N 261 
MET CE   C  N N 262 
MET OXT  O  N N 263 
MET H    H  N N 264 
MET H2   H  N N 265 
MET HA   H  N N 266 
MET HB2  H  N N 267 
MET HB3  H  N N 268 
MET HG2  H  N N 269 
MET HG3  H  N N 270 
MET HE1  H  N N 271 
MET HE2  H  N N 272 
MET HE3  H  N N 273 
MET HXT  H  N N 274 
NA  NA   NA N N 275 
PHE N    N  N N 276 
PHE CA   C  N S 277 
PHE C    C  N N 278 
PHE O    O  N N 279 
PHE CB   C  N N 280 
PHE CG   C  Y N 281 
PHE CD1  C  Y N 282 
PHE CD2  C  Y N 283 
PHE CE1  C  Y N 284 
PHE CE2  C  Y N 285 
PHE CZ   C  Y N 286 
PHE OXT  O  N N 287 
PHE H    H  N N 288 
PHE H2   H  N N 289 
PHE HA   H  N N 290 
PHE HB2  H  N N 291 
PHE HB3  H  N N 292 
PHE HD1  H  N N 293 
PHE HD2  H  N N 294 
PHE HE1  H  N N 295 
PHE HE2  H  N N 296 
PHE HZ   H  N N 297 
PHE HXT  H  N N 298 
PRO N    N  N N 299 
PRO CA   C  N S 300 
PRO C    C  N N 301 
PRO O    O  N N 302 
PRO CB   C  N N 303 
PRO CG   C  N N 304 
PRO CD   C  N N 305 
PRO OXT  O  N N 306 
PRO H    H  N N 307 
PRO HA   H  N N 308 
PRO HB2  H  N N 309 
PRO HB3  H  N N 310 
PRO HG2  H  N N 311 
PRO HG3  H  N N 312 
PRO HD2  H  N N 313 
PRO HD3  H  N N 314 
PRO HXT  H  N N 315 
SER N    N  N N 316 
SER CA   C  N S 317 
SER C    C  N N 318 
SER O    O  N N 319 
SER CB   C  N N 320 
SER OG   O  N N 321 
SER OXT  O  N N 322 
SER H    H  N N 323 
SER H2   H  N N 324 
SER HA   H  N N 325 
SER HB2  H  N N 326 
SER HB3  H  N N 327 
SER HG   H  N N 328 
SER HXT  H  N N 329 
THR N    N  N N 330 
THR CA   C  N S 331 
THR C    C  N N 332 
THR O    O  N N 333 
THR CB   C  N R 334 
THR OG1  O  N N 335 
THR CG2  C  N N 336 
THR OXT  O  N N 337 
THR H    H  N N 338 
THR H2   H  N N 339 
THR HA   H  N N 340 
THR HB   H  N N 341 
THR HG1  H  N N 342 
THR HG21 H  N N 343 
THR HG22 H  N N 344 
THR HG23 H  N N 345 
THR HXT  H  N N 346 
TRP N    N  N N 347 
TRP CA   C  N S 348 
TRP C    C  N N 349 
TRP O    O  N N 350 
TRP CB   C  N N 351 
TRP CG   C  Y N 352 
TRP CD1  C  Y N 353 
TRP CD2  C  Y N 354 
TRP NE1  N  Y N 355 
TRP CE2  C  Y N 356 
TRP CE3  C  Y N 357 
TRP CZ2  C  Y N 358 
TRP CZ3  C  Y N 359 
TRP CH2  C  Y N 360 
TRP OXT  O  N N 361 
TRP H    H  N N 362 
TRP H2   H  N N 363 
TRP HA   H  N N 364 
TRP HB2  H  N N 365 
TRP HB3  H  N N 366 
TRP HD1  H  N N 367 
TRP HE1  H  N N 368 
TRP HE3  H  N N 369 
TRP HZ2  H  N N 370 
TRP HZ3  H  N N 371 
TRP HH2  H  N N 372 
TRP HXT  H  N N 373 
TYR N    N  N N 374 
TYR CA   C  N S 375 
TYR C    C  N N 376 
TYR O    O  N N 377 
TYR CB   C  N N 378 
TYR CG   C  Y N 379 
TYR CD1  C  Y N 380 
TYR CD2  C  Y N 381 
TYR CE1  C  Y N 382 
TYR CE2  C  Y N 383 
TYR CZ   C  Y N 384 
TYR OH   O  N N 385 
TYR OXT  O  N N 386 
TYR H    H  N N 387 
TYR H2   H  N N 388 
TYR HA   H  N N 389 
TYR HB2  H  N N 390 
TYR HB3  H  N N 391 
TYR HD1  H  N N 392 
TYR HD2  H  N N 393 
TYR HE1  H  N N 394 
TYR HE2  H  N N 395 
TYR HH   H  N N 396 
TYR HXT  H  N N 397 
VAL N    N  N N 398 
VAL CA   C  N S 399 
VAL C    C  N N 400 
VAL O    O  N N 401 
VAL CB   C  N N 402 
VAL CG1  C  N N 403 
VAL CG2  C  N N 404 
VAL OXT  O  N N 405 
VAL H    H  N N 406 
VAL H2   H  N N 407 
VAL HA   H  N N 408 
VAL HB   H  N N 409 
VAL HG11 H  N N 410 
VAL HG12 H  N N 411 
VAL HG13 H  N N 412 
VAL HG21 H  N N 413 
VAL HG22 H  N N 414 
VAL HG23 H  N N 415 
VAL HXT  H  N N 416 
# 
loop_
_chem_comp_bond.comp_id 
_chem_comp_bond.atom_id_1 
_chem_comp_bond.atom_id_2 
_chem_comp_bond.value_order 
_chem_comp_bond.pdbx_aromatic_flag 
_chem_comp_bond.pdbx_stereo_config 
_chem_comp_bond.pdbx_ordinal 
56T C5  C4   doub Y N 1   
56T C5  C1   sing Y N 2   
56T C4  O3   sing Y N 3   
56T C1  C2   doub Y N 4   
56T O3  C2   sing Y N 5   
56T C2  C6   sing N N 6   
56T C6  C7   sing N N 7   
56T N8  C7   sing N N 8   
56T C1  H1   sing N N 9   
56T C4  H2   sing N N 10  
56T C5  H3   sing N N 11  
56T C6  H4   sing N N 12  
56T C6  H5   sing N N 13  
56T C7  H6   sing N N 14  
56T C7  H7   sing N N 15  
56T N8  H8   sing N N 16  
56T N8  H9   sing N N 17  
ACT C   O    doub N N 18  
ACT C   OXT  sing N N 19  
ACT C   CH3  sing N N 20  
ACT CH3 H1   sing N N 21  
ACT CH3 H2   sing N N 22  
ACT CH3 H3   sing N N 23  
ALA N   CA   sing N N 24  
ALA N   H    sing N N 25  
ALA N   H2   sing N N 26  
ALA CA  C    sing N N 27  
ALA CA  CB   sing N N 28  
ALA CA  HA   sing N N 29  
ALA C   O    doub N N 30  
ALA C   OXT  sing N N 31  
ALA CB  HB1  sing N N 32  
ALA CB  HB2  sing N N 33  
ALA CB  HB3  sing N N 34  
ALA OXT HXT  sing N N 35  
ARG N   CA   sing N N 36  
ARG N   H    sing N N 37  
ARG N   H2   sing N N 38  
ARG CA  C    sing N N 39  
ARG CA  CB   sing N N 40  
ARG CA  HA   sing N N 41  
ARG C   O    doub N N 42  
ARG C   OXT  sing N N 43  
ARG CB  CG   sing N N 44  
ARG CB  HB2  sing N N 45  
ARG CB  HB3  sing N N 46  
ARG CG  CD   sing N N 47  
ARG CG  HG2  sing N N 48  
ARG CG  HG3  sing N N 49  
ARG CD  NE   sing N N 50  
ARG CD  HD2  sing N N 51  
ARG CD  HD3  sing N N 52  
ARG NE  CZ   sing N N 53  
ARG NE  HE   sing N N 54  
ARG CZ  NH1  sing N N 55  
ARG CZ  NH2  doub N N 56  
ARG NH1 HH11 sing N N 57  
ARG NH1 HH12 sing N N 58  
ARG NH2 HH21 sing N N 59  
ARG NH2 HH22 sing N N 60  
ARG OXT HXT  sing N N 61  
ASN N   CA   sing N N 62  
ASN N   H    sing N N 63  
ASN N   H2   sing N N 64  
ASN CA  C    sing N N 65  
ASN CA  CB   sing N N 66  
ASN CA  HA   sing N N 67  
ASN C   O    doub N N 68  
ASN C   OXT  sing N N 69  
ASN CB  CG   sing N N 70  
ASN CB  HB2  sing N N 71  
ASN CB  HB3  sing N N 72  
ASN CG  OD1  doub N N 73  
ASN CG  ND2  sing N N 74  
ASN ND2 HD21 sing N N 75  
ASN ND2 HD22 sing N N 76  
ASN OXT HXT  sing N N 77  
ASP N   CA   sing N N 78  
ASP N   H    sing N N 79  
ASP N   H2   sing N N 80  
ASP CA  C    sing N N 81  
ASP CA  CB   sing N N 82  
ASP CA  HA   sing N N 83  
ASP C   O    doub N N 84  
ASP C   OXT  sing N N 85  
ASP CB  CG   sing N N 86  
ASP CB  HB2  sing N N 87  
ASP CB  HB3  sing N N 88  
ASP CG  OD1  doub N N 89  
ASP CG  OD2  sing N N 90  
ASP OD2 HD2  sing N N 91  
ASP OXT HXT  sing N N 92  
CYS N   CA   sing N N 93  
CYS N   H    sing N N 94  
CYS N   H2   sing N N 95  
CYS CA  C    sing N N 96  
CYS CA  CB   sing N N 97  
CYS CA  HA   sing N N 98  
CYS C   O    doub N N 99  
CYS C   OXT  sing N N 100 
CYS CB  SG   sing N N 101 
CYS CB  HB2  sing N N 102 
CYS CB  HB3  sing N N 103 
CYS SG  HG   sing N N 104 
CYS OXT HXT  sing N N 105 
GLN N   CA   sing N N 106 
GLN N   H    sing N N 107 
GLN N   H2   sing N N 108 
GLN CA  C    sing N N 109 
GLN CA  CB   sing N N 110 
GLN CA  HA   sing N N 111 
GLN C   O    doub N N 112 
GLN C   OXT  sing N N 113 
GLN CB  CG   sing N N 114 
GLN CB  HB2  sing N N 115 
GLN CB  HB3  sing N N 116 
GLN CG  CD   sing N N 117 
GLN CG  HG2  sing N N 118 
GLN CG  HG3  sing N N 119 
GLN CD  OE1  doub N N 120 
GLN CD  NE2  sing N N 121 
GLN NE2 HE21 sing N N 122 
GLN NE2 HE22 sing N N 123 
GLN OXT HXT  sing N N 124 
GLU N   CA   sing N N 125 
GLU N   H    sing N N 126 
GLU N   H2   sing N N 127 
GLU CA  C    sing N N 128 
GLU CA  CB   sing N N 129 
GLU CA  HA   sing N N 130 
GLU C   O    doub N N 131 
GLU C   OXT  sing N N 132 
GLU CB  CG   sing N N 133 
GLU CB  HB2  sing N N 134 
GLU CB  HB3  sing N N 135 
GLU CG  CD   sing N N 136 
GLU CG  HG2  sing N N 137 
GLU CG  HG3  sing N N 138 
GLU CD  OE1  doub N N 139 
GLU CD  OE2  sing N N 140 
GLU OE2 HE2  sing N N 141 
GLU OXT HXT  sing N N 142 
GLY N   CA   sing N N 143 
GLY N   H    sing N N 144 
GLY N   H2   sing N N 145 
GLY CA  C    sing N N 146 
GLY CA  HA2  sing N N 147 
GLY CA  HA3  sing N N 148 
GLY C   O    doub N N 149 
GLY C   OXT  sing N N 150 
GLY OXT HXT  sing N N 151 
HIS N   CA   sing N N 152 
HIS N   H    sing N N 153 
HIS N   H2   sing N N 154 
HIS CA  C    sing N N 155 
HIS CA  CB   sing N N 156 
HIS CA  HA   sing N N 157 
HIS C   O    doub N N 158 
HIS C   OXT  sing N N 159 
HIS CB  CG   sing N N 160 
HIS CB  HB2  sing N N 161 
HIS CB  HB3  sing N N 162 
HIS CG  ND1  sing Y N 163 
HIS CG  CD2  doub Y N 164 
HIS ND1 CE1  doub Y N 165 
HIS ND1 HD1  sing N N 166 
HIS CD2 NE2  sing Y N 167 
HIS CD2 HD2  sing N N 168 
HIS CE1 NE2  sing Y N 169 
HIS CE1 HE1  sing N N 170 
HIS NE2 HE2  sing N N 171 
HIS OXT HXT  sing N N 172 
HOH O   H1   sing N N 173 
HOH O   H2   sing N N 174 
ILE N   CA   sing N N 175 
ILE N   H    sing N N 176 
ILE N   H2   sing N N 177 
ILE CA  C    sing N N 178 
ILE CA  CB   sing N N 179 
ILE CA  HA   sing N N 180 
ILE C   O    doub N N 181 
ILE C   OXT  sing N N 182 
ILE CB  CG1  sing N N 183 
ILE CB  CG2  sing N N 184 
ILE CB  HB   sing N N 185 
ILE CG1 CD1  sing N N 186 
ILE CG1 HG12 sing N N 187 
ILE CG1 HG13 sing N N 188 
ILE CG2 HG21 sing N N 189 
ILE CG2 HG22 sing N N 190 
ILE CG2 HG23 sing N N 191 
ILE CD1 HD11 sing N N 192 
ILE CD1 HD12 sing N N 193 
ILE CD1 HD13 sing N N 194 
ILE OXT HXT  sing N N 195 
LEU N   CA   sing N N 196 
LEU N   H    sing N N 197 
LEU N   H2   sing N N 198 
LEU CA  C    sing N N 199 
LEU CA  CB   sing N N 200 
LEU CA  HA   sing N N 201 
LEU C   O    doub N N 202 
LEU C   OXT  sing N N 203 
LEU CB  CG   sing N N 204 
LEU CB  HB2  sing N N 205 
LEU CB  HB3  sing N N 206 
LEU CG  CD1  sing N N 207 
LEU CG  CD2  sing N N 208 
LEU CG  HG   sing N N 209 
LEU CD1 HD11 sing N N 210 
LEU CD1 HD12 sing N N 211 
LEU CD1 HD13 sing N N 212 
LEU CD2 HD21 sing N N 213 
LEU CD2 HD22 sing N N 214 
LEU CD2 HD23 sing N N 215 
LEU OXT HXT  sing N N 216 
LYS N   CA   sing N N 217 
LYS N   H    sing N N 218 
LYS N   H2   sing N N 219 
LYS CA  C    sing N N 220 
LYS CA  CB   sing N N 221 
LYS CA  HA   sing N N 222 
LYS C   O    doub N N 223 
LYS C   OXT  sing N N 224 
LYS CB  CG   sing N N 225 
LYS CB  HB2  sing N N 226 
LYS CB  HB3  sing N N 227 
LYS CG  CD   sing N N 228 
LYS CG  HG2  sing N N 229 
LYS CG  HG3  sing N N 230 
LYS CD  CE   sing N N 231 
LYS CD  HD2  sing N N 232 
LYS CD  HD3  sing N N 233 
LYS CE  NZ   sing N N 234 
LYS CE  HE2  sing N N 235 
LYS CE  HE3  sing N N 236 
LYS NZ  HZ1  sing N N 237 
LYS NZ  HZ2  sing N N 238 
LYS NZ  HZ3  sing N N 239 
LYS OXT HXT  sing N N 240 
MET N   CA   sing N N 241 
MET N   H    sing N N 242 
MET N   H2   sing N N 243 
MET CA  C    sing N N 244 
MET CA  CB   sing N N 245 
MET CA  HA   sing N N 246 
MET C   O    doub N N 247 
MET C   OXT  sing N N 248 
MET CB  CG   sing N N 249 
MET CB  HB2  sing N N 250 
MET CB  HB3  sing N N 251 
MET CG  SD   sing N N 252 
MET CG  HG2  sing N N 253 
MET CG  HG3  sing N N 254 
MET SD  CE   sing N N 255 
MET CE  HE1  sing N N 256 
MET CE  HE2  sing N N 257 
MET CE  HE3  sing N N 258 
MET OXT HXT  sing N N 259 
PHE N   CA   sing N N 260 
PHE N   H    sing N N 261 
PHE N   H2   sing N N 262 
PHE CA  C    sing N N 263 
PHE CA  CB   sing N N 264 
PHE CA  HA   sing N N 265 
PHE C   O    doub N N 266 
PHE C   OXT  sing N N 267 
PHE CB  CG   sing N N 268 
PHE CB  HB2  sing N N 269 
PHE CB  HB3  sing N N 270 
PHE CG  CD1  doub Y N 271 
PHE CG  CD2  sing Y N 272 
PHE CD1 CE1  sing Y N 273 
PHE CD1 HD1  sing N N 274 
PHE CD2 CE2  doub Y N 275 
PHE CD2 HD2  sing N N 276 
PHE CE1 CZ   doub Y N 277 
PHE CE1 HE1  sing N N 278 
PHE CE2 CZ   sing Y N 279 
PHE CE2 HE2  sing N N 280 
PHE CZ  HZ   sing N N 281 
PHE OXT HXT  sing N N 282 
PRO N   CA   sing N N 283 
PRO N   CD   sing N N 284 
PRO N   H    sing N N 285 
PRO CA  C    sing N N 286 
PRO CA  CB   sing N N 287 
PRO CA  HA   sing N N 288 
PRO C   O    doub N N 289 
PRO C   OXT  sing N N 290 
PRO CB  CG   sing N N 291 
PRO CB  HB2  sing N N 292 
PRO CB  HB3  sing N N 293 
PRO CG  CD   sing N N 294 
PRO CG  HG2  sing N N 295 
PRO CG  HG3  sing N N 296 
PRO CD  HD2  sing N N 297 
PRO CD  HD3  sing N N 298 
PRO OXT HXT  sing N N 299 
SER N   CA   sing N N 300 
SER N   H    sing N N 301 
SER N   H2   sing N N 302 
SER CA  C    sing N N 303 
SER CA  CB   sing N N 304 
SER CA  HA   sing N N 305 
SER C   O    doub N N 306 
SER C   OXT  sing N N 307 
SER CB  OG   sing N N 308 
SER CB  HB2  sing N N 309 
SER CB  HB3  sing N N 310 
SER OG  HG   sing N N 311 
SER OXT HXT  sing N N 312 
THR N   CA   sing N N 313 
THR N   H    sing N N 314 
THR N   H2   sing N N 315 
THR CA  C    sing N N 316 
THR CA  CB   sing N N 317 
THR CA  HA   sing N N 318 
THR C   O    doub N N 319 
THR C   OXT  sing N N 320 
THR CB  OG1  sing N N 321 
THR CB  CG2  sing N N 322 
THR CB  HB   sing N N 323 
THR OG1 HG1  sing N N 324 
THR CG2 HG21 sing N N 325 
THR CG2 HG22 sing N N 326 
THR CG2 HG23 sing N N 327 
THR OXT HXT  sing N N 328 
TRP N   CA   sing N N 329 
TRP N   H    sing N N 330 
TRP N   H2   sing N N 331 
TRP CA  C    sing N N 332 
TRP CA  CB   sing N N 333 
TRP CA  HA   sing N N 334 
TRP C   O    doub N N 335 
TRP C   OXT  sing N N 336 
TRP CB  CG   sing N N 337 
TRP CB  HB2  sing N N 338 
TRP CB  HB3  sing N N 339 
TRP CG  CD1  doub Y N 340 
TRP CG  CD2  sing Y N 341 
TRP CD1 NE1  sing Y N 342 
TRP CD1 HD1  sing N N 343 
TRP CD2 CE2  doub Y N 344 
TRP CD2 CE3  sing Y N 345 
TRP NE1 CE2  sing Y N 346 
TRP NE1 HE1  sing N N 347 
TRP CE2 CZ2  sing Y N 348 
TRP CE3 CZ3  doub Y N 349 
TRP CE3 HE3  sing N N 350 
TRP CZ2 CH2  doub Y N 351 
TRP CZ2 HZ2  sing N N 352 
TRP CZ3 CH2  sing Y N 353 
TRP CZ3 HZ3  sing N N 354 
TRP CH2 HH2  sing N N 355 
TRP OXT HXT  sing N N 356 
TYR N   CA   sing N N 357 
TYR N   H    sing N N 358 
TYR N   H2   sing N N 359 
TYR CA  C    sing N N 360 
TYR CA  CB   sing N N 361 
TYR CA  HA   sing N N 362 
TYR C   O    doub N N 363 
TYR C   OXT  sing N N 364 
TYR CB  CG   sing N N 365 
TYR CB  HB2  sing N N 366 
TYR CB  HB3  sing N N 367 
TYR CG  CD1  doub Y N 368 
TYR CG  CD2  sing Y N 369 
TYR CD1 CE1  sing Y N 370 
TYR CD1 HD1  sing N N 371 
TYR CD2 CE2  doub Y N 372 
TYR CD2 HD2  sing N N 373 
TYR CE1 CZ   doub Y N 374 
TYR CE1 HE1  sing N N 375 
TYR CE2 CZ   sing Y N 376 
TYR CE2 HE2  sing N N 377 
TYR CZ  OH   sing N N 378 
TYR OH  HH   sing N N 379 
TYR OXT HXT  sing N N 380 
VAL N   CA   sing N N 381 
VAL N   H    sing N N 382 
VAL N   H2   sing N N 383 
VAL CA  C    sing N N 384 
VAL CA  CB   sing N N 385 
VAL CA  HA   sing N N 386 
VAL C   O    doub N N 387 
VAL C   OXT  sing N N 388 
VAL CB  CG1  sing N N 389 
VAL CB  CG2  sing N N 390 
VAL CB  HB   sing N N 391 
VAL CG1 HG11 sing N N 392 
VAL CG1 HG12 sing N N 393 
VAL CG1 HG13 sing N N 394 
VAL CG2 HG21 sing N N 395 
VAL CG2 HG22 sing N N 396 
VAL CG2 HG23 sing N N 397 
VAL OXT HXT  sing N N 398 
# 
loop_
_pdbx_entity_nonpoly.entity_id 
_pdbx_entity_nonpoly.name 
_pdbx_entity_nonpoly.comp_id 
2 'ACETATE ION'              ACT 
3 'CADMIUM ION'              CD  
4 '2-(furan-2-yl)ethanamine' 56T 
5 'SODIUM ION'               NA  
6 water                      HOH 
# 
_pdbx_initial_refinement_model.id               1 
_pdbx_initial_refinement_model.entity_id_list   ? 
_pdbx_initial_refinement_model.type             'experimental model' 
_pdbx_initial_refinement_model.source_name      PDB 
_pdbx_initial_refinement_model.accession_code   5E5D 
_pdbx_initial_refinement_model.details          ? 
# 
